data_2P0H
# 
_entry.id   2P0H 
# 
_audit_conform.dict_name       mmcif_pdbx.dic 
_audit_conform.dict_version    5.377 
_audit_conform.dict_location   http://mmcif.pdb.org/dictionaries/ascii/mmcif_pdbx.dic 
# 
loop_
_database_2.database_id 
_database_2.database_code 
_database_2.pdbx_database_accession 
_database_2.pdbx_DOI 
PDB   2P0H         pdb_00002p0h 10.2210/pdb2p0h/pdb 
RCSB  RCSB041812   ?            ?                   
WWPDB D_1000041812 ?            ?                   
# 
loop_
_pdbx_database_related.db_name 
_pdbx_database_related.db_id 
_pdbx_database_related.details 
_pdbx_database_related.content_type 
PDB 2P0D . unspecified 
PDB 2P0F . unspecified 
# 
_pdbx_database_status.entry_id                        2P0H 
_pdbx_database_status.deposit_site                    RCSB 
_pdbx_database_status.process_site                    RCSB 
_pdbx_database_status.recvd_initial_deposition_date   2007-02-28 
_pdbx_database_status.status_code                     REL 
_pdbx_database_status.status_code_sf                  REL 
_pdbx_database_status.status_code_mr                  ? 
_pdbx_database_status.SG_entry                        ? 
_pdbx_database_status.pdb_format_compatible           Y 
_pdbx_database_status.status_code_cs                  ? 
_pdbx_database_status.status_code_nmr_data            ? 
_pdbx_database_status.methods_development_category    ? 
# 
loop_
_audit_author.name 
_audit_author.pdbx_ordinal 
'Ceccarelli, D.F.J.' 1 
'Blasutig, I.'       2 
'Goudreault, M.'     3 
'Ruston, J.'         4 
'Pawson, T.'         5 
'Sicheri, F.'        6 
# 
_citation.id                        primary 
_citation.title                     
'Non-canonical Interaction of Phosphoinositides with Pleckstrin Homology Domains of Tiam1 and ArhGAP9.' 
_citation.journal_abbrev            J.Biol.Chem. 
_citation.journal_volume            282 
_citation.page_first                13864 
_citation.page_last                 13874 
_citation.year                      2007 
_citation.journal_id_ASTM           JBCHA3 
_citation.country                   US 
_citation.journal_id_ISSN           0021-9258 
_citation.journal_id_CSD            0071 
_citation.book_publisher            ? 
_citation.pdbx_database_id_PubMed   17339315 
_citation.pdbx_database_id_DOI      10.1074/jbc.M700505200 
# 
loop_
_citation_author.citation_id 
_citation_author.name 
_citation_author.ordinal 
_citation_author.identifier_ORCID 
primary 'Ceccarelli, D.F.' 1 ? 
primary 'Blasutig, I.M.'   2 ? 
primary 'Goudreault, M.'   3 ? 
primary 'Li, Z.'           4 ? 
primary 'Ruston, J.'       5 ? 
primary 'Pawson, T.'       6 ? 
primary 'Sicheri, F.'      7 ? 
# 
_cell.entry_id           2P0H 
_cell.length_a           28.920 
_cell.length_b           36.550 
_cell.length_c           112.020 
_cell.angle_alpha        90.00 
_cell.angle_beta         90.00 
_cell.angle_gamma        90.00 
_cell.Z_PDB              4 
_cell.pdbx_unique_axis   ? 
_cell.length_a_esd       ? 
_cell.length_b_esd       ? 
_cell.length_c_esd       ? 
_cell.angle_alpha_esd    ? 
_cell.angle_beta_esd     ? 
_cell.angle_gamma_esd    ? 
# 
_symmetry.entry_id                         2P0H 
_symmetry.space_group_name_H-M             'P 21 21 21' 
_symmetry.pdbx_full_space_group_name_H-M   ? 
_symmetry.cell_setting                     ? 
_symmetry.Int_Tables_number                19 
_symmetry.space_group_name_Hall            ? 
# 
loop_
_entity.id 
_entity.type 
_entity.src_method 
_entity.pdbx_description 
_entity.formula_weight 
_entity.pdbx_number_of_molecules 
_entity.pdbx_ec 
_entity.pdbx_mutation 
_entity.pdbx_fragment 
_entity.details 
1 polymer     man 'Rho GTPase-activating protein 9'          14425.402 1  ? ? 'pleckstrin homology domain' ? 
2 non-polymer syn '(1S,3S,4S)-1,3,4-TRIPHOSPHO-MYO-INOSITOL' 420.096   1  ? ? ?                            ? 
3 water       nat water                                      18.015    72 ? ? ?                            ? 
# 
_entity_poly.entity_id                      1 
_entity_poly.type                           'polypeptide(L)' 
_entity_poly.nstd_linkage                   no 
_entity_poly.nstd_monomer                   no 
_entity_poly.pdbx_seq_one_letter_code       
;GSRRASVGSHEVEKSGLLNMTKIAQGGRKLRKNWGPSWVVLTGNSLVFYREPPPTAPSSGWGPAGSRPESSVDLRGAALA
HGRHLSSRRNVLHIRTIPGHEFLLQSDHETELRAWHRALRTVIERLVRW
;
_entity_poly.pdbx_seq_one_letter_code_can   
;GSRRASVGSHEVEKSGLLNMTKIAQGGRKLRKNWGPSWVVLTGNSLVFYREPPPTAPSSGWGPAGSRPESSVDLRGAALA
HGRHLSSRRNVLHIRTIPGHEFLLQSDHETELRAWHRALRTVIERLVRW
;
_entity_poly.pdbx_strand_id                 A 
_entity_poly.pdbx_target_identifier         ? 
# 
loop_
_entity_poly_seq.entity_id 
_entity_poly_seq.num 
_entity_poly_seq.mon_id 
_entity_poly_seq.hetero 
1 1   GLY n 
1 2   SER n 
1 3   ARG n 
1 4   ARG n 
1 5   ALA n 
1 6   SER n 
1 7   VAL n 
1 8   GLY n 
1 9   SER n 
1 10  HIS n 
1 11  GLU n 
1 12  VAL n 
1 13  GLU n 
1 14  LYS n 
1 15  SER n 
1 16  GLY n 
1 17  LEU n 
1 18  LEU n 
1 19  ASN n 
1 20  MET n 
1 21  THR n 
1 22  LYS n 
1 23  ILE n 
1 24  ALA n 
1 25  GLN n 
1 26  GLY n 
1 27  GLY n 
1 28  ARG n 
1 29  LYS n 
1 30  LEU n 
1 31  ARG n 
1 32  LYS n 
1 33  ASN n 
1 34  TRP n 
1 35  GLY n 
1 36  PRO n 
1 37  SER n 
1 38  TRP n 
1 39  VAL n 
1 40  VAL n 
1 41  LEU n 
1 42  THR n 
1 43  GLY n 
1 44  ASN n 
1 45  SER n 
1 46  LEU n 
1 47  VAL n 
1 48  PHE n 
1 49  TYR n 
1 50  ARG n 
1 51  GLU n 
1 52  PRO n 
1 53  PRO n 
1 54  PRO n 
1 55  THR n 
1 56  ALA n 
1 57  PRO n 
1 58  SER n 
1 59  SER n 
1 60  GLY n 
1 61  TRP n 
1 62  GLY n 
1 63  PRO n 
1 64  ALA n 
1 65  GLY n 
1 66  SER n 
1 67  ARG n 
1 68  PRO n 
1 69  GLU n 
1 70  SER n 
1 71  SER n 
1 72  VAL n 
1 73  ASP n 
1 74  LEU n 
1 75  ARG n 
1 76  GLY n 
1 77  ALA n 
1 78  ALA n 
1 79  LEU n 
1 80  ALA n 
1 81  HIS n 
1 82  GLY n 
1 83  ARG n 
1 84  HIS n 
1 85  LEU n 
1 86  SER n 
1 87  SER n 
1 88  ARG n 
1 89  ARG n 
1 90  ASN n 
1 91  VAL n 
1 92  LEU n 
1 93  HIS n 
1 94  ILE n 
1 95  ARG n 
1 96  THR n 
1 97  ILE n 
1 98  PRO n 
1 99  GLY n 
1 100 HIS n 
1 101 GLU n 
1 102 PHE n 
1 103 LEU n 
1 104 LEU n 
1 105 GLN n 
1 106 SER n 
1 107 ASP n 
1 108 HIS n 
1 109 GLU n 
1 110 THR n 
1 111 GLU n 
1 112 LEU n 
1 113 ARG n 
1 114 ALA n 
1 115 TRP n 
1 116 HIS n 
1 117 ARG n 
1 118 ALA n 
1 119 LEU n 
1 120 ARG n 
1 121 THR n 
1 122 VAL n 
1 123 ILE n 
1 124 GLU n 
1 125 ARG n 
1 126 LEU n 
1 127 VAL n 
1 128 ARG n 
1 129 TRP n 
# 
_entity_src_gen.entity_id                          1 
_entity_src_gen.pdbx_src_id                        1 
_entity_src_gen.pdbx_alt_source_flag               sample 
_entity_src_gen.pdbx_seq_type                      ? 
_entity_src_gen.pdbx_beg_seq_num                   ? 
_entity_src_gen.pdbx_end_seq_num                   ? 
_entity_src_gen.gene_src_common_name               human 
_entity_src_gen.gene_src_genus                     Homo 
_entity_src_gen.pdbx_gene_src_gene                 ARHGAP9 
_entity_src_gen.gene_src_species                   ? 
_entity_src_gen.gene_src_strain                    ? 
_entity_src_gen.gene_src_tissue                    ? 
_entity_src_gen.gene_src_tissue_fraction           ? 
_entity_src_gen.gene_src_details                   ? 
_entity_src_gen.pdbx_gene_src_fragment             ? 
_entity_src_gen.pdbx_gene_src_scientific_name      'Homo sapiens' 
_entity_src_gen.pdbx_gene_src_ncbi_taxonomy_id     9606 
_entity_src_gen.pdbx_gene_src_variant              ? 
_entity_src_gen.pdbx_gene_src_cell_line            ? 
_entity_src_gen.pdbx_gene_src_atcc                 ? 
_entity_src_gen.pdbx_gene_src_organ                ? 
_entity_src_gen.pdbx_gene_src_organelle            ? 
_entity_src_gen.pdbx_gene_src_cell                 ? 
_entity_src_gen.pdbx_gene_src_cellular_location    ? 
_entity_src_gen.host_org_common_name               ? 
_entity_src_gen.pdbx_host_org_scientific_name      'Escherichia coli' 
_entity_src_gen.pdbx_host_org_ncbi_taxonomy_id     562 
_entity_src_gen.host_org_genus                     Escherichia 
_entity_src_gen.pdbx_host_org_gene                 ? 
_entity_src_gen.pdbx_host_org_organ                ? 
_entity_src_gen.host_org_species                   ? 
_entity_src_gen.pdbx_host_org_tissue               ? 
_entity_src_gen.pdbx_host_org_tissue_fraction      ? 
_entity_src_gen.pdbx_host_org_strain               'BL21 codon plus' 
_entity_src_gen.pdbx_host_org_variant              ? 
_entity_src_gen.pdbx_host_org_cell_line            ? 
_entity_src_gen.pdbx_host_org_atcc                 ? 
_entity_src_gen.pdbx_host_org_culture_collection   ? 
_entity_src_gen.pdbx_host_org_cell                 ? 
_entity_src_gen.pdbx_host_org_organelle            ? 
_entity_src_gen.pdbx_host_org_cellular_location    ? 
_entity_src_gen.pdbx_host_org_vector_type          plasmid 
_entity_src_gen.pdbx_host_org_vector               ? 
_entity_src_gen.host_org_details                   ? 
_entity_src_gen.expression_system_id               ? 
_entity_src_gen.plasmid_name                       pGEX-2T 
_entity_src_gen.plasmid_details                    ? 
_entity_src_gen.pdbx_description                   ? 
# 
_struct_ref.id                         1 
_struct_ref.db_name                    UNP 
_struct_ref.db_code                    RHG09_HUMAN 
_struct_ref.pdbx_db_accession          Q9BRR9 
_struct_ref.entity_id                  1 
_struct_ref.pdbx_seq_one_letter_code   
;HEVEKSGLLNMTKIAQGGRKLRKNWGPSWVVLTGNSLVFYREPPPTAPSSGWGPAGSRPESSVDLRGAALAHGRHLSSRR
NVLHIRTIPGHEFLLQSDHETELRAWHRALRTVIERL
;
_struct_ref.pdbx_align_begin           321 
_struct_ref.pdbx_db_isoform            ? 
# 
_struct_ref_seq.align_id                      1 
_struct_ref_seq.ref_id                        1 
_struct_ref_seq.pdbx_PDB_id_code              2P0H 
_struct_ref_seq.pdbx_strand_id                A 
_struct_ref_seq.seq_align_beg                 10 
_struct_ref_seq.pdbx_seq_align_beg_ins_code   ? 
_struct_ref_seq.seq_align_end                 129 
_struct_ref_seq.pdbx_seq_align_end_ins_code   ? 
_struct_ref_seq.pdbx_db_accession             Q9BRR9 
_struct_ref_seq.db_align_beg                  321 
_struct_ref_seq.pdbx_db_align_beg_ins_code    ? 
_struct_ref_seq.db_align_end                  440 
_struct_ref_seq.pdbx_db_align_end_ins_code    ? 
_struct_ref_seq.pdbx_auth_seq_align_beg       321 
_struct_ref_seq.pdbx_auth_seq_align_end       440 
# 
loop_
_struct_ref_seq_dif.align_id 
_struct_ref_seq_dif.pdbx_pdb_id_code 
_struct_ref_seq_dif.mon_id 
_struct_ref_seq_dif.pdbx_pdb_strand_id 
_struct_ref_seq_dif.seq_num 
_struct_ref_seq_dif.pdbx_pdb_ins_code 
_struct_ref_seq_dif.pdbx_seq_db_name 
_struct_ref_seq_dif.pdbx_seq_db_accession_code 
_struct_ref_seq_dif.db_mon_id 
_struct_ref_seq_dif.pdbx_seq_db_seq_num 
_struct_ref_seq_dif.details 
_struct_ref_seq_dif.pdbx_auth_seq_num 
_struct_ref_seq_dif.pdbx_ordinal 
1 2P0H GLY A 1 ? UNP Q9BRR9 ? ? 'cloning artifact' 312 1 
1 2P0H SER A 2 ? UNP Q9BRR9 ? ? 'cloning artifact' 313 2 
1 2P0H ARG A 3 ? UNP Q9BRR9 ? ? 'cloning artifact' 314 3 
1 2P0H ARG A 4 ? UNP Q9BRR9 ? ? 'cloning artifact' 315 4 
1 2P0H ALA A 5 ? UNP Q9BRR9 ? ? 'cloning artifact' 316 5 
1 2P0H SER A 6 ? UNP Q9BRR9 ? ? 'cloning artifact' 317 6 
1 2P0H VAL A 7 ? UNP Q9BRR9 ? ? 'cloning artifact' 318 7 
1 2P0H GLY A 8 ? UNP Q9BRR9 ? ? 'cloning artifact' 319 8 
1 2P0H SER A 9 ? UNP Q9BRR9 ? ? 'cloning artifact' 320 9 
# 
loop_
_chem_comp.id 
_chem_comp.type 
_chem_comp.mon_nstd_flag 
_chem_comp.name 
_chem_comp.pdbx_synonyms 
_chem_comp.formula 
_chem_comp.formula_weight 
ALA 'L-peptide linking' y ALANINE                                    ? 'C3 H7 N O2'     89.093  
ARG 'L-peptide linking' y ARGININE                                   ? 'C6 H15 N4 O2 1' 175.209 
ASN 'L-peptide linking' y ASPARAGINE                                 ? 'C4 H8 N2 O3'    132.118 
ASP 'L-peptide linking' y 'ASPARTIC ACID'                            ? 'C4 H7 N O4'     133.103 
GLN 'L-peptide linking' y GLUTAMINE                                  ? 'C5 H10 N2 O3'   146.144 
GLU 'L-peptide linking' y 'GLUTAMIC ACID'                            ? 'C5 H9 N O4'     147.129 
GLY 'peptide linking'   y GLYCINE                                    ? 'C2 H5 N O2'     75.067  
HIS 'L-peptide linking' y HISTIDINE                                  ? 'C6 H10 N3 O2 1' 156.162 
HOH non-polymer         . WATER                                      ? 'H2 O'           18.015  
I3S non-polymer         . '(1S,3S,4S)-1,3,4-TRIPHOSPHO-MYO-INOSITOL' ? 'C6 H15 O15 P3'  420.096 
ILE 'L-peptide linking' y ISOLEUCINE                                 ? 'C6 H13 N O2'    131.173 
LEU 'L-peptide linking' y LEUCINE                                    ? 'C6 H13 N O2'    131.173 
LYS 'L-peptide linking' y LYSINE                                     ? 'C6 H15 N2 O2 1' 147.195 
MET 'L-peptide linking' y METHIONINE                                 ? 'C5 H11 N O2 S'  149.211 
PHE 'L-peptide linking' y PHENYLALANINE                              ? 'C9 H11 N O2'    165.189 
PRO 'L-peptide linking' y PROLINE                                    ? 'C5 H9 N O2'     115.130 
SER 'L-peptide linking' y SERINE                                     ? 'C3 H7 N O3'     105.093 
THR 'L-peptide linking' y THREONINE                                  ? 'C4 H9 N O3'     119.119 
TRP 'L-peptide linking' y TRYPTOPHAN                                 ? 'C11 H12 N2 O2'  204.225 
TYR 'L-peptide linking' y TYROSINE                                   ? 'C9 H11 N O3'    181.189 
VAL 'L-peptide linking' y VALINE                                     ? 'C5 H11 N O2'    117.146 
# 
_exptl.entry_id          2P0H 
_exptl.method            'X-RAY DIFFRACTION' 
_exptl.crystals_number   1 
# 
_exptl_crystal.id                    1 
_exptl_crystal.density_meas          ? 
_exptl_crystal.density_Matthews      2.11 
_exptl_crystal.density_percent_sol   41.68 
_exptl_crystal.description           ? 
_exptl_crystal.F_000                 ? 
_exptl_crystal.preparation           ? 
# 
_exptl_crystal_grow.crystal_id      1 
_exptl_crystal_grow.method          'VAPOR DIFFUSION, HANGING DROP' 
_exptl_crystal_grow.temp            298 
_exptl_crystal_grow.temp_details    ? 
_exptl_crystal_grow.pH              7.0 
_exptl_crystal_grow.pdbx_details    
'20% PEG4000, 100 mM HEPES, 5% glycerol, 5mM DTT, pH 7.0, VAPOR DIFFUSION, HANGING DROP, temperature 298K' 
_exptl_crystal_grow.pdbx_pH_range   . 
# 
_diffrn.id                     1 
_diffrn.ambient_temp           100 
_diffrn.ambient_temp_details   ? 
_diffrn.crystal_id             1 
# 
_diffrn_detector.diffrn_id              1 
_diffrn_detector.detector               'IMAGE PLATE' 
_diffrn_detector.type                   'MAR scanner 345 mm plate' 
_diffrn_detector.pdbx_collection_date   2004-11-21 
_diffrn_detector.details                'bent-flat Si-mirror (Rh coated)' 
# 
_diffrn_radiation.diffrn_id                        1 
_diffrn_radiation.wavelength_id                    1 
_diffrn_radiation.pdbx_monochromatic_or_laue_m_l   M 
_diffrn_radiation.monochromator                    'Si (111) double-crystal' 
_diffrn_radiation.pdbx_diffrn_protocol             'SINGLE WAVELENGTH' 
_diffrn_radiation.pdbx_scattering_type             x-ray 
# 
_diffrn_radiation_wavelength.id           1 
_diffrn_radiation_wavelength.wavelength   1.12714 
_diffrn_radiation_wavelength.wt           1.0 
# 
_diffrn_source.diffrn_id                   1 
_diffrn_source.source                      SYNCHROTRON 
_diffrn_source.type                        'APS BEAMLINE 14-ID-B' 
_diffrn_source.pdbx_synchrotron_site       APS 
_diffrn_source.pdbx_synchrotron_beamline   14-ID-B 
_diffrn_source.pdbx_wavelength             ? 
_diffrn_source.pdbx_wavelength_list        1.12714 
# 
_reflns.entry_id                     2P0H 
_reflns.observed_criterion_sigma_I   ? 
_reflns.observed_criterion_sigma_F   ? 
_reflns.d_resolution_low             55.989 
_reflns.d_resolution_high            1.90 
_reflns.number_obs                   9921 
_reflns.number_all                   9930 
_reflns.percent_possible_obs         99.9 
_reflns.pdbx_Rmerge_I_obs            0.044 
_reflns.pdbx_Rsym_value              ? 
_reflns.pdbx_netI_over_sigmaI        12.6 
_reflns.B_iso_Wilson_estimate        ? 
_reflns.pdbx_redundancy              13.3 
_reflns.R_free_details               ? 
_reflns.limit_h_max                  ? 
_reflns.limit_h_min                  ? 
_reflns.limit_k_max                  ? 
_reflns.limit_k_min                  ? 
_reflns.limit_l_max                  ? 
_reflns.limit_l_min                  ? 
_reflns.observed_criterion_F_max     ? 
_reflns.observed_criterion_F_min     ? 
_reflns.pdbx_chi_squared             ? 
_reflns.pdbx_scaling_rejects         ? 
_reflns.pdbx_diffrn_id               1 
_reflns.pdbx_ordinal                 1 
# 
_reflns_shell.d_res_high             1.90 
_reflns_shell.d_res_low              2.00 
_reflns_shell.percent_possible_all   99.3 
_reflns_shell.Rmerge_I_obs           0.225 
_reflns_shell.pdbx_Rsym_value        ? 
_reflns_shell.meanI_over_sigI_obs    3.33 
_reflns_shell.pdbx_redundancy        ? 
_reflns_shell.percent_possible_obs   ? 
_reflns_shell.number_unique_all      ? 
_reflns_shell.number_measured_all    ? 
_reflns_shell.number_measured_obs    ? 
_reflns_shell.number_unique_obs      ? 
_reflns_shell.pdbx_chi_squared       ? 
_reflns_shell.pdbx_diffrn_id         ? 
_reflns_shell.pdbx_ordinal           1 
# 
_refine.entry_id                                 2P0H 
_refine.ls_number_reflns_obs                     9443 
_refine.ls_number_reflns_all                     ? 
_refine.pdbx_ls_sigma_I                          ? 
_refine.pdbx_ls_sigma_F                          ? 
_refine.pdbx_data_cutoff_high_absF               ? 
_refine.pdbx_data_cutoff_low_absF                ? 
_refine.pdbx_data_cutoff_high_rms_absF           ? 
_refine.ls_d_res_low                             28.01 
_refine.ls_d_res_high                            1.90 
_refine.ls_percent_reflns_obs                    99.94 
_refine.ls_R_factor_obs                          0.19677 
_refine.ls_R_factor_all                          ? 
_refine.ls_R_factor_R_work                       0.19435 
_refine.ls_R_factor_R_free                       0.24580 
_refine.ls_R_factor_R_free_error                 ? 
_refine.ls_R_factor_R_free_error_details         ? 
_refine.ls_percent_reflns_R_free                 4.8 
_refine.ls_number_reflns_R_free                  476 
_refine.ls_number_parameters                     ? 
_refine.ls_number_restraints                     ? 
_refine.occupancy_min                            ? 
_refine.occupancy_max                            ? 
_refine.correlation_coeff_Fo_to_Fc               0.940 
_refine.correlation_coeff_Fo_to_Fc_free          0.903 
_refine.B_iso_mean                               19.860 
_refine.aniso_B[1][1]                            0.10 
_refine.aniso_B[2][2]                            -0.01 
_refine.aniso_B[3][3]                            -0.09 
_refine.aniso_B[1][2]                            0.00 
_refine.aniso_B[1][3]                            0.00 
_refine.aniso_B[2][3]                            0.00 
_refine.solvent_model_details                    'BABINET MODEL WITH MASK' 
_refine.solvent_model_param_ksol                 ? 
_refine.solvent_model_param_bsol                 ? 
_refine.pdbx_solvent_vdw_probe_radii             1.20 
_refine.pdbx_solvent_ion_probe_radii             0.80 
_refine.pdbx_solvent_shrinkage_radii             0.80 
_refine.pdbx_ls_cross_valid_method               THROUGHOUT 
_refine.details                                  'HYDROGENS HAVE BEEN ADDED IN THE RIDING POSITIONS' 
_refine.pdbx_starting_model                      'pdb entry 2P0F' 
_refine.pdbx_method_to_determine_struct          'MOLECULAR REPLACEMENT' 
_refine.pdbx_isotropic_thermal_model             ? 
_refine.pdbx_stereochemistry_target_values       'MAXIMUM LIKELIHOOD' 
_refine.pdbx_stereochem_target_val_spec_case     ? 
_refine.pdbx_R_Free_selection_details            RANDOM 
_refine.pdbx_overall_ESU_R                       0.163 
_refine.pdbx_overall_ESU_R_Free                  0.156 
_refine.overall_SU_ML                            0.112 
_refine.overall_SU_B                             3.732 
_refine.ls_redundancy_reflns_obs                 ? 
_refine.B_iso_min                                ? 
_refine.B_iso_max                                ? 
_refine.overall_SU_R_Cruickshank_DPI             ? 
_refine.overall_SU_R_free                        ? 
_refine.ls_wR_factor_R_free                      ? 
_refine.ls_wR_factor_R_work                      ? 
_refine.overall_FOM_free_R_set                   ? 
_refine.overall_FOM_work_R_set                   ? 
_refine.pdbx_refine_id                           'X-RAY DIFFRACTION' 
_refine.pdbx_diffrn_id                           1 
_refine.pdbx_TLS_residual_ADP_flag               ? 
_refine.pdbx_overall_phase_error                 ? 
_refine.pdbx_overall_SU_R_free_Cruickshank_DPI   ? 
_refine.pdbx_overall_SU_R_Blow_DPI               ? 
_refine.pdbx_overall_SU_R_free_Blow_DPI          ? 
# 
_refine_hist.pdbx_refine_id                   'X-RAY DIFFRACTION' 
_refine_hist.cycle_id                         LAST 
_refine_hist.pdbx_number_atoms_protein        917 
_refine_hist.pdbx_number_atoms_nucleic_acid   0 
_refine_hist.pdbx_number_atoms_ligand         24 
_refine_hist.number_atoms_solvent             72 
_refine_hist.number_atoms_total               1013 
_refine_hist.d_res_high                       1.90 
_refine_hist.d_res_low                        28.01 
# 
loop_
_refine_ls_restr.type 
_refine_ls_restr.dev_ideal 
_refine_ls_restr.dev_ideal_target 
_refine_ls_restr.weight 
_refine_ls_restr.number 
_refine_ls_restr.pdbx_refine_id 
_refine_ls_restr.pdbx_restraint_function 
r_bond_refined_d             0.021  0.021  ? 966  'X-RAY DIFFRACTION' ? 
r_bond_other_d               ?      ?      ? ?    'X-RAY DIFFRACTION' ? 
r_angle_refined_deg          2.161  1.972  ? 1320 'X-RAY DIFFRACTION' ? 
r_angle_other_deg            ?      ?      ? ?    'X-RAY DIFFRACTION' ? 
r_dihedral_angle_1_deg       6.664  5.000  ? 117  'X-RAY DIFFRACTION' ? 
r_dihedral_angle_2_deg       30.388 21.220 ? 41   'X-RAY DIFFRACTION' ? 
r_dihedral_angle_3_deg       15.707 15.000 ? 149  'X-RAY DIFFRACTION' ? 
r_dihedral_angle_4_deg       21.364 15.000 ? 11   'X-RAY DIFFRACTION' ? 
r_chiral_restr               0.167  0.200  ? 145  'X-RAY DIFFRACTION' ? 
r_gen_planes_refined         0.010  0.020  ? 723  'X-RAY DIFFRACTION' ? 
r_gen_planes_other           ?      ?      ? ?    'X-RAY DIFFRACTION' ? 
r_nbd_refined                0.230  0.200  ? 460  'X-RAY DIFFRACTION' ? 
r_nbd_other                  ?      ?      ? ?    'X-RAY DIFFRACTION' ? 
r_nbtor_refined              0.316  0.200  ? 662  'X-RAY DIFFRACTION' ? 
r_nbtor_other                ?      ?      ? ?    'X-RAY DIFFRACTION' ? 
r_xyhbond_nbd_refined        0.169  0.200  ? 61   'X-RAY DIFFRACTION' ? 
r_xyhbond_nbd_other          ?      ?      ? ?    'X-RAY DIFFRACTION' ? 
r_metal_ion_refined          ?      ?      ? ?    'X-RAY DIFFRACTION' ? 
r_metal_ion_other            ?      ?      ? ?    'X-RAY DIFFRACTION' ? 
r_symmetry_vdw_refined       0.217  0.200  ? 59   'X-RAY DIFFRACTION' ? 
r_symmetry_vdw_other         ?      ?      ? ?    'X-RAY DIFFRACTION' ? 
r_symmetry_hbond_refined     0.180  0.200  ? 13   'X-RAY DIFFRACTION' ? 
r_symmetry_hbond_other       ?      ?      ? ?    'X-RAY DIFFRACTION' ? 
r_symmetry_metal_ion_refined ?      ?      ? ?    'X-RAY DIFFRACTION' ? 
r_symmetry_metal_ion_other   ?      ?      ? ?    'X-RAY DIFFRACTION' ? 
r_mcbond_it                  1.351  1.500  ? 593  'X-RAY DIFFRACTION' ? 
r_mcbond_other               ?      ?      ? ?    'X-RAY DIFFRACTION' ? 
r_mcangle_it                 2.114  2.000  ? 939  'X-RAY DIFFRACTION' ? 
r_scbond_it                  3.347  3.000  ? 415  'X-RAY DIFFRACTION' ? 
r_scangle_it                 5.070  4.500  ? 381  'X-RAY DIFFRACTION' ? 
r_rigid_bond_restr           ?      ?      ? ?    'X-RAY DIFFRACTION' ? 
r_sphericity_free            ?      ?      ? ?    'X-RAY DIFFRACTION' ? 
r_sphericity_bonded          ?      ?      ? ?    'X-RAY DIFFRACTION' ? 
# 
_refine_ls_shell.pdbx_total_number_of_bins_used   20 
_refine_ls_shell.d_res_high                       1.900 
_refine_ls_shell.d_res_low                        1.949 
_refine_ls_shell.number_reflns_R_work             686 
_refine_ls_shell.R_factor_R_work                  0.248 
_refine_ls_shell.percent_reflns_obs               99.16 
_refine_ls_shell.R_factor_R_free                  0.334 
_refine_ls_shell.R_factor_R_free_error            ? 
_refine_ls_shell.percent_reflns_R_free            ? 
_refine_ls_shell.number_reflns_R_free             25 
_refine_ls_shell.number_reflns_all                ? 
_refine_ls_shell.R_factor_all                     ? 
_refine_ls_shell.redundancy_reflns_obs            ? 
_refine_ls_shell.number_reflns_obs                ? 
_refine_ls_shell.pdbx_refine_id                   'X-RAY DIFFRACTION' 
# 
_struct.entry_id                  2P0H 
_struct.title                     'ArhGAP9 PH domain in complex with Ins(1,3,4)P3' 
_struct.pdbx_model_details        ? 
_struct.pdbx_CASP_flag            ? 
_struct.pdbx_model_type_details   ? 
# 
_struct_keywords.entry_id        2P0H 
_struct_keywords.pdbx_keywords   'LIGAND BINDING PROTEIN' 
_struct_keywords.text            'protein-phosphoinositide complex, pleckstrin homology domain, LIGAND BINDING PROTEIN' 
# 
loop_
_struct_asym.id 
_struct_asym.pdbx_blank_PDB_chainid_flag 
_struct_asym.pdbx_modified 
_struct_asym.entity_id 
_struct_asym.details 
A N N 1 ? 
B N N 2 ? 
C N N 3 ? 
# 
_struct_biol.id                    1 
_struct_biol.details               ? 
_struct_biol.pdbx_parent_biol_id   ? 
# 
loop_
_struct_conf.conf_type_id 
_struct_conf.id 
_struct_conf.pdbx_PDB_helix_id 
_struct_conf.beg_label_comp_id 
_struct_conf.beg_label_asym_id 
_struct_conf.beg_label_seq_id 
_struct_conf.pdbx_beg_PDB_ins_code 
_struct_conf.end_label_comp_id 
_struct_conf.end_label_asym_id 
_struct_conf.end_label_seq_id 
_struct_conf.pdbx_end_PDB_ins_code 
_struct_conf.beg_auth_comp_id 
_struct_conf.beg_auth_asym_id 
_struct_conf.beg_auth_seq_id 
_struct_conf.end_auth_comp_id 
_struct_conf.end_auth_asym_id 
_struct_conf.end_auth_seq_id 
_struct_conf.pdbx_PDB_helix_class 
_struct_conf.details 
_struct_conf.pdbx_PDB_helix_length 
HELX_P HELX_P1 1 ALA A 56  ? GLY A 60  ? ALA A 367 GLY A 371 5 ? 5  
HELX_P HELX_P2 2 HIS A 108 ? ARG A 125 ? HIS A 419 ARG A 436 1 ? 18 
# 
_struct_conf_type.id          HELX_P 
_struct_conf_type.criteria    ? 
_struct_conf_type.reference   ? 
# 
loop_
_struct_sheet.id 
_struct_sheet.type 
_struct_sheet.number_strands 
_struct_sheet.details 
A ? 5 ? 
B ? 5 ? 
# 
loop_
_struct_sheet_order.sheet_id 
_struct_sheet_order.range_id_1 
_struct_sheet_order.range_id_2 
_struct_sheet_order.offset 
_struct_sheet_order.sense 
A 1 2 ? anti-parallel 
A 2 3 ? anti-parallel 
A 3 4 ? anti-parallel 
A 4 5 ? anti-parallel 
B 1 2 ? anti-parallel 
B 2 3 ? anti-parallel 
B 3 4 ? anti-parallel 
B 4 5 ? anti-parallel 
# 
loop_
_struct_sheet_range.sheet_id 
_struct_sheet_range.id 
_struct_sheet_range.beg_label_comp_id 
_struct_sheet_range.beg_label_asym_id 
_struct_sheet_range.beg_label_seq_id 
_struct_sheet_range.pdbx_beg_PDB_ins_code 
_struct_sheet_range.end_label_comp_id 
_struct_sheet_range.end_label_asym_id 
_struct_sheet_range.end_label_seq_id 
_struct_sheet_range.pdbx_end_PDB_ins_code 
_struct_sheet_range.beg_auth_comp_id 
_struct_sheet_range.beg_auth_asym_id 
_struct_sheet_range.beg_auth_seq_id 
_struct_sheet_range.end_auth_comp_id 
_struct_sheet_range.end_auth_asym_id 
_struct_sheet_range.end_auth_seq_id 
A 1 ARG A 28  ? LYS A 29  ? ARG A 339 LYS A 340 
A 2 VAL A 12  ? GLN A 25  ? VAL A 323 GLN A 336 
A 3 GLY A 35  ? THR A 42  ? GLY A 346 THR A 353 
A 4 SER A 45  ? TYR A 49  ? SER A 356 TYR A 360 
A 5 SER A 70  ? ASP A 73  ? SER A 381 ASP A 384 
B 1 ARG A 28  ? LYS A 29  ? ARG A 339 LYS A 340 
B 2 VAL A 12  ? GLN A 25  ? VAL A 323 GLN A 336 
B 3 GLU A 101 ? GLN A 105 ? GLU A 412 GLN A 416 
B 4 VAL A 91  ? ARG A 95  ? VAL A 402 ARG A 406 
B 5 ALA A 78  ? HIS A 81  ? ALA A 389 HIS A 392 
# 
loop_
_pdbx_struct_sheet_hbond.sheet_id 
_pdbx_struct_sheet_hbond.range_id_1 
_pdbx_struct_sheet_hbond.range_id_2 
_pdbx_struct_sheet_hbond.range_1_label_atom_id 
_pdbx_struct_sheet_hbond.range_1_label_comp_id 
_pdbx_struct_sheet_hbond.range_1_label_asym_id 
_pdbx_struct_sheet_hbond.range_1_label_seq_id 
_pdbx_struct_sheet_hbond.range_1_PDB_ins_code 
_pdbx_struct_sheet_hbond.range_1_auth_atom_id 
_pdbx_struct_sheet_hbond.range_1_auth_comp_id 
_pdbx_struct_sheet_hbond.range_1_auth_asym_id 
_pdbx_struct_sheet_hbond.range_1_auth_seq_id 
_pdbx_struct_sheet_hbond.range_2_label_atom_id 
_pdbx_struct_sheet_hbond.range_2_label_comp_id 
_pdbx_struct_sheet_hbond.range_2_label_asym_id 
_pdbx_struct_sheet_hbond.range_2_label_seq_id 
_pdbx_struct_sheet_hbond.range_2_PDB_ins_code 
_pdbx_struct_sheet_hbond.range_2_auth_atom_id 
_pdbx_struct_sheet_hbond.range_2_auth_comp_id 
_pdbx_struct_sheet_hbond.range_2_auth_asym_id 
_pdbx_struct_sheet_hbond.range_2_auth_seq_id 
A 1 2 O ARG A 28  ? O ARG A 339 N GLN A 25  ? N GLN A 336 
A 2 3 N GLY A 16  ? N GLY A 327 O VAL A 39  ? O VAL A 350 
A 3 4 N THR A 42  ? N THR A 353 O SER A 45  ? O SER A 356 
A 4 5 N PHE A 48  ? N PHE A 359 O SER A 70  ? O SER A 381 
B 1 2 O ARG A 28  ? O ARG A 339 N GLN A 25  ? N GLN A 336 
B 2 3 N THR A 21  ? N THR A 332 O LEU A 103 ? O LEU A 414 
B 3 4 O PHE A 102 ? O PHE A 413 N ILE A 94  ? N ILE A 405 
B 4 5 O HIS A 93  ? O HIS A 404 N ALA A 80  ? N ALA A 391 
# 
_struct_site.id                   AC1 
_struct_site.pdbx_evidence_code   Software 
_struct_site.pdbx_auth_asym_id    A 
_struct_site.pdbx_auth_comp_id    I3S 
_struct_site.pdbx_auth_seq_id     101 
_struct_site.pdbx_auth_ins_code   ? 
_struct_site.pdbx_num_residues    17 
_struct_site.details              'BINDING SITE FOR RESIDUE I3S A 101' 
# 
loop_
_struct_site_gen.id 
_struct_site_gen.site_id 
_struct_site_gen.pdbx_num_res 
_struct_site_gen.label_comp_id 
_struct_site_gen.label_asym_id 
_struct_site_gen.label_seq_id 
_struct_site_gen.pdbx_auth_ins_code 
_struct_site_gen.auth_comp_id 
_struct_site_gen.auth_asym_id 
_struct_site_gen.auth_seq_id 
_struct_site_gen.label_atom_id 
_struct_site_gen.label_alt_id 
_struct_site_gen.symmetry 
_struct_site_gen.details 
1  AC1 17 HOH C .   ? HOH A 5   . ? 1_555 ? 
2  AC1 17 HOH C .   ? HOH A 6   . ? 1_555 ? 
3  AC1 17 HOH C .   ? HOH A 8   . ? 1_555 ? 
4  AC1 17 HOH C .   ? HOH A 24  . ? 1_555 ? 
5  AC1 17 HOH C .   ? HOH A 40  . ? 3_554 ? 
6  AC1 17 HOH C .   ? HOH A 44  . ? 1_565 ? 
7  AC1 17 HOH C .   ? HOH A 58  . ? 1_555 ? 
8  AC1 17 ARG A 31  ? ARG A 342 . ? 1_555 ? 
9  AC1 17 LYS A 32  ? LYS A 343 . ? 1_555 ? 
10 AC1 17 TRP A 34  ? TRP A 345 . ? 1_555 ? 
11 AC1 17 ARG A 83  ? ARG A 394 . ? 3_554 ? 
12 AC1 17 SER A 86  ? SER A 397 . ? 1_555 ? 
13 AC1 17 SER A 87  ? SER A 398 . ? 1_555 ? 
14 AC1 17 ARG A 88  ? ARG A 399 . ? 1_555 ? 
15 AC1 17 ARG A 89  ? ARG A 400 . ? 3_554 ? 
16 AC1 17 ARG A 113 ? ARG A 424 . ? 3_554 ? 
17 AC1 17 THR A 121 ? THR A 432 . ? 1_565 ? 
# 
_atom_sites.entry_id                    2P0H 
_atom_sites.fract_transf_matrix[1][1]   0.00619158 
_atom_sites.fract_transf_matrix[1][2]   -0.03340198 
_atom_sites.fract_transf_matrix[1][3]   -0.00645058 
_atom_sites.fract_transf_matrix[2][1]   0.02288876 
_atom_sites.fract_transf_matrix[2][2]   0.00682045 
_atom_sites.fract_transf_matrix[2][3]   -0.01334750 
_atom_sites.fract_transf_matrix[3][1]   0.00462204 
_atom_sites.fract_transf_matrix[3][2]   -0.00061338 
_atom_sites.fract_transf_matrix[3][3]   0.00761261 
_atom_sites.fract_transf_vector[1]      -0.050173 
_atom_sites.fract_transf_vector[2]      0.321897 
_atom_sites.fract_transf_vector[3]      -0.125057 
# 
loop_
_atom_type.symbol 
C 
N 
O 
P 
S 
# 
loop_
_atom_site.group_PDB 
_atom_site.id 
_atom_site.type_symbol 
_atom_site.label_atom_id 
_atom_site.label_alt_id 
_atom_site.label_comp_id 
_atom_site.label_asym_id 
_atom_site.label_entity_id 
_atom_site.label_seq_id 
_atom_site.pdbx_PDB_ins_code 
_atom_site.Cartn_x 
_atom_site.Cartn_y 
_atom_site.Cartn_z 
_atom_site.occupancy 
_atom_site.B_iso_or_equiv 
_atom_site.pdbx_formal_charge 
_atom_site.auth_seq_id 
_atom_site.auth_comp_id 
_atom_site.auth_asym_id 
_atom_site.auth_atom_id 
_atom_site.pdbx_PDB_model_num 
ATOM   1    N N   . HIS A 1 10  ? -4.858  -3.280  16.859  1.00 45.84 ? 321 HIS A N   1 
ATOM   2    C CA  . HIS A 1 10  ? -4.210  -2.729  15.617  1.00 44.98 ? 321 HIS A CA  1 
ATOM   3    C C   . HIS A 1 10  ? -3.734  -3.848  14.708  1.00 43.08 ? 321 HIS A C   1 
ATOM   4    O O   . HIS A 1 10  ? -2.551  -3.903  14.386  1.00 43.43 ? 321 HIS A O   1 
ATOM   5    C CB  . HIS A 1 10  ? -2.965  -1.899  15.997  1.00 46.07 ? 321 HIS A CB  1 
ATOM   6    C CG  . HIS A 1 10  ? -2.516  -0.974  14.914  1.00 48.37 ? 321 HIS A CG  1 
ATOM   7    N ND1 . HIS A 1 10  ? -2.004  -1.424  13.713  1.00 51.75 ? 321 HIS A ND1 1 
ATOM   8    C CD2 . HIS A 1 10  ? -2.524  0.378   14.834  1.00 50.48 ? 321 HIS A CD2 1 
ATOM   9    C CE1 . HIS A 1 10  ? -1.713  -0.393  12.938  1.00 49.37 ? 321 HIS A CE1 1 
ATOM   10   N NE2 . HIS A 1 10  ? -2.024  0.712   13.592  1.00 53.26 ? 321 HIS A NE2 1 
ATOM   11   N N   . GLU A 1 11  ? -4.586  -4.782  14.298  1.00 39.97 ? 322 GLU A N   1 
ATOM   12   C CA  . GLU A 1 11  ? -3.959  -5.821  13.488  1.00 36.88 ? 322 GLU A CA  1 
ATOM   13   C C   . GLU A 1 11  ? -4.487  -6.105  12.075  1.00 32.48 ? 322 GLU A C   1 
ATOM   14   O O   . GLU A 1 11  ? -5.200  -5.278  11.506  1.00 31.27 ? 322 GLU A O   1 
ATOM   15   C CB  . GLU A 1 11  ? -3.443  -7.020  14.314  1.00 38.24 ? 322 GLU A CB  1 
ATOM   16   C CG  . GLU A 1 11  ? -2.096  -6.686  15.067  1.00 40.16 ? 322 GLU A CG  1 
ATOM   17   C CD  . GLU A 1 11  ? -2.348  -6.126  16.513  1.00 45.28 ? 322 GLU A CD  1 
ATOM   18   O OE1 . GLU A 1 11  ? -1.376  -5.786  17.232  1.00 46.08 ? 322 GLU A OE1 1 
ATOM   19   O OE2 . GLU A 1 11  ? -3.530  -6.045  16.942  1.00 46.32 ? 322 GLU A OE2 1 
ATOM   20   N N   . VAL A 1 12  ? -4.072  -7.212  11.500  1.00 27.57 ? 323 VAL A N   1 
ATOM   21   C CA  . VAL A 1 12  ? -3.887  -7.287  10.066  1.00 25.01 ? 323 VAL A CA  1 
ATOM   22   C C   . VAL A 1 12  ? -5.144  -7.648  9.287   1.00 24.78 ? 323 VAL A C   1 
ATOM   23   O O   . VAL A 1 12  ? -5.717  -8.696  9.488   1.00 23.22 ? 323 VAL A O   1 
ATOM   24   C CB  . VAL A 1 12  ? -2.771  -8.292  9.722   1.00 24.80 ? 323 VAL A CB  1 
ATOM   25   C CG1 . VAL A 1 12  ? -2.428  -8.244  8.242   1.00 25.32 ? 323 VAL A CG1 1 
ATOM   26   C CG2 . VAL A 1 12  ? -1.543  -7.948  10.545  1.00 25.25 ? 323 VAL A CG2 1 
ATOM   27   N N   . GLU A 1 13  ? -5.541  -6.756  8.393   1.00 22.29 ? 324 GLU A N   1 
ATOM   28   C CA  . GLU A 1 13  ? -6.658  -6.962  7.496   1.00 22.80 ? 324 GLU A CA  1 
ATOM   29   C C   . GLU A 1 13  ? -6.229  -7.690  6.220   1.00 21.20 ? 324 GLU A C   1 
ATOM   30   O O   . GLU A 1 13  ? -6.931  -8.543  5.738   1.00 19.53 ? 324 GLU A O   1 
ATOM   31   C CB  . GLU A 1 13  ? -7.236  -5.606  7.121   1.00 25.06 ? 324 GLU A CB  1 
ATOM   32   C CG  . GLU A 1 13  ? -8.095  -5.050  8.217   1.00 28.23 ? 324 GLU A CG  1 
ATOM   33   C CD  . GLU A 1 13  ? -9.271  -5.999  8.490   1.00 37.22 ? 324 GLU A CD  1 
ATOM   34   O OE1 . GLU A 1 13  ? -9.267  -6.695  9.535   1.00 37.74 ? 324 GLU A OE1 1 
ATOM   35   O OE2 . GLU A 1 13  ? -10.189 -6.078  7.630   1.00 41.22 ? 324 GLU A OE2 1 
ATOM   36   N N   . LYS A 1 14  ? -5.058  -7.355  5.705   1.00 19.08 ? 325 LYS A N   1 
ATOM   37   C CA  . LYS A 1 14  ? -4.590  -7.947  4.466   1.00 17.53 ? 325 LYS A CA  1 
ATOM   38   C C   . LYS A 1 14  ? -3.076  -7.805  4.441   1.00 17.65 ? 325 LYS A C   1 
ATOM   39   O O   . LYS A 1 14  ? -2.557  -6.807  4.956   1.00 16.26 ? 325 LYS A O   1 
ATOM   40   C CB  . LYS A 1 14  ? -5.155  -7.179  3.272   1.00 17.22 ? 325 LYS A CB  1 
ATOM   41   C CG  . LYS A 1 14  ? -5.061  -8.008  2.009   1.00 20.01 ? 325 LYS A CG  1 
ATOM   42   C CD  . LYS A 1 14  ? -5.787  -7.374  0.854   1.00 18.00 ? 325 LYS A CD  1 
ATOM   43   C CE  . LYS A 1 14  ? -5.504  -8.062  -0.430  1.00 20.66 ? 325 LYS A CE  1 
ATOM   44   N NZ  . LYS A 1 14  ? -5.986  -9.437  -0.539  1.00 25.99 ? 325 LYS A NZ  1 
ATOM   45   N N   . SER A 1 15  ? -2.364  -8.760  3.830   1.00 15.40 ? 326 SER A N   1 
ATOM   46   C CA  . SER A 1 15  ? -0.935  -8.607  3.618   1.00 16.65 ? 326 SER A CA  1 
ATOM   47   C C   . SER A 1 15  ? -0.553  -9.305  2.309   1.00 15.29 ? 326 SER A C   1 
ATOM   48   O O   . SER A 1 15  ? -1.259  -10.160 1.875   1.00 15.64 ? 326 SER A O   1 
ATOM   49   C CB  . SER A 1 15  ? -0.168  -9.166  4.790   1.00 17.08 ? 326 SER A CB  1 
ATOM   50   O OG  . SER A 1 15  ? -0.162  -10.579 4.742   1.00 21.75 ? 326 SER A OG  1 
ATOM   51   N N   . GLY A 1 16  ? 0.498   -8.859  1.651   1.00 14.16 ? 327 GLY A N   1 
ATOM   52   C CA  . GLY A 1 16  ? 0.870   -9.407  0.322   1.00 13.97 ? 327 GLY A CA  1 
ATOM   53   C C   . GLY A 1 16  ? 1.976   -8.595  -0.251  1.00 14.80 ? 327 GLY A C   1 
ATOM   54   O O   . GLY A 1 16  ? 2.265   -7.458  0.261   1.00 15.59 ? 327 GLY A O   1 
ATOM   55   N N   . LEU A 1 17  ? 2.608   -9.147  -1.282  1.00 14.33 ? 328 LEU A N   1 
ATOM   56   C CA  . LEU A 1 17  ? 3.623   -8.490  -2.008  1.00 15.31 ? 328 LEU A CA  1 
ATOM   57   C C   . LEU A 1 17  ? 2.949   -7.679  -3.126  1.00 16.75 ? 328 LEU A C   1 
ATOM   58   O O   . LEU A 1 17  ? 2.117   -8.205  -3.853  1.00 17.73 ? 328 LEU A O   1 
ATOM   59   C CB  . LEU A 1 17  ? 4.586   -9.477  -2.636  1.00 14.86 ? 328 LEU A CB  1 
ATOM   60   C CG  . LEU A 1 17  ? 5.868   -8.774  -3.006  1.00 18.38 ? 328 LEU A CG  1 
ATOM   61   C CD1 . LEU A 1 17  ? 7.032   -8.807  -1.982  1.00 19.08 ? 328 LEU A CD1 1 
ATOM   62   C CD2 . LEU A 1 17  ? 6.263   -9.265  -4.324  1.00 21.29 ? 328 LEU A CD2 1 
ATOM   63   N N   . LEU A 1 18  ? 3.343   -6.423  -3.272  1.00 14.69 ? 329 LEU A N   1 
ATOM   64   C CA  . LEU A 1 18  ? 2.816   -5.584  -4.374  1.00 14.90 ? 329 LEU A CA  1 
ATOM   65   C C   . LEU A 1 18  ? 3.989   -4.884  -4.898  1.00 13.17 ? 329 LEU A C   1 
ATOM   66   O O   . LEU A 1 18  ? 5.009   -4.778  -4.198  1.00 11.33 ? 329 LEU A O   1 
ATOM   67   C CB  . LEU A 1 18  ? 1.786   -4.576  -3.882  1.00 14.78 ? 329 LEU A CB  1 
ATOM   68   C CG  . LEU A 1 18  ? 0.424   -5.103  -3.436  1.00 19.05 ? 329 LEU A CG  1 
ATOM   69   C CD1 . LEU A 1 18  ? -0.271  -3.972  -2.687  1.00 17.05 ? 329 LEU A CD1 1 
ATOM   70   C CD2 . LEU A 1 18  ? -0.420  -5.576  -4.614  1.00 19.15 ? 329 LEU A CD2 1 
ATOM   71   N N   . ASN A 1 19  ? 3.875   -4.362  -6.118  1.00 13.12 ? 330 ASN A N   1 
ATOM   72   C CA  . ASN A 1 19  ? 4.845   -3.369  -6.559  1.00 13.40 ? 330 ASN A CA  1 
ATOM   73   C C   . ASN A 1 19  ? 4.348   -2.001  -6.113  1.00 14.05 ? 330 ASN A C   1 
ATOM   74   O O   . ASN A 1 19  ? 3.146   -1.731  -6.094  1.00 10.75 ? 330 ASN A O   1 
ATOM   75   C CB  . ASN A 1 19  ? 4.994   -3.431  -8.081  1.00 15.40 ? 330 ASN A CB  1 
ATOM   76   C CG  . ASN A 1 19  ? 5.835   -4.611  -8.529  1.00 18.33 ? 330 ASN A CG  1 
ATOM   77   O OD1 . ASN A 1 19  ? 6.717   -5.114  -7.806  1.00 15.58 ? 330 ASN A OD1 1 
ATOM   78   N ND2 . ASN A 1 19  ? 5.557   -5.066  -9.717  1.00 15.10 ? 330 ASN A ND2 1 
ATOM   79   N N   . MET A 1 20  ? 5.273   -1.131  -5.745  1.00 13.75 ? 331 MET A N   1 
ATOM   80   C CA  . MET A 1 20  ? 4.843   0.145   -5.171  1.00 15.35 ? 331 MET A CA  1 
ATOM   81   C C   . MET A 1 20  ? 5.776   1.173   -5.671  1.00 15.33 ? 331 MET A C   1 
ATOM   82   O O   . MET A 1 20  ? 6.954   0.839   -5.879  1.00 14.82 ? 331 MET A O   1 
ATOM   83   C CB  . MET A 1 20  ? 4.978   0.052   -3.631  1.00 15.11 ? 331 MET A CB  1 
ATOM   84   C CG  . MET A 1 20  ? 4.465   1.275   -2.804  1.00 17.67 ? 331 MET A CG  1 
ATOM   85   S SD  . MET A 1 20  ? 5.920   2.435   -2.684  1.00 25.87 ? 331 MET A SD  1 
ATOM   86   C CE  . MET A 1 20  ? 6.168   2.645   -0.889  1.00 23.46 ? 331 MET A CE  1 
ATOM   87   N N   . THR A 1 21  ? 5.287   2.390   -5.922  1.00 15.07 ? 332 THR A N   1 
ATOM   88   C CA  . THR A 1 21  ? 6.166   3.503   -6.056  1.00 13.30 ? 332 THR A CA  1 
ATOM   89   C C   . THR A 1 21  ? 5.538   4.702   -5.288  1.00 14.73 ? 332 THR A C   1 
ATOM   90   O O   . THR A 1 21  ? 4.332   4.896   -5.270  1.00 14.07 ? 332 THR A O   1 
ATOM   91   C CB  . THR A 1 21  ? 6.432   3.890   -7.556  1.00 13.48 ? 332 THR A CB  1 
ATOM   92   O OG1 . THR A 1 21  ? 7.277   5.024   -7.617  1.00 16.91 ? 332 THR A OG1 1 
ATOM   93   C CG2 . THR A 1 21  ? 5.141   4.251   -8.300  1.00 13.90 ? 332 THR A CG2 1 
ATOM   94   N N   . LYS A 1 22  ? 6.385   5.497   -4.680  1.00 16.74 ? 333 LYS A N   1 
ATOM   95   C CA  . LYS A 1 22  ? 5.987   6.812   -4.161  1.00 18.30 ? 333 LYS A CA  1 
ATOM   96   C C   . LYS A 1 22  ? 5.762   7.767   -5.342  1.00 18.54 ? 333 LYS A C   1 
ATOM   97   O O   . LYS A 1 22  ? 6.425   7.637   -6.393  1.00 20.28 ? 333 LYS A O   1 
ATOM   98   C CB  . LYS A 1 22  ? 7.140   7.299   -3.313  1.00 20.17 ? 333 LYS A CB  1 
ATOM   99   C CG  . LYS A 1 22  ? 7.292   6.457   -2.041  1.00 22.28 ? 333 LYS A CG  1 
ATOM   100  C CD  . LYS A 1 22  ? 8.639   6.692   -1.336  1.00 30.44 ? 333 LYS A CD  1 
ATOM   101  C CE  . LYS A 1 22  ? 8.662   7.952   -0.487  1.00 35.34 ? 333 LYS A CE  1 
ATOM   102  N NZ  . LYS A 1 22  ? 7.634   8.019   0.642   1.00 35.97 ? 333 LYS A NZ  1 
ATOM   103  N N   . ILE A 1 23  ? 4.816   8.691   -5.207  1.00 18.20 ? 334 ILE A N   1 
ATOM   104  C CA  . ILE A 1 23  ? 4.474   9.647   -6.292  1.00 17.13 ? 334 ILE A CA  1 
ATOM   105  C C   . ILE A 1 23  ? 4.744   11.052  -5.700  1.00 17.46 ? 334 ILE A C   1 
ATOM   106  O O   . ILE A 1 23  ? 5.139   11.963  -6.412  1.00 17.47 ? 334 ILE A O   1 
ATOM   107  C CB  . ILE A 1 23  ? 2.953   9.513   -6.723  1.00 16.84 ? 334 ILE A CB  1 
ATOM   108  C CG1 . ILE A 1 23  ? 2.709   8.248   -7.511  1.00 21.34 ? 334 ILE A CG1 1 
ATOM   109  C CG2 . ILE A 1 23  ? 2.529   10.609  -7.693  1.00 20.83 ? 334 ILE A CG2 1 
ATOM   110  C CD1 . ILE A 1 23  ? 3.507   8.158   -8.902  1.00 20.49 ? 334 ILE A CD1 1 
ATOM   111  N N   . ALA A 1 24  ? 4.473   11.226  -4.393  1.00 16.89 ? 335 ALA A N   1 
ATOM   112  C CA  . ALA A 1 24  ? 4.718   12.523  -3.749  1.00 17.34 ? 335 ALA A CA  1 
ATOM   113  C C   . ALA A 1 24  ? 4.941   12.361  -2.279  1.00 17.35 ? 335 ALA A C   1 
ATOM   114  O O   . ALA A 1 24  ? 4.517   11.390  -1.677  1.00 17.35 ? 335 ALA A O   1 
ATOM   115  C CB  . ALA A 1 24  ? 3.560   13.472  -3.985  1.00 16.01 ? 335 ALA A CB  1 
ATOM   116  N N   . GLN A 1 25  ? 5.701   13.263  -1.667  1.00 17.25 ? 336 GLN A N   1 
ATOM   117  C CA  . GLN A 1 25  ? 5.886   13.131  -0.242  1.00 19.72 ? 336 GLN A CA  1 
ATOM   118  C C   . GLN A 1 25  ? 5.592   14.523  0.297   1.00 20.41 ? 336 GLN A C   1 
ATOM   119  O O   . GLN A 1 25  ? 6.192   15.455  -0.195  1.00 19.77 ? 336 GLN A O   1 
ATOM   120  C CB  . GLN A 1 25  ? 7.338   12.742  0.030   1.00 20.38 ? 336 GLN A CB  1 
ATOM   121  C CG  . GLN A 1 25  ? 7.678   12.592  1.488   1.00 27.97 ? 336 GLN A CG  1 
ATOM   122  C CD  . GLN A 1 25  ? 7.865   11.152  1.846   1.00 38.37 ? 336 GLN A CD  1 
ATOM   123  O OE1 . GLN A 1 25  ? 6.918   10.453  2.244   1.00 40.57 ? 336 GLN A OE1 1 
ATOM   124  N NE2 . GLN A 1 25  ? 9.097   10.668  1.672   1.00 42.17 ? 336 GLN A NE2 1 
ATOM   125  N N   . GLY A 1 26  ? 4.681   14.650  1.259   1.00 20.89 ? 337 GLY A N   1 
ATOM   126  C CA  . GLY A 1 26  ? 4.243   15.939  1.752   1.00 23.68 ? 337 GLY A CA  1 
ATOM   127  C C   . GLY A 1 26  ? 3.933   16.899  0.632   1.00 24.02 ? 337 GLY A C   1 
ATOM   128  O O   . GLY A 1 26  ? 4.340   18.065  0.672   1.00 26.01 ? 337 GLY A O   1 
ATOM   129  N N   . GLY A 1 27  ? 3.252   16.411  -0.392  1.00 24.41 ? 338 GLY A N   1 
ATOM   130  C CA  . GLY A 1 27  ? 2.880   17.262  -1.522  1.00 26.21 ? 338 GLY A CA  1 
ATOM   131  C C   . GLY A 1 27  ? 4.001   17.664  -2.483  1.00 27.06 ? 338 GLY A C   1 
ATOM   132  O O   . GLY A 1 27  ? 3.777   18.486  -3.377  1.00 28.06 ? 338 GLY A O   1 
ATOM   133  N N   . ARG A 1 28  ? 5.218   17.171  -2.251  1.00 26.74 ? 339 ARG A N   1 
ATOM   134  C CA  . ARG A 1 28  ? 6.303   17.360  -3.210  1.00 26.53 ? 339 ARG A CA  1 
ATOM   135  C C   . ARG A 1 28  ? 6.396   16.171  -4.136  1.00 25.97 ? 339 ARG A C   1 
ATOM   136  O O   . ARG A 1 28  ? 6.443   15.044  -3.691  1.00 22.00 ? 339 ARG A O   1 
ATOM   137  C CB  . ARG A 1 28  ? 7.600   17.619  -2.489  1.00 27.08 ? 339 ARG A CB  1 
ATOM   138  C CG  . ARG A 1 28  ? 7.491   18.850  -1.613  1.00 30.18 ? 339 ARG A CG  1 
ATOM   139  C CD  . ARG A 1 28  ? 8.824   19.273  -1.002  1.00 36.06 ? 339 ARG A CD  1 
ATOM   140  N NE  . ARG A 1 28  ? 8.622   20.128  0.178   1.00 40.57 ? 339 ARG A NE  1 
ATOM   141  C CZ  . ARG A 1 28  ? 8.679   21.463  0.174   1.00 40.91 ? 339 ARG A CZ  1 
ATOM   142  N NH1 . ARG A 1 28  ? 8.952   22.116  -0.961  1.00 42.40 ? 339 ARG A NH1 1 
ATOM   143  N NH2 . ARG A 1 28  ? 8.463   22.139  1.311   1.00 39.60 ? 339 ARG A NH2 1 
ATOM   144  N N   . LYS A 1 29  ? 6.358   16.454  -5.439  1.00 25.64 ? 340 LYS A N   1 
ATOM   145  C CA  . LYS A 1 29  ? 6.340   15.425  -6.460  1.00 26.22 ? 340 LYS A CA  1 
ATOM   146  C C   . LYS A 1 29  ? 7.643   14.670  -6.403  1.00 25.28 ? 340 LYS A C   1 
ATOM   147  O O   . LYS A 1 29  ? 8.675   15.217  -6.037  1.00 26.22 ? 340 LYS A O   1 
ATOM   148  C CB  . LYS A 1 29  ? 6.088   15.996  -7.883  1.00 26.20 ? 340 LYS A CB  1 
ATOM   149  N N   . LEU A 1 30  ? 7.594   13.380  -6.719  1.00 25.38 ? 341 LEU A N   1 
ATOM   150  C CA  . LEU A 1 30  ? 8.799   12.558  -6.693  1.00 22.69 ? 341 LEU A CA  1 
ATOM   151  C C   . LEU A 1 30  ? 8.824   11.745  -7.938  1.00 23.16 ? 341 LEU A C   1 
ATOM   152  O O   . LEU A 1 30  ? 7.753   11.370  -8.495  1.00 23.56 ? 341 LEU A O   1 
ATOM   153  C CB  . LEU A 1 30  ? 8.774   11.586  -5.536  1.00 23.22 ? 341 LEU A CB  1 
ATOM   154  C CG  . LEU A 1 30  ? 8.549   12.176  -4.167  1.00 23.17 ? 341 LEU A CG  1 
ATOM   155  C CD1 . LEU A 1 30  ? 8.280   11.045  -3.203  1.00 22.79 ? 341 LEU A CD1 1 
ATOM   156  C CD2 . LEU A 1 30  ? 9.793   12.937  -3.776  1.00 27.14 ? 341 LEU A CD2 1 
ATOM   157  N N   . ARG A 1 31  ? 10.044  11.418  -8.327  1.00 20.10 ? 342 ARG A N   1 
ATOM   158  C CA  . ARG A 1 31  ? 10.374  10.577  -9.467  1.00 19.03 ? 342 ARG A CA  1 
ATOM   159  C C   . ARG A 1 31  ? 10.039  9.182   -9.039  1.00 19.16 ? 342 ARG A C   1 
ATOM   160  O O   . ARG A 1 31  ? 10.475  8.758   -7.962  1.00 17.77 ? 342 ARG A O   1 
ATOM   161  C CB  . ARG A 1 31  ? 11.898  10.681  -9.641  1.00 19.14 ? 342 ARG A CB  1 
ATOM   162  C CG  . ARG A 1 31  ? 12.571  10.351  -10.990 1.00 22.21 ? 342 ARG A CG  1 
ATOM   163  C CD  . ARG A 1 31  ? 12.023  9.138   -11.672 1.00 27.04 ? 342 ARG A CD  1 
ATOM   164  N NE  . ARG A 1 31  ? 12.689  8.878   -12.950 1.00 26.24 ? 342 ARG A NE  1 
ATOM   165  C CZ  . ARG A 1 31  ? 12.806  7.655   -13.465 1.00 26.41 ? 342 ARG A CZ  1 
ATOM   166  N NH1 . ARG A 1 31  ? 12.313  6.596   -12.822 1.00 25.77 ? 342 ARG A NH1 1 
ATOM   167  N NH2 . ARG A 1 31  ? 13.390  7.496   -14.636 1.00 24.98 ? 342 ARG A NH2 1 
ATOM   168  N N   . LYS A 1 32  ? 9.234   8.485   -9.848  1.00 16.04 ? 343 LYS A N   1 
ATOM   169  C CA  . LYS A 1 32  ? 8.860   7.121   -9.592  1.00 18.51 ? 343 LYS A CA  1 
ATOM   170  C C   . LYS A 1 32  ? 10.063  6.240   -9.414  1.00 18.24 ? 343 LYS A C   1 
ATOM   171  O O   . LYS A 1 32  ? 11.148  6.476   -10.022 1.00 18.94 ? 343 LYS A O   1 
ATOM   172  C CB  . LYS A 1 32  ? 7.928   6.587   -10.716 1.00 17.44 ? 343 LYS A CB  1 
ATOM   173  C CG  . LYS A 1 32  ? 6.534   7.255   -10.813 1.00 18.61 ? 343 LYS A CG  1 
ATOM   174  C CD  . LYS A 1 32  ? 5.580   6.443   -11.780 1.00 17.09 ? 343 LYS A CD  1 
ATOM   175  C CE  . LYS A 1 32  ? 5.764   6.780   -13.235 1.00 21.07 ? 343 LYS A CE  1 
ATOM   176  N NZ  . LYS A 1 32  ? 4.792   6.019   -14.092 1.00 18.04 ? 343 LYS A NZ  1 
ATOM   177  N N   . ASN A 1 33  ? 9.908   5.234   -8.553  1.00 17.97 ? 344 ASN A N   1 
ATOM   178  C CA  . ASN A 1 33  ? 10.965  4.258   -8.298  1.00 17.13 ? 344 ASN A CA  1 
ATOM   179  C C   . ASN A 1 33  ? 10.263  3.007   -7.882  1.00 16.41 ? 344 ASN A C   1 
ATOM   180  O O   . ASN A 1 33  ? 10.063  2.760   -6.666  1.00 18.59 ? 344 ASN A O   1 
ATOM   181  C CB  . ASN A 1 33  ? 11.911  4.744   -7.183  1.00 18.44 ? 344 ASN A CB  1 
ATOM   182  C CG  . ASN A 1 33  ? 13.108  3.812   -6.963  1.00 23.69 ? 344 ASN A CG  1 
ATOM   183  O OD1 . ASN A 1 33  ? 13.292  2.804   -7.642  1.00 27.56 ? 344 ASN A OD1 1 
ATOM   184  N ND2 . ASN A 1 33  ? 13.950  4.179   -6.002  1.00 29.79 ? 344 ASN A ND2 1 
ATOM   185  N N   . TRP A 1 34  ? 9.784   2.281   -8.875  1.00 14.18 ? 345 TRP A N   1 
ATOM   186  C CA  . TRP A 1 34  ? 8.983   1.110   -8.706  1.00 14.81 ? 345 TRP A CA  1 
ATOM   187  C C   . TRP A 1 34  ? 9.824   0.015   -8.122  1.00 16.69 ? 345 TRP A C   1 
ATOM   188  O O   . TRP A 1 34  ? 10.985  -0.103  -8.486  1.00 18.02 ? 345 TRP A O   1 
ATOM   189  C CB  . TRP A 1 34  ? 8.510   0.648   -10.069 1.00 14.75 ? 345 TRP A CB  1 
ATOM   190  C CG  . TRP A 1 34  ? 7.297   1.336   -10.617 1.00 13.99 ? 345 TRP A CG  1 
ATOM   191  C CD1 . TRP A 1 34  ? 7.244   2.229   -11.682 1.00 12.49 ? 345 TRP A CD1 1 
ATOM   192  C CD2 . TRP A 1 34  ? 5.945   1.155   -10.172 1.00 13.36 ? 345 TRP A CD2 1 
ATOM   193  N NE1 . TRP A 1 34  ? 5.926   2.574   -11.919 1.00 12.17 ? 345 TRP A NE1 1 
ATOM   194  C CE2 . TRP A 1 34  ? 5.121   1.920   -11.016 1.00 13.10 ? 345 TRP A CE2 1 
ATOM   195  C CE3 . TRP A 1 34  ? 5.340   0.399   -9.142  1.00 16.10 ? 345 TRP A CE3 1 
ATOM   196  C CZ2 . TRP A 1 34  ? 3.730   1.971   -10.841 1.00 15.46 ? 345 TRP A CZ2 1 
ATOM   197  C CZ3 . TRP A 1 34  ? 3.964   0.458   -8.979  1.00 13.09 ? 345 TRP A CZ3 1 
ATOM   198  C CH2 . TRP A 1 34  ? 3.185   1.229   -9.819  1.00 11.63 ? 345 TRP A CH2 1 
ATOM   199  N N   . GLY A 1 35  ? 9.240   -0.831  -7.287  1.00 17.35 ? 346 GLY A N   1 
ATOM   200  C CA  . GLY A 1 35  ? 9.932   -1.999  -6.792  1.00 17.74 ? 346 GLY A CA  1 
ATOM   201  C C   . GLY A 1 35  ? 8.970   -2.772  -5.927  1.00 17.76 ? 346 GLY A C   1 
ATOM   202  O O   . GLY A 1 35  ? 7.912   -2.261  -5.558  1.00 17.43 ? 346 GLY A O   1 
ATOM   203  N N   . PRO A 1 36  ? 9.254   -4.063  -5.709  1.00 17.96 ? 347 PRO A N   1 
ATOM   204  C CA  . PRO A 1 36  ? 8.476   -4.936  -4.816  1.00 17.04 ? 347 PRO A CA  1 
ATOM   205  C C   . PRO A 1 36  ? 8.468   -4.513  -3.331  1.00 15.96 ? 347 PRO A C   1 
ATOM   206  O O   . PRO A 1 36  ? 9.476   -4.078  -2.834  1.00 15.05 ? 347 PRO A O   1 
ATOM   207  C CB  . PRO A 1 36  ? 9.156   -6.326  -4.990  1.00 18.06 ? 347 PRO A CB  1 
ATOM   208  C CG  . PRO A 1 36  ? 10.519  -6.009  -5.492  1.00 15.90 ? 347 PRO A CG  1 
ATOM   209  C CD  . PRO A 1 36  ? 10.296  -4.830  -6.440  1.00 19.42 ? 347 PRO A CD  1 
ATOM   210  N N   . SER A 1 37  ? 7.333   -4.677  -2.650  1.00 15.73 ? 348 SER A N   1 
ATOM   211  C CA  . SER A 1 37  ? 7.216   -4.368  -1.208  1.00 15.90 ? 348 SER A CA  1 
ATOM   212  C C   . SER A 1 37  ? 6.262   -5.362  -0.601  1.00 15.44 ? 348 SER A C   1 
ATOM   213  O O   . SER A 1 37  ? 5.217   -5.671  -1.175  1.00 16.33 ? 348 SER A O   1 
ATOM   214  C CB  . SER A 1 37  ? 6.673   -2.933  -0.999  1.00 17.14 ? 348 SER A CB  1 
ATOM   215  O OG  . SER A 1 37  ? 6.759   -2.579  0.388   1.00 22.81 ? 348 SER A OG  1 
ATOM   216  N N   . TRP A 1 38  ? 6.624   -5.901  0.547   1.00 13.90 ? 349 TRP A N   1 
ATOM   217  C CA  . TRP A 1 38  ? 5.689   -6.599  1.376   1.00 12.20 ? 349 TRP A CA  1 
ATOM   218  C C   . TRP A 1 38  ? 4.775   -5.598  2.088   1.00 13.07 ? 349 TRP A C   1 
ATOM   219  O O   . TRP A 1 38  ? 5.229   -4.816  2.921   1.00 14.55 ? 349 TRP A O   1 
ATOM   220  C CB  . TRP A 1 38  ? 6.474   -7.419  2.383   1.00 10.27 ? 349 TRP A CB  1 
ATOM   221  C CG  . TRP A 1 38  ? 5.567   -8.136  3.288   1.00 10.79 ? 349 TRP A CG  1 
ATOM   222  C CD1 . TRP A 1 38  ? 5.372   -7.932  4.654   1.00 13.20 ? 349 TRP A CD1 1 
ATOM   223  C CD2 . TRP A 1 38  ? 4.728   -9.245  2.924   1.00 11.64 ? 349 TRP A CD2 1 
ATOM   224  N NE1 . TRP A 1 38  ? 4.418   -8.862  5.130   1.00 11.49 ? 349 TRP A NE1 1 
ATOM   225  C CE2 . TRP A 1 38  ? 4.028   -9.649  4.076   1.00 11.43 ? 349 TRP A CE2 1 
ATOM   226  C CE3 . TRP A 1 38  ? 4.472   -9.912  1.707   1.00 11.40 ? 349 TRP A CE3 1 
ATOM   227  C CZ2 . TRP A 1 38  ? 3.161   -10.733 4.069   1.00 13.96 ? 349 TRP A CZ2 1 
ATOM   228  C CZ3 . TRP A 1 38  ? 3.571   -10.969 1.715   1.00 9.18  ? 349 TRP A CZ3 1 
ATOM   229  C CH2 . TRP A 1 38  ? 2.937   -11.356 2.883   1.00 12.89 ? 349 TRP A CH2 1 
ATOM   230  N N   . VAL A 1 39  ? 3.483   -5.689  1.810   1.00 11.40 ? 350 VAL A N   1 
ATOM   231  C CA  . VAL A 1 39  ? 2.532   -4.676  2.246   1.00 12.07 ? 350 VAL A CA  1 
ATOM   232  C C   . VAL A 1 39  ? 1.640   -5.299  3.286   1.00 13.04 ? 350 VAL A C   1 
ATOM   233  O O   . VAL A 1 39  ? 1.205   -6.464  3.161   1.00 10.46 ? 350 VAL A O   1 
ATOM   234  C CB  . VAL A 1 39  ? 1.732   -4.148  1.060   1.00 12.32 ? 350 VAL A CB  1 
ATOM   235  C CG1 . VAL A 1 39  ? 0.762   -2.982  1.503   1.00 11.18 ? 350 VAL A CG1 1 
ATOM   236  C CG2 . VAL A 1 39  ? 2.706   -3.674  -0.006  1.00 13.32 ? 350 VAL A CG2 1 
ATOM   237  N N   . VAL A 1 40  ? 1.409   -4.524  4.335   1.00 10.25 ? 351 VAL A N   1 
ATOM   238  C CA  . VAL A 1 40  ? 0.557   -4.957  5.455   1.00 12.30 ? 351 VAL A CA  1 
ATOM   239  C C   . VAL A 1 40  ? -0.500  -3.864  5.686   1.00 14.36 ? 351 VAL A C   1 
ATOM   240  O O   . VAL A 1 40  ? -0.183  -2.721  5.887   1.00 13.09 ? 351 VAL A O   1 
ATOM   241  C CB  . VAL A 1 40  ? 1.357   -5.157  6.772   1.00 11.04 ? 351 VAL A CB  1 
ATOM   242  C CG1 . VAL A 1 40  ? 0.422   -5.548  7.893   1.00 8.90  ? 351 VAL A CG1 1 
ATOM   243  C CG2 . VAL A 1 40  ? 2.386   -6.248  6.595   1.00 12.02 ? 351 VAL A CG2 1 
ATOM   244  N N   . LEU A 1 41  ? -1.773  -4.251  5.579   1.00 14.39 ? 352 LEU A N   1 
ATOM   245  C CA  . LEU A 1 41  ? -2.831  -3.340  5.852   1.00 12.87 ? 352 LEU A CA  1 
ATOM   246  C C   . LEU A 1 41  ? -3.401  -3.669  7.220   1.00 13.07 ? 352 LEU A C   1 
ATOM   247  O O   . LEU A 1 41  ? -3.778  -4.850  7.553   1.00 11.50 ? 352 LEU A O   1 
ATOM   248  C CB  . LEU A 1 41  ? -3.918  -3.540  4.781   1.00 12.01 ? 352 LEU A CB  1 
ATOM   249  C CG  . LEU A 1 41  ? -5.226  -2.806  4.973   1.00 12.63 ? 352 LEU A CG  1 
ATOM   250  C CD1 . LEU A 1 41  ? -4.977  -1.282  4.835   1.00 15.18 ? 352 LEU A CD1 1 
ATOM   251  C CD2 . LEU A 1 41  ? -6.137  -3.277  3.852   1.00 11.39 ? 352 LEU A CD2 1 
ATOM   252  N N   . THR A 1 42  ? -3.533  -2.653  8.042   1.00 13.20 ? 353 THR A N   1 
ATOM   253  C CA  . THR A 1 42  ? -4.178  -2.859  9.316   1.00 14.99 ? 353 THR A CA  1 
ATOM   254  C C   . THR A 1 42  ? -5.493  -2.084  9.259   1.00 17.33 ? 353 THR A C   1 
ATOM   255  O O   . THR A 1 42  ? -5.918  -1.571  8.184   1.00 16.92 ? 353 THR A O   1 
ATOM   256  C CB  . THR A 1 42  ? -3.346  -2.284  10.509  1.00 14.95 ? 353 THR A CB  1 
ATOM   257  O OG1 . THR A 1 42  ? -3.238  -0.865  10.393  1.00 12.31 ? 353 THR A OG1 1 
ATOM   258  C CG2 . THR A 1 42  ? -1.940  -2.832  10.537  1.00 16.77 ? 353 THR A CG2 1 
ATOM   259  N N   . GLY A 1 43  ? -6.142  -1.979  10.415  1.00 16.01 ? 354 GLY A N   1 
ATOM   260  C CA  . GLY A 1 43  ? -7.367  -1.146  10.494  1.00 15.75 ? 354 GLY A CA  1 
ATOM   261  C C   . GLY A 1 43  ? -7.098  0.355   10.382  1.00 17.43 ? 354 GLY A C   1 
ATOM   262  O O   . GLY A 1 43  ? -8.030  1.142   10.248  1.00 17.83 ? 354 GLY A O   1 
ATOM   263  N N   . ASN A 1 44  ? -5.839  0.786   10.451  1.00 16.74 ? 355 ASN A N   1 
ATOM   264  C CA  . ASN A 1 44  ? -5.591  2.221   10.305  1.00 17.30 ? 355 ASN A CA  1 
ATOM   265  C C   . ASN A 1 44  ? -4.400  2.671   9.517   1.00 16.39 ? 355 ASN A C   1 
ATOM   266  O O   . ASN A 1 44  ? -4.209  3.885   9.358   1.00 18.39 ? 355 ASN A O   1 
ATOM   267  C CB  . ASN A 1 44  ? -5.555  2.907   11.667  1.00 18.15 ? 355 ASN A CB  1 
ATOM   268  C CG  . ASN A 1 44  ? -4.448  2.392   12.530  1.00 19.71 ? 355 ASN A CG  1 
ATOM   269  O OD1 . ASN A 1 44  ? -3.295  2.240   12.099  1.00 16.98 ? 355 ASN A OD1 1 
ATOM   270  N ND2 . ASN A 1 44  ? -4.769  2.170   13.779  1.00 22.36 ? 355 ASN A ND2 1 
ATOM   271  N N   . SER A 1 45  ? -3.620  1.718   8.997   1.00 14.91 ? 356 SER A N   1 
ATOM   272  C CA  . SER A 1 45  ? -2.370  2.015   8.363   1.00 14.88 ? 356 SER A CA  1 
ATOM   273  C C   . SER A 1 45  ? -2.068  1.016   7.257   1.00 13.78 ? 356 SER A C   1 
ATOM   274  O O   . SER A 1 45  ? -2.642  -0.086  7.188   1.00 12.75 ? 356 SER A O   1 
ATOM   275  C CB  . SER A 1 45  ? -1.225  1.931   9.389   1.00 14.17 ? 356 SER A CB  1 
ATOM   276  O OG  . SER A 1 45  ? -1.347  2.935   10.409  1.00 14.34 ? 356 SER A OG  1 
ATOM   277  N N   . LEU A 1 46  ? -1.141  1.452   6.414   1.00 13.34 ? 357 LEU A N   1 
ATOM   278  C CA  . LEU A 1 46  ? -0.492  0.595   5.411   1.00 12.41 ? 357 LEU A CA  1 
ATOM   279  C C   . LEU A 1 46  ? 0.953   0.662   5.771   1.00 11.72 ? 357 LEU A C   1 
ATOM   280  O O   . LEU A 1 46  ? 1.498   1.735   5.945   1.00 10.31 ? 357 LEU A O   1 
ATOM   281  C CB  . LEU A 1 46  ? -0.789  1.118   3.973   1.00 11.49 ? 357 LEU A CB  1 
ATOM   282  C CG  . LEU A 1 46  ? -0.771  0.165   2.755   1.00 14.44 ? 357 LEU A CG  1 
ATOM   283  C CD1 . LEU A 1 46  ? -1.716  -1.030  2.949   1.00 10.42 ? 357 LEU A CD1 1 
ATOM   284  C CD2 . LEU A 1 46  ? -1.156  1.040   1.500   1.00 8.88  ? 357 LEU A CD2 1 
ATOM   285  N N   . VAL A 1 47  ? 1.622   -0.504  5.904   1.00 11.30 ? 358 VAL A N   1 
ATOM   286  C CA  . VAL A 1 47  ? 2.980   -0.557  6.297   1.00 9.50  ? 358 VAL A CA  1 
ATOM   287  C C   . VAL A 1 47  ? 3.725   -1.293  5.203   1.00 10.51 ? 358 VAL A C   1 
ATOM   288  O O   . VAL A 1 47  ? 3.189   -2.267  4.663   1.00 8.76  ? 358 VAL A O   1 
ATOM   289  C CB  . VAL A 1 47  ? 3.114   -1.294  7.658   1.00 10.15 ? 358 VAL A CB  1 
ATOM   290  C CG1 . VAL A 1 47  ? 4.574   -1.281  8.187   1.00 13.50 ? 358 VAL A CG1 1 
ATOM   291  C CG2 . VAL A 1 47  ? 2.112   -0.629  8.700   1.00 12.39 ? 358 VAL A CG2 1 
ATOM   292  N N   . PHE A 1 48  ? 4.886   -0.787  4.848   1.00 9.30  ? 359 PHE A N   1 
ATOM   293  C CA  . PHE A 1 48  ? 5.644   -1.274  3.750   1.00 12.97 ? 359 PHE A CA  1 
ATOM   294  C C   . PHE A 1 48  ? 6.948   -1.823  4.257   1.00 14.02 ? 359 PHE A C   1 
ATOM   295  O O   . PHE A 1 48  ? 7.656   -1.142  5.028   1.00 14.04 ? 359 PHE A O   1 
ATOM   296  C CB  . PHE A 1 48  ? 5.925   -0.175  2.758   1.00 12.54 ? 359 PHE A CB  1 
ATOM   297  C CG  . PHE A 1 48  ? 4.690   0.440   2.192   1.00 14.07 ? 359 PHE A CG  1 
ATOM   298  C CD1 . PHE A 1 48  ? 4.129   1.570   2.779   1.00 19.41 ? 359 PHE A CD1 1 
ATOM   299  C CD2 . PHE A 1 48  ? 4.083   -0.108  1.075   1.00 15.72 ? 359 PHE A CD2 1 
ATOM   300  C CE1 . PHE A 1 48  ? 3.007   2.135   2.256   1.00 15.16 ? 359 PHE A CE1 1 
ATOM   301  C CE2 . PHE A 1 48  ? 2.954   0.502   0.546   1.00 17.05 ? 359 PHE A CE2 1 
ATOM   302  C CZ  . PHE A 1 48  ? 2.413   1.573   1.191   1.00 15.20 ? 359 PHE A CZ  1 
ATOM   303  N N   . TYR A 1 49  ? 7.297   -3.015  3.759   1.00 14.28 ? 360 TYR A N   1 
ATOM   304  C CA  . TYR A 1 49  ? 8.530   -3.707  4.105   1.00 15.90 ? 360 TYR A CA  1 
ATOM   305  C C   . TYR A 1 49  ? 9.369   -3.925  2.867   1.00 17.25 ? 360 TYR A C   1 
ATOM   306  O O   . TYR A 1 49  ? 8.823   -4.098  1.769   1.00 18.03 ? 360 TYR A O   1 
ATOM   307  C CB  . TYR A 1 49  ? 8.244   -5.067  4.763   1.00 16.41 ? 360 TYR A CB  1 
ATOM   308  C CG  . TYR A 1 49  ? 7.624   -4.949  6.142   1.00 15.46 ? 360 TYR A CG  1 
ATOM   309  C CD1 . TYR A 1 49  ? 6.268   -4.762  6.279   1.00 11.39 ? 360 TYR A CD1 1 
ATOM   310  C CD2 . TYR A 1 49  ? 8.401   -5.047  7.290   1.00 12.73 ? 360 TYR A CD2 1 
ATOM   311  C CE1 . TYR A 1 49  ? 5.657   -4.682  7.565   1.00 15.13 ? 360 TYR A CE1 1 
ATOM   312  C CE2 . TYR A 1 49  ? 7.834   -4.967  8.537   1.00 17.27 ? 360 TYR A CE2 1 
ATOM   313  C CZ  . TYR A 1 49  ? 6.479   -4.769  8.681   1.00 15.95 ? 360 TYR A CZ  1 
ATOM   314  O OH  . TYR A 1 49  ? 5.946   -4.623  9.983   1.00 17.76 ? 360 TYR A OH  1 
ATOM   315  N N   . ARG A 1 50  ? 10.694  -3.891  3.035   1.00 18.42 ? 361 ARG A N   1 
ATOM   316  C CA  . ARG A 1 50  ? 11.590  -4.063  1.926   1.00 19.14 ? 361 ARG A CA  1 
ATOM   317  C C   . ARG A 1 50  ? 11.437  -5.462  1.347   1.00 20.51 ? 361 ARG A C   1 
ATOM   318  O O   . ARG A 1 50  ? 11.600  -5.644  0.156   1.00 20.62 ? 361 ARG A O   1 
ATOM   319  C CB  . ARG A 1 50  ? 13.031  -3.875  2.357   1.00 20.05 ? 361 ARG A CB  1 
ATOM   320  N N   . GLU A 1 51  ? 11.202  -6.444  2.218   1.00 21.32 ? 362 GLU A N   1 
ATOM   321  C CA  . GLU A 1 51  ? 10.862  -7.785  1.771   1.00 22.18 ? 362 GLU A CA  1 
ATOM   322  C C   . GLU A 1 51  ? 9.940   -8.513  2.711   1.00 20.70 ? 362 GLU A C   1 
ATOM   323  O O   . GLU A 1 51  ? 9.786   -8.125  3.859   1.00 18.34 ? 362 GLU A O   1 
ATOM   324  C CB  . GLU A 1 51  ? 12.104  -8.611  1.695   1.00 24.01 ? 362 GLU A CB  1 
ATOM   325  C CG  . GLU A 1 51  ? 12.956  -8.428  2.826   1.00 27.47 ? 362 GLU A CG  1 
ATOM   326  C CD  . GLU A 1 51  ? 14.339  -8.377  2.365   1.00 37.66 ? 362 GLU A CD  1 
ATOM   327  O OE1 . GLU A 1 51  ? 15.194  -8.136  3.246   1.00 42.29 ? 362 GLU A OE1 1 
ATOM   328  O OE2 . GLU A 1 51  ? 14.563  -8.567  1.111   1.00 41.50 ? 362 GLU A OE2 1 
ATOM   329  N N   . PRO A 1 52  ? 9.392   -9.640  2.229   1.00 20.43 ? 363 PRO A N   1 
ATOM   330  C CA  . PRO A 1 52  ? 8.419   -10.415 2.899   1.00 21.02 ? 363 PRO A CA  1 
ATOM   331  C C   . PRO A 1 52  ? 9.101   -11.183 4.041   1.00 22.79 ? 363 PRO A C   1 
ATOM   332  O O   . PRO A 1 52  ? 10.313  -11.344 4.015   1.00 21.83 ? 363 PRO A O   1 
ATOM   333  C CB  . PRO A 1 52  ? 7.883   -11.322 1.788   1.00 19.96 ? 363 PRO A CB  1 
ATOM   334  C CG  . PRO A 1 52  ? 8.989   -11.477 0.834   1.00 20.07 ? 363 PRO A CG  1 
ATOM   335  C CD  . PRO A 1 52  ? 9.787   -10.234 0.933   1.00 21.43 ? 363 PRO A CD  1 
ATOM   336  N N   . PRO A 1 53  ? 8.322   -11.615 5.045   1.00 24.92 ? 364 PRO A N   1 
ATOM   337  C CA  . PRO A 1 53  ? 8.760   -12.417 6.199   1.00 25.77 ? 364 PRO A CA  1 
ATOM   338  C C   . PRO A 1 53  ? 9.642   -13.621 5.826   1.00 27.48 ? 364 PRO A C   1 
ATOM   339  O O   . PRO A 1 53  ? 9.579   -14.143 4.695   1.00 28.54 ? 364 PRO A O   1 
ATOM   340  C CB  . PRO A 1 53  ? 7.455   -12.906 6.774   1.00 24.78 ? 364 PRO A CB  1 
ATOM   341  C CG  . PRO A 1 53  ? 6.506   -11.752 6.516   1.00 26.10 ? 364 PRO A CG  1 
ATOM   342  C CD  . PRO A 1 53  ? 6.866   -11.381 5.101   1.00 25.85 ? 364 PRO A CD  1 
ATOM   343  N N   . PRO A 1 54  ? 10.512  -14.011 6.755   1.00 27.73 ? 365 PRO A N   1 
ATOM   344  C CA  . PRO A 1 54  ? 11.324  -15.195 6.564   1.00 28.78 ? 365 PRO A CA  1 
ATOM   345  C C   . PRO A 1 54  ? 10.451  -16.475 6.405   1.00 29.04 ? 365 PRO A C   1 
ATOM   346  O O   . PRO A 1 54  ? 10.899  -17.488 5.856   1.00 27.96 ? 365 PRO A O   1 
ATOM   347  C CB  . PRO A 1 54  ? 12.152  -15.217 7.860   1.00 28.55 ? 365 PRO A CB  1 
ATOM   348  C CG  . PRO A 1 54  ? 11.348  -14.389 8.849   1.00 26.62 ? 365 PRO A CG  1 
ATOM   349  C CD  . PRO A 1 54  ? 10.834  -13.314 8.026   1.00 27.26 ? 365 PRO A CD  1 
ATOM   350  N N   . THR A 1 55  ? 9.216   -16.409 6.911   1.00 28.40 ? 366 THR A N   1 
ATOM   351  C CA  . THR A 1 55  ? 8.361   -17.576 6.958   1.00 27.84 ? 366 THR A CA  1 
ATOM   352  C C   . THR A 1 55  ? 7.022   -17.093 7.456   1.00 27.28 ? 366 THR A C   1 
ATOM   353  O O   . THR A 1 55  ? 6.940   -15.979 7.928   1.00 26.04 ? 366 THR A O   1 
ATOM   354  C CB  . THR A 1 55  ? 8.873   -18.597 7.979   1.00 27.79 ? 366 THR A CB  1 
ATOM   355  O OG1 . THR A 1 55  ? 8.080   -19.775 7.890   1.00 24.34 ? 366 THR A OG1 1 
ATOM   356  C CG2 . THR A 1 55  ? 8.705   -18.032 9.408   1.00 28.54 ? 366 THR A CG2 1 
ATOM   357  N N   . ALA A 1 56  ? 6.008   -17.969 7.364   1.00 27.15 ? 367 ALA A N   1 
ATOM   358  C CA  . ALA A 1 56  ? 4.634   -17.682 7.797   1.00 26.28 ? 367 ALA A CA  1 
ATOM   359  C C   . ALA A 1 56  ? 4.217   -16.306 7.307   1.00 25.99 ? 367 ALA A C   1 
ATOM   360  O O   . ALA A 1 56  ? 3.835   -15.454 8.123   1.00 26.41 ? 367 ALA A O   1 
ATOM   361  C CB  . ALA A 1 56  ? 4.488   -17.787 9.308   1.00 25.73 ? 367 ALA A CB  1 
ATOM   362  N N   . PRO A 1 57  ? 4.312   -16.082 5.958   1.00 25.30 ? 368 PRO A N   1 
ATOM   363  C CA  . PRO A 1 57  ? 3.930   -14.787 5.395   1.00 24.41 ? 368 PRO A CA  1 
ATOM   364  C C   . PRO A 1 57  ? 2.450   -14.455 5.554   1.00 25.98 ? 368 PRO A C   1 
ATOM   365  O O   . PRO A 1 57  ? 2.095   -13.275 5.611   1.00 25.65 ? 368 PRO A O   1 
ATOM   366  C CB  . PRO A 1 57  ? 4.323   -14.927 3.933   1.00 23.67 ? 368 PRO A CB  1 
ATOM   367  C CG  . PRO A 1 57  ? 4.248   -16.433 3.659   1.00 25.12 ? 368 PRO A CG  1 
ATOM   368  C CD  . PRO A 1 57  ? 4.812   -17.004 4.909   1.00 25.47 ? 368 PRO A CD  1 
ATOM   369  N N   . SER A 1 58  ? 1.585   -15.458 5.684   1.00 27.21 ? 369 SER A N   1 
ATOM   370  C CA  . SER A 1 58  ? 0.150   -15.180 5.844   1.00 28.58 ? 369 SER A CA  1 
ATOM   371  C C   . SER A 1 58  ? -0.145  -14.407 7.146   1.00 30.24 ? 369 SER A C   1 
ATOM   372  O O   . SER A 1 58  ? -1.208  -13.776 7.284   1.00 30.77 ? 369 SER A O   1 
ATOM   373  C CB  . SER A 1 58  ? -0.677  -16.459 5.749   1.00 28.38 ? 369 SER A CB  1 
ATOM   374  O OG  . SER A 1 58  ? -0.073  -17.496 6.548   1.00 29.50 ? 369 SER A OG  1 
ATOM   375  N N   . SER A 1 59  ? 0.804   -14.421 8.086   1.00 31.00 ? 370 SER A N   1 
ATOM   376  C CA  . SER A 1 59  ? 0.649   -13.691 9.359   1.00 30.13 ? 370 SER A CA  1 
ATOM   377  C C   . SER A 1 59  ? 0.832   -12.149 9.263   1.00 29.24 ? 370 SER A C   1 
ATOM   378  O O   . SER A 1 59  ? 0.668   -11.415 10.250  1.00 30.03 ? 370 SER A O   1 
ATOM   379  C CB  . SER A 1 59  ? 1.591   -14.261 10.403  1.00 29.15 ? 370 SER A CB  1 
ATOM   380  O OG  . SER A 1 59  ? 2.891   -13.693 10.261  1.00 31.72 ? 370 SER A OG  1 
ATOM   381  N N   . GLY A 1 60  ? 1.236   -11.653 8.104   1.00 28.74 ? 371 GLY A N   1 
ATOM   382  C CA  . GLY A 1 60  ? 1.277   -10.223 7.930   1.00 26.04 ? 371 GLY A CA  1 
ATOM   383  C C   . GLY A 1 60  ? 2.562   -9.592  8.395   1.00 24.28 ? 371 GLY A C   1 
ATOM   384  O O   . GLY A 1 60  ? 3.429   -9.234  7.576   1.00 24.17 ? 371 GLY A O   1 
ATOM   385  N N   . TRP A 1 61  ? 2.710   -9.442  9.712   1.00 23.33 ? 372 TRP A N   1 
ATOM   386  C CA  . TRP A 1 61  ? 3.855   -8.696  10.271  1.00 22.14 ? 372 TRP A CA  1 
ATOM   387  C C   . TRP A 1 61  ? 5.170   -9.397  10.183  1.00 22.33 ? 372 TRP A C   1 
ATOM   388  O O   . TRP A 1 61  ? 6.208   -8.736  10.213  1.00 23.71 ? 372 TRP A O   1 
ATOM   389  C CB  . TRP A 1 61  ? 3.653   -8.485  11.759  1.00 21.66 ? 372 TRP A CB  1 
ATOM   390  C CG  . TRP A 1 61  ? 2.476   -7.721  12.107  1.00 20.34 ? 372 TRP A CG  1 
ATOM   391  C CD1 . TRP A 1 61  ? 1.409   -8.153  12.889  1.00 20.22 ? 372 TRP A CD1 1 
ATOM   392  C CD2 . TRP A 1 61  ? 2.224   -6.352  11.808  1.00 18.45 ? 372 TRP A CD2 1 
ATOM   393  N NE1 . TRP A 1 61  ? 0.496   -7.152  13.014  1.00 20.54 ? 372 TRP A NE1 1 
ATOM   394  C CE2 . TRP A 1 61  ? 0.974   -6.030  12.380  1.00 17.94 ? 372 TRP A CE2 1 
ATOM   395  C CE3 . TRP A 1 61  ? 2.889   -5.384  11.043  1.00 17.49 ? 372 TRP A CE3 1 
ATOM   396  C CZ2 . TRP A 1 61  ? 0.395   -4.755  12.269  1.00 20.55 ? 372 TRP A CZ2 1 
ATOM   397  C CZ3 . TRP A 1 61  ? 2.308   -4.088  10.937  1.00 18.30 ? 372 TRP A CZ3 1 
ATOM   398  C CH2 . TRP A 1 61  ? 1.076   -3.806  11.539  1.00 20.63 ? 372 TRP A CH2 1 
ATOM   399  N N   . GLY A 1 62  ? 5.153   -10.731 10.180  1.00 22.36 ? 373 GLY A N   1 
ATOM   400  C CA  . GLY A 1 62  ? 6.406   -11.506 10.380  1.00 24.11 ? 373 GLY A CA  1 
ATOM   401  C C   . GLY A 1 62  ? 6.973   -11.331 11.787  1.00 23.96 ? 373 GLY A C   1 
ATOM   402  O O   . GLY A 1 62  ? 6.241   -10.913 12.698  1.00 24.53 ? 373 GLY A O   1 
ATOM   403  N N   . PRO A 1 63  ? 8.277   -11.648 11.997  1.00 24.05 ? 374 PRO A N   1 
ATOM   404  C CA  . PRO A 1 63  ? 8.819   -11.474 13.345  1.00 23.08 ? 374 PRO A CA  1 
ATOM   405  C C   . PRO A 1 63  ? 8.725   -10.023 13.830  1.00 22.73 ? 374 PRO A C   1 
ATOM   406  O O   . PRO A 1 63  ? 8.809   -9.061  13.041  1.00 22.34 ? 374 PRO A O   1 
ATOM   407  C CB  . PRO A 1 63  ? 10.281  -11.867 13.176  1.00 23.01 ? 374 PRO A CB  1 
ATOM   408  C CG  . PRO A 1 63  ? 10.259  -12.793 12.029  1.00 23.24 ? 374 PRO A CG  1 
ATOM   409  C CD  . PRO A 1 63  ? 9.312   -12.153 11.077  1.00 23.60 ? 374 PRO A CD  1 
ATOM   410  N N   . ALA A 1 64  ? 8.523   -9.853  15.122  1.00 21.82 ? 375 ALA A N   1 
ATOM   411  C CA  . ALA A 1 64  ? 8.364   -8.529  15.669  1.00 20.39 ? 375 ALA A CA  1 
ATOM   412  C C   . ALA A 1 64  ? 9.597   -7.616  15.468  1.00 20.31 ? 375 ALA A C   1 
ATOM   413  O O   . ALA A 1 64  ? 9.439   -6.425  15.359  1.00 20.14 ? 375 ALA A O   1 
ATOM   414  C CB  . ALA A 1 64  ? 7.971   -8.618  17.106  1.00 21.00 ? 375 ALA A CB  1 
ATOM   415  N N   . GLY A 1 65  ? 10.795  -8.180  15.351  1.00 18.40 ? 376 GLY A N   1 
ATOM   416  C CA  . GLY A 1 65  ? 11.984  -7.414  15.129  1.00 18.29 ? 376 GLY A CA  1 
ATOM   417  C C   . GLY A 1 65  ? 12.217  -6.951  13.680  1.00 19.86 ? 376 GLY A C   1 
ATOM   418  O O   . GLY A 1 65  ? 13.150  -6.155  13.417  1.00 18.92 ? 376 GLY A O   1 
ATOM   419  N N   . SER A 1 66  ? 11.352  -7.405  12.784  1.00 19.91 ? 377 SER A N   1 
ATOM   420  C CA  . SER A 1 66  ? 11.392  -7.045  11.374  1.00 23.58 ? 377 SER A CA  1 
ATOM   421  C C   . SER A 1 66  ? 10.954  -5.596  11.230  1.00 24.81 ? 377 SER A C   1 
ATOM   422  O O   . SER A 1 66  ? 9.834   -5.252  11.576  1.00 27.69 ? 377 SER A O   1 
ATOM   423  C CB  . SER A 1 66  ? 10.460  -7.944  10.587  1.00 23.75 ? 377 SER A CB  1 
ATOM   424  O OG  . SER A 1 66  ? 11.096  -9.197  10.432  1.00 28.22 ? 377 SER A OG  1 
ATOM   425  N N   . ARG A 1 67  ? 11.841  -4.743  10.741  1.00 24.72 ? 378 ARG A N   1 
ATOM   426  C CA  . ARG A 1 67  ? 11.485  -3.330  10.585  1.00 23.79 ? 378 ARG A CA  1 
ATOM   427  C C   . ARG A 1 67  ? 10.953  -2.914  9.191   1.00 23.21 ? 378 ARG A C   1 
ATOM   428  O O   . ARG A 1 67  ? 11.570  -3.242  8.143   1.00 23.28 ? 378 ARG A O   1 
ATOM   429  C CB  . ARG A 1 67  ? 12.683  -2.451  11.011  1.00 24.53 ? 378 ARG A CB  1 
ATOM   430  N N   . PRO A 1 68  ? 9.850   -2.123  9.188   1.00 21.00 ? 379 PRO A N   1 
ATOM   431  C CA  . PRO A 1 68  ? 9.243   -1.556  8.011   1.00 20.71 ? 379 PRO A CA  1 
ATOM   432  C C   . PRO A 1 68  ? 10.078  -0.421  7.424   1.00 20.96 ? 379 PRO A C   1 
ATOM   433  O O   . PRO A 1 68  ? 10.861  0.185   8.130   1.00 19.33 ? 379 PRO A O   1 
ATOM   434  C CB  . PRO A 1 68  ? 7.904   -0.973  8.520   1.00 18.51 ? 379 PRO A CB  1 
ATOM   435  C CG  . PRO A 1 68  ? 7.776   -1.238  9.906   1.00 21.06 ? 379 PRO A CG  1 
ATOM   436  C CD  . PRO A 1 68  ? 9.129   -1.734  10.421  1.00 21.66 ? 379 PRO A CD  1 
ATOM   437  N N   . GLU A 1 69  ? 9.941   -0.139  6.137   1.00 21.30 ? 380 GLU A N   1 
ATOM   438  C CA  . GLU A 1 69  ? 10.597  1.037   5.607   1.00 22.20 ? 380 GLU A CA  1 
ATOM   439  C C   . GLU A 1 69  ? 9.732   2.238   5.872   1.00 21.97 ? 380 GLU A C   1 
ATOM   440  O O   . GLU A 1 69  ? 10.240  3.342   6.055   1.00 20.50 ? 380 GLU A O   1 
ATOM   441  C CB  . GLU A 1 69  ? 10.876  0.900   4.087   1.00 24.21 ? 380 GLU A CB  1 
ATOM   442  C CG  . GLU A 1 69  ? 9.709   0.283   3.310   1.00 32.07 ? 380 GLU A CG  1 
ATOM   443  C CD  . GLU A 1 69  ? 9.390   0.908   1.925   1.00 41.48 ? 380 GLU A CD  1 
ATOM   444  O OE1 . GLU A 1 69  ? 9.489   0.128   0.915   1.00 45.48 ? 380 GLU A OE1 1 
ATOM   445  O OE2 . GLU A 1 69  ? 8.990   2.127   1.867   1.00 41.41 ? 380 GLU A OE2 1 
ATOM   446  N N   . SER A 1 70  ? 8.410   2.047   5.848   1.00 19.92 ? 381 SER A N   1 
ATOM   447  C CA  . SER A 1 70  ? 7.522   3.188   5.985   1.00 20.29 ? 381 SER A CA  1 
ATOM   448  C C   . SER A 1 70  ? 6.103   2.697   6.185   1.00 19.06 ? 381 SER A C   1 
ATOM   449  O O   . SER A 1 70  ? 5.805   1.509   5.978   1.00 20.12 ? 381 SER A O   1 
ATOM   450  C CB  . SER A 1 70  ? 7.633   4.122   4.755   1.00 20.87 ? 381 SER A CB  1 
ATOM   451  O OG  . SER A 1 70  ? 6.887   3.557   3.665   1.00 22.01 ? 381 SER A OG  1 
ATOM   452  N N   . SER A 1 71  ? 5.230   3.615   6.590   1.00 18.49 ? 382 SER A N   1 
ATOM   453  C CA  . SER A 1 71  ? 3.819   3.381   6.684   1.00 17.69 ? 382 SER A CA  1 
ATOM   454  C C   . SER A 1 71  ? 3.046   4.689   6.506   1.00 18.38 ? 382 SER A C   1 
ATOM   455  O O   . SER A 1 71  ? 3.622   5.782   6.627   1.00 17.74 ? 382 SER A O   1 
ATOM   456  C CB  . SER A 1 71  ? 3.501   2.750   8.032   1.00 19.22 ? 382 SER A CB  1 
ATOM   457  O OG  . SER A 1 71  ? 3.636   3.653   9.077   1.00 19.86 ? 382 SER A OG  1 
ATOM   458  N N   . VAL A 1 72  ? 1.778   4.577   6.139   1.00 15.82 ? 383 VAL A N   1 
ATOM   459  C CA  . VAL A 1 72  ? 0.933   5.766   6.068   1.00 16.36 ? 383 VAL A CA  1 
ATOM   460  C C   . VAL A 1 72  ? -0.351  5.589   6.861   1.00 15.69 ? 383 VAL A C   1 
ATOM   461  O O   . VAL A 1 72  ? -0.880  4.501   6.968   1.00 15.78 ? 383 VAL A O   1 
ATOM   462  C CB  . VAL A 1 72  ? 0.592   6.118   4.599   1.00 16.70 ? 383 VAL A CB  1 
ATOM   463  C CG1 . VAL A 1 72  ? 1.854   6.508   3.834   1.00 15.45 ? 383 VAL A CG1 1 
ATOM   464  C CG2 . VAL A 1 72  ? -0.071  4.970   3.913   1.00 11.68 ? 383 VAL A CG2 1 
ATOM   465  N N   . ASP A 1 73  ? -0.864  6.719   7.344   1.00 14.82 ? 384 ASP A N   1 
ATOM   466  C CA  . ASP A 1 73  ? -2.175  6.796   7.974   1.00 16.39 ? 384 ASP A CA  1 
ATOM   467  C C   . ASP A 1 73  ? -3.284  6.776   6.950   1.00 15.57 ? 384 ASP A C   1 
ATOM   468  O O   . ASP A 1 73  ? -3.349  7.651   6.062   1.00 16.64 ? 384 ASP A O   1 
ATOM   469  C CB  . ASP A 1 73  ? -2.195  8.102   8.783   1.00 16.29 ? 384 ASP A CB  1 
ATOM   470  C CG  . ASP A 1 73  ? -3.414  8.254   9.639   1.00 20.30 ? 384 ASP A CG  1 
ATOM   471  O OD1 . ASP A 1 73  ? -4.419  7.541   9.474   1.00 21.29 ? 384 ASP A OD1 1 
ATOM   472  O OD2 . ASP A 1 73  ? -3.323  9.088   10.552  1.00 20.24 ? 384 ASP A OD2 1 
ATOM   473  N N   . LEU A 1 74  ? -4.236  5.851   7.111   1.00 15.38 ? 385 LEU A N   1 
ATOM   474  C CA  . LEU A 1 74  ? -5.309  5.696   6.117   1.00 15.08 ? 385 LEU A CA  1 
ATOM   475  C C   . LEU A 1 74  ? -6.555  6.565   6.386   1.00 16.69 ? 385 LEU A C   1 
ATOM   476  O O   . LEU A 1 74  ? -7.400  6.678   5.525   1.00 15.88 ? 385 LEU A O   1 
ATOM   477  C CB  . LEU A 1 74  ? -5.687  4.225   5.885   1.00 15.90 ? 385 LEU A CB  1 
ATOM   478  C CG  . LEU A 1 74  ? -4.561  3.375   5.217   1.00 15.65 ? 385 LEU A CG  1 
ATOM   479  C CD1 . LEU A 1 74  ? -4.987  1.853   5.158   1.00 16.99 ? 385 LEU A CD1 1 
ATOM   480  C CD2 . LEU A 1 74  ? -4.231  3.897   3.803   1.00 18.46 ? 385 LEU A CD2 1 
ATOM   481  N N   . ARG A 1 75  ? -6.641  7.198   7.570   1.00 17.68 ? 386 ARG A N   1 
ATOM   482  C CA  . ARG A 1 75  ? -7.759  8.076   7.870   1.00 19.30 ? 386 ARG A CA  1 
ATOM   483  C C   . ARG A 1 75  ? -7.835  9.148   6.832   1.00 17.41 ? 386 ARG A C   1 
ATOM   484  O O   . ARG A 1 75  ? -6.878  9.928   6.647   1.00 17.89 ? 386 ARG A O   1 
ATOM   485  C CB  . ARG A 1 75  ? -7.658  8.736   9.240   1.00 18.46 ? 386 ARG A CB  1 
ATOM   486  C CG  . ARG A 1 75  ? -7.694  7.797   10.379  1.00 23.53 ? 386 ARG A CG  1 
ATOM   487  C CD  . ARG A 1 75  ? -7.545  8.527   11.754  1.00 23.46 ? 386 ARG A CD  1 
ATOM   488  N NE  . ARG A 1 75  ? -7.517  7.531   12.818  1.00 26.99 ? 386 ARG A NE  1 
ATOM   489  C CZ  . ARG A 1 75  ? -6.475  6.723   12.997  1.00 27.34 ? 386 ARG A CZ  1 
ATOM   490  N NH1 . ARG A 1 75  ? -5.462  6.850   12.177  1.00 24.57 ? 386 ARG A NH1 1 
ATOM   491  N NH2 . ARG A 1 75  ? -6.461  5.782   13.938  1.00 23.07 ? 386 ARG A NH2 1 
ATOM   492  N N   . GLY A 1 76  ? -8.993  9.200   6.195   1.00 16.58 ? 387 GLY A N   1 
ATOM   493  C CA  . GLY A 1 76  ? -9.278  10.160  5.163   1.00 16.86 ? 387 GLY A CA  1 
ATOM   494  C C   . GLY A 1 76  ? -8.443  10.094  3.921   1.00 16.42 ? 387 GLY A C   1 
ATOM   495  O O   . GLY A 1 76  ? -8.383  11.052  3.143   1.00 16.97 ? 387 GLY A O   1 
ATOM   496  N N   . ALA A 1 77  ? -7.769  8.973   3.721   1.00 17.87 ? 388 ALA A N   1 
ATOM   497  C CA  . ALA A 1 77  ? -7.029  8.739   2.497   1.00 16.07 ? 388 ALA A CA  1 
ATOM   498  C C   . ALA A 1 77  ? -7.962  8.643   1.310   1.00 16.88 ? 388 ALA A C   1 
ATOM   499  O O   . ALA A 1 77  ? -9.124  8.250   1.467   1.00 15.57 ? 388 ALA A O   1 
ATOM   500  C CB  . ALA A 1 77  ? -6.206  7.438   2.617   1.00 16.46 ? 388 ALA A CB  1 
ATOM   501  N N   . ALA A 1 78  ? -7.405  8.890   0.098   1.00 14.27 ? 389 ALA A N   1 
ATOM   502  C CA  . ALA A 1 78  ? -8.196  8.838   -1.161  1.00 15.32 ? 389 ALA A CA  1 
ATOM   503  C C   . ALA A 1 78  ? -7.700  7.793   -2.088  1.00 13.55 ? 389 ALA A C   1 
ATOM   504  O O   . ALA A 1 78  ? -6.493  7.613   -2.218  1.00 13.84 ? 389 ALA A O   1 
ATOM   505  C CB  . ALA A 1 78  ? -8.237  10.225  -1.863  1.00 13.94 ? 389 ALA A CB  1 
ATOM   506  N N   . LEU A 1 79  ? -8.627  7.023   -2.653  1.00 14.63 ? 390 LEU A N   1 
ATOM   507  C CA  . LEU A 1 79  ? -8.293  5.990   -3.625  1.00 16.06 ? 390 LEU A CA  1 
ATOM   508  C C   . LEU A 1 79  ? -8.700  6.366   -5.022  1.00 18.49 ? 390 LEU A C   1 
ATOM   509  O O   . LEU A 1 79  ? -9.759  6.984   -5.176  1.00 17.28 ? 390 LEU A O   1 
ATOM   510  C CB  . LEU A 1 79  ? -9.088  4.739   -3.305  1.00 18.37 ? 390 LEU A CB  1 
ATOM   511  C CG  . LEU A 1 79  ? -8.342  3.655   -2.532  1.00 16.20 ? 390 LEU A CG  1 
ATOM   512  C CD1 . LEU A 1 79  ? -7.245  4.117   -1.628  1.00 19.87 ? 390 LEU A CD1 1 
ATOM   513  C CD2 . LEU A 1 79  ? -9.271  2.743   -1.851  1.00 18.08 ? 390 LEU A CD2 1 
ATOM   514  N N   . ALA A 1 80  ? -7.935  5.915   -6.040  1.00 15.04 ? 391 ALA A N   1 
ATOM   515  C CA  . ALA A 1 80  ? -8.244  6.193   -7.443  1.00 17.31 ? 391 ALA A CA  1 
ATOM   516  C C   . ALA A 1 80  ? -7.421  5.295   -8.322  1.00 17.09 ? 391 ALA A C   1 
ATOM   517  O O   . ALA A 1 80  ? -6.319  4.903   -7.947  1.00 15.53 ? 391 ALA A O   1 
ATOM   518  C CB  . ALA A 1 80  ? -7.906  7.677   -7.856  1.00 17.20 ? 391 ALA A CB  1 
ATOM   519  N N   . HIS A 1 81  ? -7.940  5.064   -9.517  1.00 16.95 ? 392 HIS A N   1 
ATOM   520  C CA  . HIS A 1 81  ? -7.268  4.285   -10.523 1.00 18.27 ? 392 HIS A CA  1 
ATOM   521  C C   . HIS A 1 81  ? -6.022  5.044   -10.885 1.00 17.99 ? 392 HIS A C   1 
ATOM   522  O O   . HIS A 1 81  ? -6.044  6.287   -10.984 1.00 18.65 ? 392 HIS A O   1 
ATOM   523  C CB  . HIS A 1 81  ? -8.227  4.122   -11.727 1.00 19.33 ? 392 HIS A CB  1 
ATOM   524  C CG  . HIS A 1 81  ? -7.749  3.138   -12.731 1.00 20.87 ? 392 HIS A CG  1 
ATOM   525  N ND1 . HIS A 1 81  ? -8.456  1.996   -13.048 1.00 22.56 ? 392 HIS A ND1 1 
ATOM   526  C CD2 . HIS A 1 81  ? -6.612  3.103   -13.464 1.00 19.42 ? 392 HIS A CD2 1 
ATOM   527  C CE1 . HIS A 1 81  ? -7.775  1.301   -13.950 1.00 19.82 ? 392 HIS A CE1 1 
ATOM   528  N NE2 . HIS A 1 81  ? -6.654  1.952   -14.221 1.00 24.50 ? 392 HIS A NE2 1 
ATOM   529  N N   . GLY A 1 82  ? -4.915  4.313   -11.056 1.00 16.33 ? 393 GLY A N   1 
ATOM   530  C CA  . GLY A 1 82  ? -3.652  4.953   -11.340 1.00 15.61 ? 393 GLY A CA  1 
ATOM   531  C C   . GLY A 1 82  ? -3.305  5.192   -12.787 1.00 15.35 ? 393 GLY A C   1 
ATOM   532  O O   . GLY A 1 82  ? -2.141  5.376   -13.115 1.00 13.72 ? 393 GLY A O   1 
ATOM   533  N N   . ARG A 1 83  ? -4.313  5.323   -13.645 1.00 16.08 ? 394 ARG A N   1 
ATOM   534  C CA  . ARG A 1 83  ? -4.101  5.373   -15.091 1.00 15.22 ? 394 ARG A CA  1 
ATOM   535  C C   . ARG A 1 83  ? -3.312  6.573   -15.582 1.00 16.32 ? 394 ARG A C   1 
ATOM   536  O O   . ARG A 1 83  ? -2.543  6.482   -16.585 1.00 15.70 ? 394 ARG A O   1 
ATOM   537  C CB  . ARG A 1 83  ? -5.444  5.228   -15.872 1.00 15.10 ? 394 ARG A CB  1 
ATOM   538  C CG  . ARG A 1 83  ? -6.567  6.166   -15.420 1.00 15.22 ? 394 ARG A CG  1 
ATOM   539  C CD  . ARG A 1 83  ? -7.722  6.184   -16.426 1.00 15.53 ? 394 ARG A CD  1 
ATOM   540  N NE  . ARG A 1 83  ? -8.228  4.846   -16.610 1.00 16.65 ? 394 ARG A NE  1 
ATOM   541  C CZ  . ARG A 1 83  ? -9.165  4.303   -15.852 1.00 24.40 ? 394 ARG A CZ  1 
ATOM   542  N NH1 . ARG A 1 83  ? -9.704  5.036   -14.876 1.00 22.75 ? 394 ARG A NH1 1 
ATOM   543  N NH2 . ARG A 1 83  ? -9.559  3.035   -16.069 1.00 19.41 ? 394 ARG A NH2 1 
ATOM   544  N N   . HIS A 1 84  ? -3.466  7.687   -14.884 1.00 15.48 ? 395 HIS A N   1 
ATOM   545  C CA  . HIS A 1 84  ? -2.891  8.925   -15.340 1.00 17.25 ? 395 HIS A CA  1 
ATOM   546  C C   . HIS A 1 84  ? -1.495  9.084   -14.836 1.00 16.16 ? 395 HIS A C   1 
ATOM   547  O O   . HIS A 1 84  ? -0.825  10.037  -15.242 1.00 18.55 ? 395 HIS A O   1 
ATOM   548  C CB  . HIS A 1 84  ? -3.680  10.101  -14.743 1.00 19.39 ? 395 HIS A CB  1 
ATOM   549  C CG  . HIS A 1 84  ? -5.109  10.113  -15.146 1.00 22.41 ? 395 HIS A CG  1 
ATOM   550  N ND1 . HIS A 1 84  ? -5.502  10.187  -16.465 1.00 27.84 ? 395 HIS A ND1 1 
ATOM   551  C CD2 . HIS A 1 84  ? -6.240  10.005  -14.419 1.00 26.99 ? 395 HIS A CD2 1 
ATOM   552  C CE1 . HIS A 1 84  ? -6.820  10.184  -16.523 1.00 27.67 ? 395 HIS A CE1 1 
ATOM   553  N NE2 . HIS A 1 84  ? -7.287  10.060  -15.297 1.00 29.46 ? 395 HIS A NE2 1 
ATOM   554  N N   . LEU A 1 85  ? -1.077  8.185   -13.944 1.00 13.87 ? 396 LEU A N   1 
ATOM   555  C CA  . LEU A 1 85  ? 0.235   8.235   -13.340 1.00 14.69 ? 396 LEU A CA  1 
ATOM   556  C C   . LEU A 1 85  ? 1.130   7.076   -13.694 1.00 14.11 ? 396 LEU A C   1 
ATOM   557  O O   . LEU A 1 85  ? 2.347   7.178   -13.534 1.00 12.90 ? 396 LEU A O   1 
ATOM   558  C CB  . LEU A 1 85  ? 0.100   8.306   -11.828 1.00 16.19 ? 396 LEU A CB  1 
ATOM   559  C CG  . LEU A 1 85  ? -0.813  9.346   -11.212 1.00 19.72 ? 396 LEU A CG  1 
ATOM   560  C CD1 . LEU A 1 85  ? -0.903  9.116   -9.698  1.00 22.18 ? 396 LEU A CD1 1 
ATOM   561  C CD2 . LEU A 1 85  ? -0.317  10.776  -11.514 1.00 22.33 ? 396 LEU A CD2 1 
ATOM   562  N N   . SER A 1 86  ? 0.593   6.019   -14.307 1.00 11.99 ? 397 SER A N   1 
ATOM   563  C CA  . SER A 1 86  ? 1.472   4.865   -14.730 1.00 14.30 ? 397 SER A CA  1 
ATOM   564  C C   . SER A 1 86  ? 0.867   4.154   -15.947 1.00 15.24 ? 397 SER A C   1 
ATOM   565  O O   . SER A 1 86  ? -0.331  4.195   -16.138 1.00 14.37 ? 397 SER A O   1 
ATOM   566  C CB  . SER A 1 86  ? 1.545   3.831   -13.617 1.00 14.96 ? 397 SER A CB  1 
ATOM   567  O OG  . SER A 1 86  ? 2.381   2.771   -13.997 1.00 14.17 ? 397 SER A OG  1 
ATOM   568  N N   . SER A 1 87  ? 1.679   3.498   -16.775 1.00 16.31 ? 398 SER A N   1 
ATOM   569  C CA  . SER A 1 87  ? 1.093   2.756   -17.894 1.00 17.21 ? 398 SER A CA  1 
ATOM   570  C C   . SER A 1 87  ? 0.885   1.301   -17.479 1.00 16.12 ? 398 SER A C   1 
ATOM   571  O O   . SER A 1 87  ? 0.454   0.516   -18.292 1.00 18.45 ? 398 SER A O   1 
ATOM   572  C CB  . SER A 1 87  ? 2.042   2.742   -19.093 1.00 17.91 ? 398 SER A CB  1 
ATOM   573  O OG  . SER A 1 87  ? 3.152   1.936   -18.696 1.00 18.69 ? 398 SER A OG  1 
ATOM   574  N N   . ARG A 1 88  ? 1.169   0.946   -16.227 1.00 16.25 ? 399 ARG A N   1 
ATOM   575  C CA  . ARG A 1 88  ? 1.109   -0.457  -15.759 1.00 14.35 ? 399 ARG A CA  1 
ATOM   576  C C   . ARG A 1 88  ? -0.333  -0.823  -15.725 1.00 15.48 ? 399 ARG A C   1 
ATOM   577  O O   . ARG A 1 88  ? -1.160  -0.014  -15.316 1.00 13.28 ? 399 ARG A O   1 
ATOM   578  C CB  . ARG A 1 88  ? 1.726   -0.593  -14.358 1.00 15.55 ? 399 ARG A CB  1 
ATOM   579  C CG  . ARG A 1 88  ? 3.195   -0.338  -14.453 1.00 16.33 ? 399 ARG A CG  1 
ATOM   580  C CD  . ARG A 1 88  ? 4.012   -0.801  -13.283 1.00 16.37 ? 399 ARG A CD  1 
ATOM   581  N NE  . ARG A 1 88  ? 5.392   -0.541  -13.566 1.00 14.85 ? 399 ARG A NE  1 
ATOM   582  C CZ  . ARG A 1 88  ? 6.401   -1.141  -12.958 1.00 16.53 ? 399 ARG A CZ  1 
ATOM   583  N NH1 . ARG A 1 88  ? 6.166   -2.030  -12.026 1.00 18.98 ? 399 ARG A NH1 1 
ATOM   584  N NH2 . ARG A 1 88  ? 7.629   -0.811  -13.268 1.00 16.32 ? 399 ARG A NH2 1 
ATOM   585  N N   . ARG A 1 89  ? -0.672  -2.025  -16.190 1.00 15.05 ? 400 ARG A N   1 
ATOM   586  C CA  . ARG A 1 89  ? -2.094  -2.387  -16.229 1.00 14.90 ? 400 ARG A CA  1 
ATOM   587  C C   . ARG A 1 89  ? -2.878  -2.164  -14.944 1.00 17.33 ? 400 ARG A C   1 
ATOM   588  O O   . ARG A 1 89  ? -3.922  -1.567  -14.964 1.00 16.37 ? 400 ARG A O   1 
ATOM   589  C CB  . ARG A 1 89  ? -2.324  -3.784  -16.750 1.00 16.82 ? 400 ARG A CB  1 
ATOM   590  C CG  . ARG A 1 89  ? -3.798  -3.987  -17.128 1.00 18.22 ? 400 ARG A CG  1 
ATOM   591  C CD  . ARG A 1 89  ? -4.035  -5.474  -17.441 1.00 18.62 ? 400 ARG A CD  1 
ATOM   592  N NE  . ARG A 1 89  ? -5.315  -5.516  -18.124 1.00 18.33 ? 400 ARG A NE  1 
ATOM   593  C CZ  . ARG A 1 89  ? -6.476  -5.456  -17.475 1.00 16.88 ? 400 ARG A CZ  1 
ATOM   594  N NH1 . ARG A 1 89  ? -6.492  -5.482  -16.135 1.00 11.51 ? 400 ARG A NH1 1 
ATOM   595  N NH2 . ARG A 1 89  ? -7.602  -5.470  -18.168 1.00 17.86 ? 400 ARG A NH2 1 
ATOM   596  N N   . ASN A 1 90  ? -2.427  -2.702  -13.815 1.00 17.26 ? 401 ASN A N   1 
ATOM   597  C CA  . ASN A 1 90  ? -3.336  -2.757  -12.656 1.00 16.47 ? 401 ASN A CA  1 
ATOM   598  C C   . ASN A 1 90  ? -2.677  -1.896  -11.646 1.00 16.83 ? 401 ASN A C   1 
ATOM   599  O O   . ASN A 1 90  ? -1.707  -2.312  -10.984 1.00 16.31 ? 401 ASN A O   1 
ATOM   600  C CB  . ASN A 1 90  ? -3.460  -4.180  -12.167 1.00 15.35 ? 401 ASN A CB  1 
ATOM   601  C CG  . ASN A 1 90  ? -3.907  -5.129  -13.282 1.00 19.24 ? 401 ASN A CG  1 
ATOM   602  O OD1 . ASN A 1 90  ? -4.867  -4.835  -14.003 1.00 17.77 ? 401 ASN A OD1 1 
ATOM   603  N ND2 . ASN A 1 90  ? -3.209  -6.254  -13.435 1.00 14.93 ? 401 ASN A ND2 1 
ATOM   604  N N   . VAL A 1 91  ? -3.146  -0.662  -11.558 1.00 15.38 ? 402 VAL A N   1 
ATOM   605  C CA  . VAL A 1 91  ? -2.442  0.346   -10.747 1.00 14.50 ? 402 VAL A CA  1 
ATOM   606  C C   . VAL A 1 91  ? -3.491  1.143   -9.941  1.00 15.31 ? 402 VAL A C   1 
ATOM   607  O O   . VAL A 1 91  ? -4.505  1.565   -10.510 1.00 13.98 ? 402 VAL A O   1 
ATOM   608  C CB  . VAL A 1 91  ? -1.631  1.386   -11.597 1.00 14.08 ? 402 VAL A CB  1 
ATOM   609  C CG1 . VAL A 1 91  ? -0.251  0.949   -11.936 1.00 20.12 ? 402 VAL A CG1 1 
ATOM   610  C CG2 . VAL A 1 91  ? -2.408  1.865   -12.864 1.00 17.83 ? 402 VAL A CG2 1 
ATOM   611  N N   . LEU A 1 92  ? -3.207  1.322   -8.647  1.00 14.18 ? 403 LEU A N   1 
ATOM   612  C CA  . LEU A 1 92  ? -4.124  1.966   -7.744  1.00 13.70 ? 403 LEU A CA  1 
ATOM   613  C C   . LEU A 1 92  ? -3.335  3.133   -7.188  1.00 12.86 ? 403 LEU A C   1 
ATOM   614  O O   . LEU A 1 92  ? -2.168  3.026   -6.834  1.00 11.40 ? 403 LEU A O   1 
ATOM   615  C CB  . LEU A 1 92  ? -4.541  0.951   -6.672  1.00 13.63 ? 403 LEU A CB  1 
ATOM   616  C CG  . LEU A 1 92  ? -5.421  1.125   -5.435  1.00 17.29 ? 403 LEU A CG  1 
ATOM   617  C CD1 . LEU A 1 92  ? -5.327  -0.210  -4.714  1.00 15.31 ? 403 LEU A CD1 1 
ATOM   618  C CD2 . LEU A 1 92  ? -4.830  2.157   -4.571  1.00 23.99 ? 403 LEU A CD2 1 
ATOM   619  N N   . HIS A 1 93  ? -3.959  4.277   -7.132  1.00 14.30 ? 404 HIS A N   1 
ATOM   620  C CA  . HIS A 1 93  ? -3.295  5.460   -6.586  1.00 12.17 ? 404 HIS A CA  1 
ATOM   621  C C   . HIS A 1 93  ? -3.898  5.759   -5.214  1.00 13.24 ? 404 HIS A C   1 
ATOM   622  O O   . HIS A 1 93  ? -5.127  5.689   -5.054  1.00 11.29 ? 404 HIS A O   1 
ATOM   623  C CB  . HIS A 1 93  ? -3.523  6.626   -7.573  1.00 14.95 ? 404 HIS A CB  1 
ATOM   624  C CG  . HIS A 1 93  ? -3.134  7.964   -7.040  1.00 15.78 ? 404 HIS A CG  1 
ATOM   625  N ND1 . HIS A 1 93  ? -1.826  8.296   -6.749  1.00 22.39 ? 404 HIS A ND1 1 
ATOM   626  C CD2 . HIS A 1 93  ? -3.880  9.027   -6.663  1.00 22.63 ? 404 HIS A CD2 1 
ATOM   627  C CE1 . HIS A 1 93  ? -1.779  9.543   -6.303  1.00 23.16 ? 404 HIS A CE1 1 
ATOM   628  N NE2 . HIS A 1 93  ? -3.004  10.013  -6.246  1.00 21.52 ? 404 HIS A NE2 1 
ATOM   629  N N   . ILE A 1 94  ? -3.028  6.035   -4.241  1.00 12.36 ? 405 ILE A N   1 
ATOM   630  C CA  . ILE A 1 94  ? -3.462  6.380   -2.865  1.00 12.51 ? 405 ILE A CA  1 
ATOM   631  C C   . ILE A 1 94  ? -2.857  7.678   -2.482  1.00 12.62 ? 405 ILE A C   1 
ATOM   632  O O   . ILE A 1 94  ? -1.664  7.854   -2.667  1.00 12.53 ? 405 ILE A O   1 
ATOM   633  C CB  . ILE A 1 94  ? -3.014  5.346   -1.861  1.00 11.91 ? 405 ILE A CB  1 
ATOM   634  C CG1 . ILE A 1 94  ? -3.476  3.959   -2.365  1.00 16.83 ? 405 ILE A CG1 1 
ATOM   635  C CG2 . ILE A 1 94  ? -3.643  5.620   -0.531  1.00 8.99  ? 405 ILE A CG2 1 
ATOM   636  C CD1 . ILE A 1 94  ? -2.817  2.825   -1.753  1.00 25.05 ? 405 ILE A CD1 1 
ATOM   637  N N   . ARG A 1 95  ? -3.659  8.556   -1.903  1.00 12.96 ? 406 ARG A N   1 
ATOM   638  C CA  . ARG A 1 95  ? -3.192  9.825   -1.386  1.00 12.21 ? 406 ARG A CA  1 
ATOM   639  C C   . ARG A 1 95  ? -3.688  9.956   -0.006  1.00 12.75 ? 406 ARG A C   1 
ATOM   640  O O   . ARG A 1 95  ? -4.908  9.770   0.248   1.00 11.84 ? 406 ARG A O   1 
ATOM   641  C CB  . ARG A 1 95  ? -3.770  10.984  -2.153  1.00 12.99 ? 406 ARG A CB  1 
ATOM   642  C CG  . ARG A 1 95  ? -3.241  12.347  -1.606  1.00 17.07 ? 406 ARG A CG  1 
ATOM   643  C CD  . ARG A 1 95  ? -3.666  13.467  -2.555  1.00 25.31 ? 406 ARG A CD  1 
ATOM   644  N NE  . ARG A 1 95  ? -5.001  13.109  -3.078  1.00 30.75 ? 406 ARG A NE  1 
ATOM   645  C CZ  . ARG A 1 95  ? -6.159  13.549  -2.588  1.00 28.77 ? 406 ARG A CZ  1 
ATOM   646  N NH1 . ARG A 1 95  ? -6.216  14.409  -1.549  1.00 30.15 ? 406 ARG A NH1 1 
ATOM   647  N NH2 . ARG A 1 95  ? -7.274  13.145  -3.168  1.00 30.26 ? 406 ARG A NH2 1 
ATOM   648  N N   . THR A 1 96  ? -2.769  10.221  0.909   1.00 11.25 ? 407 THR A N   1 
ATOM   649  C CA  . THR A 1 96  ? -3.116  10.348  2.360   1.00 12.47 ? 407 THR A CA  1 
ATOM   650  C C   . THR A 1 96  ? -3.122  11.851  2.767   1.00 13.61 ? 407 THR A C   1 
ATOM   651  O O   . THR A 1 96  ? -2.710  12.716  2.006   1.00 14.76 ? 407 THR A O   1 
ATOM   652  C CB  . THR A 1 96  ? -2.112  9.526   3.243   1.00 11.90 ? 407 THR A CB  1 
ATOM   653  O OG1 . THR A 1 96  ? -0.837  10.126  3.105   1.00 11.87 ? 407 THR A OG1 1 
ATOM   654  C CG2 . THR A 1 96  ? -2.053  8.063   2.764   1.00 15.98 ? 407 THR A CG2 1 
ATOM   655  N N   . ILE A 1 97  ? -3.662  12.191  3.923   1.00 14.49 ? 408 ILE A N   1 
ATOM   656  C CA  . ILE A 1 97  ? -3.896  13.595  4.140   1.00 16.47 ? 408 ILE A CA  1 
ATOM   657  C C   . ILE A 1 97  ? -2.606  14.428  4.353   1.00 15.45 ? 408 ILE A C   1 
ATOM   658  O O   . ILE A 1 97  ? -2.649  15.577  4.058   1.00 16.99 ? 408 ILE A O   1 
ATOM   659  C CB  . ILE A 1 97  ? -4.918  13.914  5.282   1.00 17.01 ? 408 ILE A CB  1 
ATOM   660  C CG1 . ILE A 1 97  ? -4.404  13.421  6.615   1.00 21.94 ? 408 ILE A CG1 1 
ATOM   661  C CG2 . ILE A 1 97  ? -6.358  13.447  4.933   1.00 20.66 ? 408 ILE A CG2 1 
ATOM   662  C CD1 . ILE A 1 97  ? -4.940  14.333  7.725   1.00 19.38 ? 408 ILE A CD1 1 
ATOM   663  N N   . PRO A 1 98  ? -1.451  13.832  4.795   1.00 16.08 ? 409 PRO A N   1 
ATOM   664  C CA  . PRO A 1 98  ? -0.235  14.656  4.731   1.00 15.67 ? 409 PRO A CA  1 
ATOM   665  C C   . PRO A 1 98  ? 0.291   14.893  3.318   1.00 15.72 ? 409 PRO A C   1 
ATOM   666  O O   . PRO A 1 98  ? 1.332   15.522  3.134   1.00 15.22 ? 409 PRO A O   1 
ATOM   667  C CB  . PRO A 1 98  ? 0.816   13.837  5.552   1.00 16.07 ? 409 PRO A CB  1 
ATOM   668  C CG  . PRO A 1 98  ? 0.203   12.758  5.984   1.00 14.30 ? 409 PRO A CG  1 
ATOM   669  C CD  . PRO A 1 98  ? -1.124  12.519  5.338   1.00 14.63 ? 409 PRO A CD  1 
ATOM   670  N N   . GLY A 1 99  ? -0.387  14.371  2.311   1.00 18.35 ? 410 GLY A N   1 
ATOM   671  C CA  . GLY A 1 99  ? 0.059   14.658  0.947   1.00 18.78 ? 410 GLY A CA  1 
ATOM   672  C C   . GLY A 1 99  ? 1.059   13.664  0.415   1.00 20.18 ? 410 GLY A C   1 
ATOM   673  O O   . GLY A 1 99  ? 1.678   13.876  -0.656  1.00 21.59 ? 410 GLY A O   1 
ATOM   674  N N   . HIS A 1 100 ? 1.212   12.551  1.110   1.00 18.36 ? 411 HIS A N   1 
ATOM   675  C CA  . HIS A 1 100 ? 1.949   11.424  0.531   1.00 18.06 ? 411 HIS A CA  1 
ATOM   676  C C   . HIS A 1 100 ? 1.076   10.750  -0.504  1.00 17.56 ? 411 HIS A C   1 
ATOM   677  O O   . HIS A 1 100 ? -0.119  10.566  -0.283  1.00 18.01 ? 411 HIS A O   1 
ATOM   678  C CB  . HIS A 1 100 ? 2.304   10.414  1.627   1.00 17.47 ? 411 HIS A CB  1 
ATOM   679  C CG  . HIS A 1 100 ? 2.979   11.048  2.797   1.00 17.38 ? 411 HIS A CG  1 
ATOM   680  N ND1 . HIS A 1 100 ? 3.762   12.184  2.673   1.00 18.04 ? 411 HIS A ND1 1 
ATOM   681  C CD2 . HIS A 1 100 ? 2.910   10.777  4.120   1.00 10.62 ? 411 HIS A CD2 1 
ATOM   682  C CE1 . HIS A 1 100 ? 4.235   12.507  3.866   1.00 14.52 ? 411 HIS A CE1 1 
ATOM   683  N NE2 . HIS A 1 100 ? 3.717   11.678  4.758   1.00 16.85 ? 411 HIS A NE2 1 
ATOM   684  N N   . GLU A 1 101 ? 1.665   10.366  -1.632  1.00 16.67 ? 412 GLU A N   1 
ATOM   685  C CA  . GLU A 1 101 ? 0.898   9.756   -2.701  1.00 15.35 ? 412 GLU A CA  1 
ATOM   686  C C   . GLU A 1 101 ? 1.717   8.583   -3.144  1.00 14.59 ? 412 GLU A C   1 
ATOM   687  O O   . GLU A 1 101 ? 2.944   8.652   -3.137  1.00 15.54 ? 412 GLU A O   1 
ATOM   688  C CB  . GLU A 1 101 ? 0.763   10.716  -3.866  1.00 16.50 ? 412 GLU A CB  1 
ATOM   689  C CG  . GLU A 1 101 ? -0.216  11.803  -3.548  1.00 18.42 ? 412 GLU A CG  1 
ATOM   690  C CD  . GLU A 1 101 ? -0.610  12.623  -4.711  1.00 26.14 ? 412 GLU A CD  1 
ATOM   691  O OE1 . GLU A 1 101 ? -0.814  12.085  -5.820  1.00 26.95 ? 412 GLU A OE1 1 
ATOM   692  O OE2 . GLU A 1 101 ? -0.776  13.836  -4.486  1.00 32.34 ? 412 GLU A OE2 1 
ATOM   693  N N   . PHE A 1 102 ? 1.063   7.480   -3.489  1.00 13.91 ? 413 PHE A N   1 
ATOM   694  C CA  . PHE A 1 102 ? 1.855   6.374   -4.051  1.00 10.49 ? 413 PHE A CA  1 
ATOM   695  C C   . PHE A 1 102 ? 1.006   5.550   -4.937  1.00 10.04 ? 413 PHE A C   1 
ATOM   696  O O   . PHE A 1 102 ? -0.257  5.597   -4.857  1.00 7.78  ? 413 PHE A O   1 
ATOM   697  C CB  . PHE A 1 102 ? 2.472   5.566   -2.904  1.00 10.15 ? 413 PHE A CB  1 
ATOM   698  C CG  . PHE A 1 102 ? 1.537   5.184   -1.846  1.00 14.17 ? 413 PHE A CG  1 
ATOM   699  C CD1 . PHE A 1 102 ? 0.898   3.931   -1.887  1.00 15.95 ? 413 PHE A CD1 1 
ATOM   700  C CD2 . PHE A 1 102 ? 1.284   6.034   -0.755  1.00 9.38  ? 413 PHE A CD2 1 
ATOM   701  C CE1 . PHE A 1 102 ? 0.038   3.553   -0.892  1.00 15.77 ? 413 PHE A CE1 1 
ATOM   702  C CE2 . PHE A 1 102 ? 0.387   5.656   0.207   1.00 16.86 ? 413 PHE A CE2 1 
ATOM   703  C CZ  . PHE A 1 102 ? -0.228  4.392   0.140   1.00 16.60 ? 413 PHE A CZ  1 
ATOM   704  N N   . LEU A 1 103 ? 1.671   4.724   -5.715  1.00 8.32  ? 414 LEU A N   1 
ATOM   705  C CA  . LEU A 1 103 ? 0.989   3.778   -6.554  1.00 9.32  ? 414 LEU A CA  1 
ATOM   706  C C   . LEU A 1 103 ? 1.200   2.326   -6.010  1.00 8.25  ? 414 LEU A C   1 
ATOM   707  O O   . LEU A 1 103 ? 2.271   2.025   -5.462  1.00 10.41 ? 414 LEU A O   1 
ATOM   708  C CB  . LEU A 1 103 ? 1.499   3.838   -8.009  1.00 8.62  ? 414 LEU A CB  1 
ATOM   709  C CG  . LEU A 1 103 ? 1.387   5.158   -8.755  1.00 10.69 ? 414 LEU A CG  1 
ATOM   710  C CD1 . LEU A 1 103 ? 1.845   5.079   -10.282 1.00 12.23 ? 414 LEU A CD1 1 
ATOM   711  C CD2 . LEU A 1 103 ? -0.039  5.633   -8.627  1.00 12.93 ? 414 LEU A CD2 1 
ATOM   712  N N   . LEU A 1 104 ? 0.180   1.480   -6.119  1.00 8.96  ? 415 LEU A N   1 
ATOM   713  C CA  . LEU A 1 104 ? 0.332   0.039   -5.836  1.00 12.24 ? 415 LEU A CA  1 
ATOM   714  C C   . LEU A 1 104 ? -0.033  -0.647  -7.143  1.00 12.42 ? 415 LEU A C   1 
ATOM   715  O O   . LEU A 1 104 ? -0.882  -0.163  -7.887  1.00 11.56 ? 415 LEU A O   1 
ATOM   716  C CB  . LEU A 1 104 ? -0.681  -0.462  -4.758  1.00 12.15 ? 415 LEU A CB  1 
ATOM   717  C CG  . LEU A 1 104 ? -0.485  0.071   -3.319  1.00 12.81 ? 415 LEU A CG  1 
ATOM   718  C CD1 . LEU A 1 104 ? -1.436  -0.584  -2.379  1.00 14.82 ? 415 LEU A CD1 1 
ATOM   719  C CD2 . LEU A 1 104 ? 0.989   -0.154  -2.815  1.00 12.38 ? 415 LEU A CD2 1 
ATOM   720  N N   . GLN A 1 105 ? 0.585   -1.784  -7.414  1.00 13.70 ? 416 GLN A N   1 
ATOM   721  C CA  . GLN A 1 105 ? 0.416   -2.384  -8.725  1.00 14.28 ? 416 GLN A CA  1 
ATOM   722  C C   . GLN A 1 105 ? 0.687   -3.865  -8.583  1.00 15.16 ? 416 GLN A C   1 
ATOM   723  O O   . GLN A 1 105 ? 1.588   -4.267  -7.829  1.00 13.38 ? 416 GLN A O   1 
ATOM   724  C CB  . GLN A 1 105 ? 1.410   -1.743  -9.733  1.00 15.25 ? 416 GLN A CB  1 
ATOM   725  C CG  . GLN A 1 105 ? 1.395   -2.362  -11.164 1.00 15.23 ? 416 GLN A CG  1 
ATOM   726  C CD  . GLN A 1 105 ? 2.524   -3.397  -11.414 1.00 16.68 ? 416 GLN A CD  1 
ATOM   727  O OE1 . GLN A 1 105 ? 3.647   -3.258  -10.920 1.00 18.61 ? 416 GLN A OE1 1 
ATOM   728  N NE2 . GLN A 1 105 ? 2.234   -4.369  -12.256 1.00 15.47 ? 416 GLN A NE2 1 
ATOM   729  N N   . SER A 1 106 ? -0.108  -4.674  -9.276  1.00 16.94 ? 417 SER A N   1 
ATOM   730  C CA  . SER A 1 106 ? 0.211   -6.110  -9.367  1.00 18.19 ? 417 SER A CA  1 
ATOM   731  C C   . SER A 1 106 ? 0.040   -6.544  -10.787 1.00 20.07 ? 417 SER A C   1 
ATOM   732  O O   . SER A 1 106 ? -0.758  -5.982  -11.529 1.00 16.83 ? 417 SER A O   1 
ATOM   733  C CB  . SER A 1 106 ? -0.690  -6.933  -8.455  1.00 19.11 ? 417 SER A CB  1 
ATOM   734  O OG  . SER A 1 106 ? -0.477  -8.362  -8.582  1.00 17.95 ? 417 SER A OG  1 
ATOM   735  N N   . ASP A 1 107 ? 0.760   -7.608  -11.146 1.00 21.07 ? 418 ASP A N   1 
ATOM   736  C CA  . ASP A 1 107 ? 0.647   -8.136  -12.471 1.00 22.21 ? 418 ASP A CA  1 
ATOM   737  C C   . ASP A 1 107 ? -0.605  -8.962  -12.551 1.00 23.06 ? 418 ASP A C   1 
ATOM   738  O O   . ASP A 1 107 ? -1.062  -9.266  -13.621 1.00 22.44 ? 418 ASP A O   1 
ATOM   739  C CB  . ASP A 1 107 ? 1.868   -8.987  -12.770 1.00 23.30 ? 418 ASP A CB  1 
ATOM   740  C CG  . ASP A 1 107 ? 3.076   -8.152  -13.089 1.00 26.76 ? 418 ASP A CG  1 
ATOM   741  O OD1 . ASP A 1 107 ? 2.902   -6.952  -13.426 1.00 33.32 ? 418 ASP A OD1 1 
ATOM   742  O OD2 . ASP A 1 107 ? 4.218   -8.674  -13.023 1.00 31.96 ? 418 ASP A OD2 1 
ATOM   743  N N   . HIS A 1 108 ? -1.184  -9.267  -11.398 1.00 22.92 ? 419 HIS A N   1 
ATOM   744  C CA  . HIS A 1 108 ? -2.388  -10.076 -11.291 1.00 25.12 ? 419 HIS A CA  1 
ATOM   745  C C   . HIS A 1 108 ? -3.530  -9.189  -10.895 1.00 25.17 ? 419 HIS A C   1 
ATOM   746  O O   . HIS A 1 108 ? -3.532  -8.684  -9.772  1.00 24.44 ? 419 HIS A O   1 
ATOM   747  C CB  . HIS A 1 108 ? -2.135  -11.101 -10.198 1.00 24.37 ? 419 HIS A CB  1 
ATOM   748  C CG  . HIS A 1 108 ? -0.818  -11.775 -10.380 1.00 25.87 ? 419 HIS A CG  1 
ATOM   749  N ND1 . HIS A 1 108 ? -0.620  -12.709 -11.376 1.00 27.26 ? 419 HIS A ND1 1 
ATOM   750  C CD2 . HIS A 1 108 ? 0.397   -11.549 -9.826  1.00 26.39 ? 419 HIS A CD2 1 
ATOM   751  C CE1 . HIS A 1 108 ? 0.644   -13.102 -11.359 1.00 23.71 ? 419 HIS A CE1 1 
ATOM   752  N NE2 . HIS A 1 108 ? 1.284   -12.417 -10.426 1.00 25.55 ? 419 HIS A NE2 1 
ATOM   753  N N   . GLU A 1 109 ? -4.520  -9.030  -11.781 1.00 26.21 ? 420 GLU A N   1 
ATOM   754  C CA  . GLU A 1 109 ? -5.585  -8.067  -11.483 1.00 25.51 ? 420 GLU A CA  1 
ATOM   755  C C   . GLU A 1 109 ? -6.477  -8.467  -10.328 1.00 23.86 ? 420 GLU A C   1 
ATOM   756  O O   . GLU A 1 109 ? -6.986  -7.598  -9.641  1.00 23.39 ? 420 GLU A O   1 
ATOM   757  C CB  . GLU A 1 109 ? -6.384  -7.596  -12.724 1.00 27.06 ? 420 GLU A CB  1 
ATOM   758  C CG  . GLU A 1 109 ? -7.014  -8.637  -13.575 1.00 31.92 ? 420 GLU A CG  1 
ATOM   759  C CD  . GLU A 1 109 ? -5.987  -9.538  -14.263 1.00 41.99 ? 420 GLU A CD  1 
ATOM   760  O OE1 . GLU A 1 109 ? -6.241  -10.766 -14.323 1.00 42.33 ? 420 GLU A OE1 1 
ATOM   761  O OE2 . GLU A 1 109 ? -4.923  -9.024  -14.734 1.00 47.20 ? 420 GLU A OE2 1 
ATOM   762  N N   . THR A 1 110 ? -6.622  -9.754  -10.067 1.00 21.34 ? 421 THR A N   1 
ATOM   763  C CA  . THR A 1 110 ? -7.462  -10.162 -8.952  1.00 20.03 ? 421 THR A CA  1 
ATOM   764  C C   . THR A 1 110 ? -6.818  -9.811  -7.626  1.00 19.03 ? 421 THR A C   1 
ATOM   765  O O   . THR A 1 110 ? -7.511  -9.542  -6.654  1.00 16.46 ? 421 THR A O   1 
ATOM   766  C CB  . THR A 1 110 ? -7.810  -11.657 -8.977  1.00 20.16 ? 421 THR A CB  1 
ATOM   767  O OG1 . THR A 1 110 ? -6.597  -12.400 -8.988  1.00 23.30 ? 421 THR A OG1 1 
ATOM   768  C CG2 . THR A 1 110 ? -8.672  -12.024 -10.204 1.00 18.16 ? 421 THR A CG2 1 
ATOM   769  N N   . GLU A 1 111 ? -5.491  -9.832  -7.588  1.00 19.61 ? 422 GLU A N   1 
ATOM   770  C CA  . GLU A 1 111 ? -4.773  -9.454  -6.396  1.00 20.45 ? 422 GLU A CA  1 
ATOM   771  C C   . GLU A 1 111 ? -4.943  -7.988  -6.187  1.00 18.99 ? 422 GLU A C   1 
ATOM   772  O O   . GLU A 1 111 ? -5.337  -7.573  -5.114  1.00 17.34 ? 422 GLU A O   1 
ATOM   773  C CB  . GLU A 1 111 ? -3.278  -9.798  -6.467  1.00 22.46 ? 422 GLU A CB  1 
ATOM   774  C CG  . GLU A 1 111 ? -3.054  -11.321 -6.242  1.00 28.54 ? 422 GLU A CG  1 
ATOM   775  C CD  . GLU A 1 111 ? -3.295  -11.749 -4.771  1.00 36.98 ? 422 GLU A CD  1 
ATOM   776  O OE1 . GLU A 1 111 ? -3.025  -12.941 -4.381  1.00 38.87 ? 422 GLU A OE1 1 
ATOM   777  O OE2 . GLU A 1 111 ? -3.728  -10.866 -3.988  1.00 39.37 ? 422 GLU A OE2 1 
ATOM   778  N N   . LEU A 1 112 ? -4.679  -7.187  -7.205  1.00 17.95 ? 423 LEU A N   1 
ATOM   779  C CA  . LEU A 1 112 ? -4.800  -5.781  -6.973  1.00 15.93 ? 423 LEU A CA  1 
ATOM   780  C C   . LEU A 1 112 ? -6.224  -5.374  -6.706  1.00 15.01 ? 423 LEU A C   1 
ATOM   781  O O   . LEU A 1 112 ? -6.507  -4.490  -5.868  1.00 14.69 ? 423 LEU A O   1 
ATOM   782  C CB  . LEU A 1 112 ? -4.181  -4.920  -8.093  1.00 16.36 ? 423 LEU A CB  1 
ATOM   783  C CG  . LEU A 1 112 ? -4.090  -3.444  -7.626  1.00 19.08 ? 423 LEU A CG  1 
ATOM   784  C CD1 . LEU A 1 112 ? -3.000  -3.200  -6.538  1.00 16.30 ? 423 LEU A CD1 1 
ATOM   785  C CD2 . LEU A 1 112 ? -3.926  -2.460  -8.798  1.00 12.72 ? 423 LEU A CD2 1 
ATOM   786  N N   . ARG A 1 113 ? -7.157  -6.035  -7.376  1.00 12.16 ? 424 ARG A N   1 
ATOM   787  C CA  . ARG A 1 113 ? -8.595  -5.733  -7.133  1.00 10.29 ? 424 ARG A CA  1 
ATOM   788  C C   . ARG A 1 113 ? -8.919  -5.965  -5.670  1.00 11.59 ? 424 ARG A C   1 
ATOM   789  O O   . ARG A 1 113 ? -9.630  -5.154  -5.066  1.00 8.79  ? 424 ARG A O   1 
ATOM   790  C CB  . ARG A 1 113 ? -9.471  -6.600  -8.023  1.00 12.26 ? 424 ARG A CB  1 
ATOM   791  C CG  . ARG A 1 113 ? -10.980 -6.508  -7.856  1.00 11.76 ? 424 ARG A CG  1 
ATOM   792  C CD  . ARG A 1 113 ? -11.613 -7.533  -8.793  1.00 12.04 ? 424 ARG A CD  1 
ATOM   793  N NE  . ARG A 1 113 ? -11.214 -7.306  -10.157 1.00 14.83 ? 424 ARG A NE  1 
ATOM   794  C CZ  . ARG A 1 113 ? -10.977 -8.265  -11.047 1.00 15.63 ? 424 ARG A CZ  1 
ATOM   795  N NH1 . ARG A 1 113 ? -11.117 -9.524  -10.737 1.00 17.98 ? 424 ARG A NH1 1 
ATOM   796  N NH2 . ARG A 1 113 ? -10.580 -7.939  -12.249 1.00 17.73 ? 424 ARG A NH2 1 
ATOM   797  N N   . ALA A 1 114 ? -8.397  -7.049  -5.100  1.00 10.34 ? 425 ALA A N   1 
ATOM   798  C CA  . ALA A 1 114 ? -8.716  -7.354  -3.685  1.00 11.81 ? 425 ALA A CA  1 
ATOM   799  C C   . ALA A 1 114 ? -8.150  -6.270  -2.750  1.00 11.29 ? 425 ALA A C   1 
ATOM   800  O O   . ALA A 1 114 ? -8.767  -5.873  -1.721  1.00 14.59 ? 425 ALA A O   1 
ATOM   801  C CB  . ALA A 1 114 ? -8.151  -8.760  -3.334  1.00 11.20 ? 425 ALA A CB  1 
ATOM   802  N N   . TRP A 1 115 ? -7.000  -5.747  -3.109  1.00 12.30 ? 426 TRP A N   1 
ATOM   803  C CA  . TRP A 1 115 ? -6.366  -4.721  -2.329  1.00 12.36 ? 426 TRP A CA  1 
ATOM   804  C C   . TRP A 1 115 ? -7.194  -3.478  -2.417  1.00 12.49 ? 426 TRP A C   1 
ATOM   805  O O   . TRP A 1 115 ? -7.409  -2.810  -1.436  1.00 12.03 ? 426 TRP A O   1 
ATOM   806  C CB  . TRP A 1 115 ? -4.987  -4.458  -2.852  1.00 12.57 ? 426 TRP A CB  1 
ATOM   807  C CG  . TRP A 1 115 ? -3.958  -5.347  -2.217  1.00 15.00 ? 426 TRP A CG  1 
ATOM   808  C CD1 . TRP A 1 115 ? -3.346  -6.470  -2.755  1.00 15.87 ? 426 TRP A CD1 1 
ATOM   809  C CD2 . TRP A 1 115 ? -3.387  -5.168  -0.900  1.00 15.16 ? 426 TRP A CD2 1 
ATOM   810  N NE1 . TRP A 1 115 ? -2.448  -6.993  -1.845  1.00 17.00 ? 426 TRP A NE1 1 
ATOM   811  C CE2 . TRP A 1 115 ? -2.456  -6.207  -0.700  1.00 13.34 ? 426 TRP A CE2 1 
ATOM   812  C CE3 . TRP A 1 115 ? -3.571  -4.214  0.116   1.00 18.34 ? 426 TRP A CE3 1 
ATOM   813  C CZ2 . TRP A 1 115 ? -1.699  -6.301  0.462   1.00 16.06 ? 426 TRP A CZ2 1 
ATOM   814  C CZ3 . TRP A 1 115 ? -2.805  -4.303  1.280   1.00 13.64 ? 426 TRP A CZ3 1 
ATOM   815  C CH2 . TRP A 1 115 ? -1.898  -5.342  1.453   1.00 16.59 ? 426 TRP A CH2 1 
ATOM   816  N N   . HIS A 1 116 ? -7.649  -3.149  -3.621  1.00 13.17 ? 427 HIS A N   1 
ATOM   817  C CA  . HIS A 1 116 ? -8.476  -1.960  -3.819  1.00 13.84 ? 427 HIS A CA  1 
ATOM   818  C C   . HIS A 1 116 ? -9.670  -2.066  -2.896  1.00 12.93 ? 427 HIS A C   1 
ATOM   819  O O   . HIS A 1 116 ? -10.000 -1.133  -2.190  1.00 14.71 ? 427 HIS A O   1 
ATOM   820  C CB  . HIS A 1 116 ? -8.906  -1.889  -5.292  1.00 13.80 ? 427 HIS A CB  1 
ATOM   821  C CG  . HIS A 1 116 ? -9.462  -0.568  -5.699  1.00 13.93 ? 427 HIS A CG  1 
ATOM   822  N ND1 . HIS A 1 116 ? -10.310 0.158   -4.888  1.00 17.44 ? 427 HIS A ND1 1 
ATOM   823  C CD2 . HIS A 1 116 ? -9.349  0.120   -6.851  1.00 16.07 ? 427 HIS A CD2 1 
ATOM   824  C CE1 . HIS A 1 116 ? -10.684 1.260   -5.525  1.00 16.82 ? 427 HIS A CE1 1 
ATOM   825  N NE2 . HIS A 1 116 ? -10.116 1.253   -6.715  1.00 20.04 ? 427 HIS A NE2 1 
ATOM   826  N N   . ARG A 1 117 ? -10.345 -3.203  -2.874  1.00 15.00 ? 428 ARG A N   1 
ATOM   827  C CA  . ARG A 1 117 ? -11.602 -3.287  -2.086  1.00 13.79 ? 428 ARG A CA  1 
ATOM   828  C C   . ARG A 1 117 ? -11.323 -3.260  -0.598  1.00 12.39 ? 428 ARG A C   1 
ATOM   829  O O   . ARG A 1 117 ? -12.043 -2.593  0.189   1.00 12.19 ? 428 ARG A O   1 
ATOM   830  C CB  . ARG A 1 117 ? -12.417 -4.574  -2.434  1.00 13.20 ? 428 ARG A CB  1 
ATOM   831  C CG  . ARG A 1 117 ? -12.706 -4.735  -3.925  1.00 12.77 ? 428 ARG A CG  1 
ATOM   832  C CD  . ARG A 1 117 ? -13.775 -5.795  -4.114  1.00 9.24  ? 428 ARG A CD  1 
ATOM   833  N NE  . ARG A 1 117 ? -15.044 -5.306  -3.530  1.00 15.60 ? 428 ARG A NE  1 
ATOM   834  C CZ  . ARG A 1 117 ? -15.891 -4.507  -4.170  1.00 13.03 ? 428 ARG A CZ  1 
ATOM   835  N NH1 . ARG A 1 117 ? -15.655 -4.137  -5.407  1.00 14.02 ? 428 ARG A NH1 1 
ATOM   836  N NH2 . ARG A 1 117 ? -16.990 -4.103  -3.592  1.00 15.38 ? 428 ARG A NH2 1 
ATOM   837  N N   . ALA A 1 118 ? -10.237 -3.912  -0.203  1.00 11.32 ? 429 ALA A N   1 
ATOM   838  C CA  . ALA A 1 118 ? -9.887  -3.958  1.218   1.00 12.10 ? 429 ALA A CA  1 
ATOM   839  C C   . ALA A 1 118 ? -9.512  -2.582  1.715   1.00 12.32 ? 429 ALA A C   1 
ATOM   840  O O   . ALA A 1 118 ? -9.901  -2.191  2.760   1.00 13.34 ? 429 ALA A O   1 
ATOM   841  C CB  . ALA A 1 118 ? -8.733  -4.905  1.478   1.00 9.56  ? 429 ALA A CB  1 
ATOM   842  N N   . LEU A 1 119 ? -8.690  -1.882  0.965   1.00 15.02 ? 430 LEU A N   1 
ATOM   843  C CA  . LEU A 1 119 ? -8.292  -0.504  1.321   1.00 15.65 ? 430 LEU A CA  1 
ATOM   844  C C   . LEU A 1 119 ? -9.427  0.483   1.460   1.00 15.58 ? 430 LEU A C   1 
ATOM   845  O O   . LEU A 1 119 ? -9.456  1.345   2.362   1.00 15.20 ? 430 LEU A O   1 
ATOM   846  C CB  . LEU A 1 119 ? -7.358  0.055   0.245   1.00 14.55 ? 430 LEU A CB  1 
ATOM   847  C CG  . LEU A 1 119 ? -5.911  -0.408  0.391   1.00 18.48 ? 430 LEU A CG  1 
ATOM   848  C CD1 . LEU A 1 119 ? -5.182  -0.141  -0.926  1.00 20.09 ? 430 LEU A CD1 1 
ATOM   849  C CD2 . LEU A 1 119 ? -5.255  0.334   1.575   1.00 17.39 ? 430 LEU A CD2 1 
ATOM   850  N N   . ARG A 1 120 ? -10.358 0.391   0.545   1.00 15.24 ? 431 ARG A N   1 
ATOM   851  C CA  . ARG A 1 120 ? -11.525 1.225   0.625   1.00 15.76 ? 431 ARG A CA  1 
ATOM   852  C C   . ARG A 1 120 ? -12.330 0.999   1.917   1.00 15.94 ? 431 ARG A C   1 
ATOM   853  O O   . ARG A 1 120 ? -12.753 1.947   2.596   1.00 15.45 ? 431 ARG A O   1 
ATOM   854  C CB  . ARG A 1 120 ? -12.448 0.919   -0.521  1.00 15.82 ? 431 ARG A CB  1 
ATOM   855  C CG  . ARG A 1 120 ? -13.591 1.983   -0.522  1.00 18.79 ? 431 ARG A CG  1 
ATOM   856  C CD  . ARG A 1 120 ? -14.800 1.442   -1.277  1.00 21.79 ? 431 ARG A CD  1 
ATOM   857  N NE  . ARG A 1 120 ? -14.526 1.559   -2.655  1.00 21.59 ? 431 ARG A NE  1 
ATOM   858  C CZ  . ARG A 1 120 ? -14.355 0.562   -3.518  1.00 20.84 ? 431 ARG A CZ  1 
ATOM   859  N NH1 . ARG A 1 120 ? -14.437 -0.710  -3.176  1.00 19.29 ? 431 ARG A NH1 1 
ATOM   860  N NH2 . ARG A 1 120 ? -14.106 0.897   -4.757  1.00 17.55 ? 431 ARG A NH2 1 
ATOM   861  N N   . THR A 1 121 ? -12.583 -0.266  2.196   1.00 16.90 ? 432 THR A N   1 
ATOM   862  C CA  . THR A 1 121 ? -13.323 -0.679  3.421   1.00 17.52 ? 432 THR A CA  1 
ATOM   863  C C   . THR A 1 121 ? -12.658 -0.153  4.703   1.00 17.25 ? 432 THR A C   1 
ATOM   864  O O   . THR A 1 121 ? -13.343 0.258   5.646   1.00 18.17 ? 432 THR A O   1 
ATOM   865  C CB  . THR A 1 121 ? -13.432 -2.207  3.425   1.00 18.13 ? 432 THR A CB  1 
ATOM   866  O OG1 . THR A 1 121 ? -14.270 -2.566  2.321   1.00 19.15 ? 432 THR A OG1 1 
ATOM   867  C CG2 . THR A 1 121 ? -14.062 -2.752  4.672   1.00 15.25 ? 432 THR A CG2 1 
ATOM   868  N N   . VAL A 1 122 ? -11.337 -0.183  4.724   1.00 16.04 ? 433 VAL A N   1 
ATOM   869  C CA  . VAL A 1 122 ? -10.517 0.321   5.836   1.00 14.89 ? 433 VAL A CA  1 
ATOM   870  C C   . VAL A 1 122 ? -10.711 1.829   5.956   1.00 14.88 ? 433 VAL A C   1 
ATOM   871  O O   . VAL A 1 122 ? -11.033 2.279   7.032   1.00 17.04 ? 433 VAL A O   1 
ATOM   872  C CB  . VAL A 1 122 ? -9.039  -0.140  5.750   1.00 15.56 ? 433 VAL A CB  1 
ATOM   873  C CG1 . VAL A 1 122 ? -8.163  0.529   6.853   1.00 18.07 ? 433 VAL A CG1 1 
ATOM   874  C CG2 . VAL A 1 122 ? -8.978  -1.695  6.082   1.00 10.07 ? 433 VAL A CG2 1 
ATOM   875  N N   . ILE A 1 123 ? -10.583 2.580   4.859   1.00 13.47 ? 434 ILE A N   1 
ATOM   876  C CA  . ILE A 1 123 ? -10.720 4.038   4.905   1.00 15.99 ? 434 ILE A CA  1 
ATOM   877  C C   . ILE A 1 123 ? -12.120 4.393   5.378   1.00 16.89 ? 434 ILE A C   1 
ATOM   878  O O   . ILE A 1 123 ? -12.328 5.296   6.246   1.00 18.93 ? 434 ILE A O   1 
ATOM   879  C CB  . ILE A 1 123 ? -10.369 4.596   3.564   1.00 15.76 ? 434 ILE A CB  1 
ATOM   880  C CG1 . ILE A 1 123 ? -8.847  4.453   3.370   1.00 15.86 ? 434 ILE A CG1 1 
ATOM   881  C CG2 . ILE A 1 123 ? -10.850 6.063   3.372   1.00 12.41 ? 434 ILE A CG2 1 
ATOM   882  C CD1 . ILE A 1 123 ? -8.469  4.291   1.967   1.00 19.15 ? 434 ILE A CD1 1 
ATOM   883  N N   . GLU A 1 124 ? -13.076 3.632   4.874   1.00 17.77 ? 435 GLU A N   1 
ATOM   884  C CA  . GLU A 1 124 ? -14.459 3.867   5.186   1.00 18.80 ? 435 GLU A CA  1 
ATOM   885  C C   . GLU A 1 124 ? -14.702 3.588   6.660   1.00 17.74 ? 435 GLU A C   1 
ATOM   886  O O   . GLU A 1 124 ? -15.460 4.249   7.243   1.00 18.89 ? 435 GLU A O   1 
ATOM   887  C CB  . GLU A 1 124 ? -15.362 2.946   4.346   1.00 17.54 ? 435 GLU A CB  1 
ATOM   888  C CG  . GLU A 1 124 ? -15.736 3.525   2.985   1.00 19.92 ? 435 GLU A CG  1 
ATOM   889  C CD  . GLU A 1 124 ? -16.482 2.526   2.082   1.00 20.28 ? 435 GLU A CD  1 
ATOM   890  O OE1 . GLU A 1 124 ? -16.785 1.373   2.492   1.00 19.54 ? 435 GLU A OE1 1 
ATOM   891  O OE2 . GLU A 1 124 ? -16.758 2.923   0.949   1.00 17.04 ? 435 GLU A OE2 1 
ATOM   892  N N   . ARG A 1 125 ? -14.041 2.629   7.288   1.00 20.44 ? 436 ARG A N   1 
ATOM   893  C CA  . ARG A 1 125 ? -14.368 2.341   8.689   1.00 21.73 ? 436 ARG A CA  1 
ATOM   894  C C   . ARG A 1 125 ? -13.706 3.345   9.623   1.00 21.99 ? 436 ARG A C   1 
ATOM   895  O O   . ARG A 1 125 ? -13.860 3.216   10.861  1.00 24.34 ? 436 ARG A O   1 
ATOM   896  C CB  . ARG A 1 125 ? -13.955 0.945   9.099   1.00 22.16 ? 436 ARG A CB  1 
ATOM   897  C CG  . ARG A 1 125 ? -14.716 -0.234  8.395   1.00 24.69 ? 436 ARG A CG  1 
ATOM   898  C CD  . ARG A 1 125 ? -14.046 -1.561  8.849   1.00 24.95 ? 436 ARG A CD  1 
ATOM   899  N NE  . ARG A 1 125 ? -14.576 -2.769  8.168   1.00 36.20 ? 436 ARG A NE  1 
ATOM   900  C CZ  . ARG A 1 125 ? -15.870 -3.094  8.130   1.00 34.82 ? 436 ARG A CZ  1 
ATOM   901  N NH1 . ARG A 1 125 ? -16.747 -2.323  8.752   1.00 38.62 ? 436 ARG A NH1 1 
ATOM   902  N NH2 . ARG A 1 125 ? -16.301 -4.181  7.489   1.00 31.66 ? 436 ARG A NH2 1 
ATOM   903  N N   . LEU A 1 126 ? -12.979 4.303   9.050   1.00 21.11 ? 437 LEU A N   1 
ATOM   904  C CA  . LEU A 1 126 ? -12.189 5.299   9.779   1.00 20.58 ? 437 LEU A CA  1 
ATOM   905  C C   . LEU A 1 126 ? -12.865 6.651   9.717   1.00 23.00 ? 437 LEU A C   1 
ATOM   906  O O   . LEU A 1 126 ? -12.531 7.553   10.497  1.00 23.72 ? 437 LEU A O   1 
ATOM   907  C CB  . LEU A 1 126 ? -10.781 5.417   9.208   1.00 17.66 ? 437 LEU A CB  1 
ATOM   908  C CG  . LEU A 1 126 ? -9.816  4.255   9.372   1.00 17.53 ? 437 LEU A CG  1 
ATOM   909  C CD1 . LEU A 1 126 ? -8.655  4.368   8.447   1.00 13.79 ? 437 LEU A CD1 1 
ATOM   910  C CD2 . LEU A 1 126 ? -9.364  4.091   10.810  1.00 11.40 ? 437 LEU A CD2 1 
ATOM   911  N N   . VAL A 1 127 ? -13.849 6.799   8.827   1.00 24.03 ? 438 VAL A N   1 
ATOM   912  C CA  . VAL A 1 127 ? -14.671 8.004   8.828   1.00 25.61 ? 438 VAL A CA  1 
ATOM   913  C C   . VAL A 1 127 ? -15.255 8.304   10.232  1.00 26.74 ? 438 VAL A C   1 
ATOM   914  O O   . VAL A 1 127 ? -15.710 7.388   10.924  1.00 28.68 ? 438 VAL A O   1 
ATOM   915  C CB  . VAL A 1 127 ? -15.773 7.970   7.758   1.00 25.75 ? 438 VAL A CB  1 
ATOM   916  C CG1 . VAL A 1 127 ? -16.722 9.206   7.909   1.00 25.60 ? 438 VAL A CG1 1 
ATOM   917  C CG2 . VAL A 1 127 ? -15.178 7.924   6.338   1.00 25.32 ? 438 VAL A CG2 1 
HETATM 918  O O11 . I3S B 2 .   ? 5.880   7.373   -16.509 1.00 31.49 ? 101 I3S A O11 1 
HETATM 919  P P3  . I3S B 2 .   ? 7.372   7.091   -16.613 1.00 29.86 ? 101 I3S A P3  1 
HETATM 920  O O12 . I3S B 2 .   ? 8.186   8.161   -15.946 1.00 26.12 ? 101 I3S A O12 1 
HETATM 921  O O10 . I3S B 2 .   ? 7.849   6.576   -17.972 1.00 34.48 ? 101 I3S A O10 1 
HETATM 922  O O3  . I3S B 2 .   ? 7.638   5.886   -15.626 1.00 27.25 ? 101 I3S A O3  1 
HETATM 923  C C3  . I3S B 2 .   ? 8.572   4.842   -15.868 1.00 22.81 ? 101 I3S A C3  1 
HETATM 924  C C2  . I3S B 2 .   ? 9.837   5.063   -15.044 1.00 24.93 ? 101 I3S A C2  1 
HETATM 925  O O2  . I3S B 2 .   ? 9.535   5.316   -13.667 1.00 24.43 ? 101 I3S A O2  1 
HETATM 926  C C1  . I3S B 2 .   ? 10.717  3.828   -15.259 1.00 25.81 ? 101 I3S A C1  1 
HETATM 927  O O1  . I3S B 2 .   ? 11.955  3.922   -14.552 1.00 23.70 ? 101 I3S A O1  1 
HETATM 928  P P1  . I3S B 2 .   ? 13.340  3.328   -15.230 1.00 29.82 ? 101 I3S A P1  1 
HETATM 929  O OP2 . I3S B 2 .   ? 13.397  1.941   -14.665 1.00 31.52 ? 101 I3S A OP2 1 
HETATM 930  O OP3 . I3S B 2 .   ? 14.297  4.383   -14.757 1.00 31.65 ? 101 I3S A OP3 1 
HETATM 931  O OP1 . I3S B 2 .   ? 13.086  3.341   -16.730 1.00 20.52 ? 101 I3S A OP1 1 
HETATM 932  C C6  . I3S B 2 .   ? 10.050  2.472   -14.992 1.00 24.13 ? 101 I3S A C6  1 
HETATM 933  O O6  . I3S B 2 .   ? 10.938  1.448   -15.418 1.00 29.85 ? 101 I3S A O6  1 
HETATM 934  C C5  . I3S B 2 .   ? 8.714   2.331   -15.689 1.00 24.24 ? 101 I3S A C5  1 
HETATM 935  O O5  . I3S B 2 .   ? 8.015   1.177   -15.208 1.00 25.81 ? 101 I3S A O5  1 
HETATM 936  C C4  . I3S B 2 .   ? 7.877   3.578   -15.423 1.00 22.43 ? 101 I3S A C4  1 
HETATM 937  O O4  . I3S B 2 .   ? 6.622   3.570   -16.144 1.00 16.26 ? 101 I3S A O4  1 
HETATM 938  P P4  . I3S B 2 .   ? 5.300   2.918   -15.633 1.00 19.14 ? 101 I3S A P4  1 
HETATM 939  O OP5 . I3S B 2 .   ? 4.874   3.498   -14.325 1.00 11.76 ? 101 I3S A OP5 1 
HETATM 940  O OP6 . I3S B 2 .   ? 4.283   3.307   -16.703 1.00 17.50 ? 101 I3S A OP6 1 
HETATM 941  O OP4 . I3S B 2 .   ? 5.542   1.445   -15.512 1.00 15.31 ? 101 I3S A OP4 1 
HETATM 942  O O   . HOH C 3 .   ? 0.069   9.283   5.886   1.00 4.42  ? 1   HOH A O   1 
HETATM 943  O O   . HOH C 3 .   ? -14.645 -2.447  -0.909  1.00 21.89 ? 2   HOH A O   1 
HETATM 944  O O   . HOH C 3 .   ? -0.139  -4.498  -13.845 1.00 18.43 ? 3   HOH A O   1 
HETATM 945  O O   . HOH C 3 .   ? -2.765  7.339   -19.096 1.00 17.40 ? 4   HOH A O   1 
HETATM 946  O O   . HOH C 3 .   ? 13.159  5.610   -18.325 1.00 14.78 ? 5   HOH A O   1 
HETATM 947  O O   . HOH C 3 .   ? 4.075   5.908   -17.589 1.00 19.27 ? 6   HOH A O   1 
HETATM 948  O O   . HOH C 3 .   ? -12.236 3.934   -4.403  1.00 26.80 ? 7   HOH A O   1 
HETATM 949  O O   . HOH C 3 .   ? 15.293  2.669   -18.678 1.00 16.54 ? 8   HOH A O   1 
HETATM 950  O O   . HOH C 3 .   ? 6.819   6.342   7.167   1.00 34.33 ? 9   HOH A O   1 
HETATM 951  O O   . HOH C 3 .   ? -4.644  9.767   5.300   1.00 12.97 ? 10  HOH A O   1 
HETATM 952  O O   . HOH C 3 .   ? 9.306   4.678   -4.462  1.00 19.40 ? 11  HOH A O   1 
HETATM 953  O O   . HOH C 3 .   ? 12.671  0.991   -11.029 1.00 28.32 ? 12  HOH A O   1 
HETATM 954  O O   . HOH C 3 .   ? -15.987 -0.320  0.693   1.00 30.03 ? 13  HOH A O   1 
HETATM 955  O O   . HOH C 3 .   ? -10.435 0.695   9.535   1.00 13.72 ? 14  HOH A O   1 
HETATM 956  O O   . HOH C 3 .   ? 7.279   -21.145 9.830   1.00 26.50 ? 15  HOH A O   1 
HETATM 957  O O   . HOH C 3 .   ? -5.344  -12.188 -11.691 1.00 36.67 ? 16  HOH A O   1 
HETATM 958  O O   . HOH C 3 .   ? 3.192   -8.089  -9.398  1.00 24.41 ? 17  HOH A O   1 
HETATM 959  O O   . HOH C 3 .   ? 5.412   -5.166  -14.253 1.00 33.83 ? 18  HOH A O   1 
HETATM 960  O O   . HOH C 3 .   ? -11.587 9.416   2.500   1.00 35.40 ? 19  HOH A O   1 
HETATM 961  O O   . HOH C 3 .   ? -10.210 -10.024 -6.533  1.00 22.62 ? 20  HOH A O   1 
HETATM 962  O O   . HOH C 3 .   ? -15.800 4.680   -0.393  1.00 20.04 ? 21  HOH A O   1 
HETATM 963  O O   . HOH C 3 .   ? 9.786   7.580   -5.728  1.00 17.52 ? 22  HOH A O   1 
HETATM 964  O O   . HOH C 3 .   ? 0.117   -6.770  -15.831 1.00 37.43 ? 23  HOH A O   1 
HETATM 965  O O   . HOH C 3 .   ? 9.486   8.140   -13.924 1.00 24.79 ? 24  HOH A O   1 
HETATM 966  O O   . HOH C 3 .   ? -10.589 -7.536  -0.384  1.00 20.49 ? 25  HOH A O   1 
HETATM 967  O O   . HOH C 3 .   ? -6.395  8.928   -4.912  1.00 20.60 ? 26  HOH A O   1 
HETATM 968  O O   . HOH C 3 .   ? 8.327   9.790   -12.526 1.00 20.80 ? 27  HOH A O   1 
HETATM 969  O O   . HOH C 3 .   ? -3.809  -11.310 3.507   1.00 28.66 ? 28  HOH A O   1 
HETATM 970  O O   . HOH C 3 .   ? -11.278 7.792   6.341   1.00 17.88 ? 29  HOH A O   1 
HETATM 971  O O   . HOH C 3 .   ? 8.661   -3.181  -10.788 1.00 30.70 ? 30  HOH A O   1 
HETATM 972  O O   . HOH C 3 .   ? 14.041  -1.276  -15.424 1.00 27.98 ? 31  HOH A O   1 
HETATM 973  O O   . HOH C 3 .   ? 14.592  -5.846  9.618   1.00 26.80 ? 32  HOH A O   1 
HETATM 974  O O   . HOH C 3 .   ? 8.017   -14.826 9.809   1.00 42.72 ? 33  HOH A O   1 
HETATM 975  O O   . HOH C 3 .   ? 11.664  -3.368  5.477   1.00 17.89 ? 34  HOH A O   1 
HETATM 976  O O   . HOH C 3 .   ? 8.292   -15.504 2.782   1.00 34.76 ? 35  HOH A O   1 
HETATM 977  O O   . HOH C 3 .   ? 5.987   19.200  2.739   1.00 30.56 ? 36  HOH A O   1 
HETATM 978  O O   . HOH C 3 .   ? -11.354 6.905   -1.952  1.00 25.26 ? 37  HOH A O   1 
HETATM 979  O O   . HOH C 3 .   ? 6.336   19.276  -6.335  1.00 29.50 ? 38  HOH A O   1 
HETATM 980  O O   . HOH C 3 .   ? 1.190   -8.960  -6.488  1.00 32.53 ? 39  HOH A O   1 
HETATM 981  O O   . HOH C 3 .   ? -6.758  -3.604  -12.901 1.00 33.38 ? 40  HOH A O   1 
HETATM 982  O O   . HOH C 3 .   ? -8.323  7.879   -12.144 1.00 32.35 ? 41  HOH A O   1 
HETATM 983  O O   . HOH C 3 .   ? 4.847   8.838   -1.025  1.00 44.03 ? 42  HOH A O   1 
HETATM 984  O O   . HOH C 3 .   ? -10.753 6.240   -10.247 1.00 25.23 ? 43  HOH A O   1 
HETATM 985  O O   . HOH C 3 .   ? -13.686 -5.167  1.610   1.00 28.74 ? 44  HOH A O   1 
HETATM 986  O O   . HOH C 3 .   ? -3.383  -10.954 0.099   1.00 26.31 ? 45  HOH A O   1 
HETATM 987  O O   . HOH C 3 .   ? 9.698   0.489   -3.417  1.00 38.25 ? 46  HOH A O   1 
HETATM 988  O O   . HOH C 3 .   ? 3.519   8.367   6.685   1.00 31.93 ? 47  HOH A O   1 
HETATM 989  O O   . HOH C 3 .   ? -1.600  -15.250 -4.263  1.00 27.26 ? 48  HOH A O   1 
HETATM 990  O O   . HOH C 3 .   ? 10.731  5.454   -18.722 1.00 32.62 ? 49  HOH A O   1 
HETATM 991  O O   . HOH C 3 .   ? 10.720  3.096   -11.491 1.00 32.75 ? 50  HOH A O   1 
HETATM 992  O O   . HOH C 3 .   ? 1.398   -3.817  -16.870 1.00 23.23 ? 51  HOH A O   1 
HETATM 993  O O   . HOH C 3 .   ? 4.602   -9.871  14.907  1.00 47.49 ? 52  HOH A O   1 
HETATM 994  O O   . HOH C 3 .   ? 8.138   16.779  1.392   1.00 26.43 ? 53  HOH A O   1 
HETATM 995  O O   . HOH C 3 .   ? -6.322  11.253  -5.098  1.00 30.27 ? 54  HOH A O   1 
HETATM 996  O O   . HOH C 3 .   ? 12.146  -4.073  -1.943  1.00 32.79 ? 55  HOH A O   1 
HETATM 997  O O   . HOH C 3 .   ? 5.141   12.027  -9.312  1.00 28.84 ? 56  HOH A O   1 
HETATM 998  O O   . HOH C 3 .   ? -10.826 -10.421 -13.481 1.00 32.25 ? 57  HOH A O   1 
HETATM 999  O O   . HOH C 3 .   ? 10.576  -0.083  -13.147 1.00 39.72 ? 58  HOH A O   1 
HETATM 1000 O O   . HOH C 3 .   ? 11.893  -6.455  5.356   1.00 29.81 ? 59  HOH A O   1 
HETATM 1001 O O   . HOH C 3 .   ? -10.341 8.400   12.473  1.00 39.00 ? 60  HOH A O   1 
HETATM 1002 O O   . HOH C 3 .   ? -17.995 5.635   5.777   1.00 37.46 ? 61  HOH A O   1 
HETATM 1003 O O   . HOH C 3 .   ? 11.902  1.016   -4.694  1.00 34.96 ? 62  HOH A O   1 
HETATM 1004 O O   . HOH C 3 .   ? 9.243   -1.062  -17.084 1.00 37.30 ? 63  HOH A O   1 
HETATM 1005 O O   . HOH C 3 .   ? -6.823  -4.564  -10.674 1.00 33.92 ? 64  HOH A O   1 
HETATM 1006 O O   . HOH C 3 .   ? 0.724   -11.146 -2.425  1.00 34.36 ? 65  HOH A O   1 
HETATM 1007 O O   . HOH C 3 .   ? 12.907  3.361   6.328   1.00 30.94 ? 66  HOH A O   1 
HETATM 1008 O O   . HOH C 3 .   ? -0.754  -8.937  -2.815  1.00 29.31 ? 67  HOH A O   1 
HETATM 1009 O O   . HOH C 3 .   ? 3.718   21.712  -3.565  1.00 32.94 ? 68  HOH A O   1 
HETATM 1010 O O   . HOH C 3 .   ? -3.008  -9.143  13.151  1.00 37.37 ? 69  HOH A O   1 
HETATM 1011 O O   . HOH C 3 .   ? -3.735  -12.307 -14.374 1.00 45.17 ? 70  HOH A O   1 
HETATM 1012 O O   . HOH C 3 .   ? 5.840   -15.012 10.782  1.00 48.88 ? 71  HOH A O   1 
HETATM 1013 O O   . HOH C 3 .   ? -15.113 3.772   -4.727  1.00 34.48 ? 72  HOH A O   1 
# 
loop_
_pdbx_poly_seq_scheme.asym_id 
_pdbx_poly_seq_scheme.entity_id 
_pdbx_poly_seq_scheme.seq_id 
_pdbx_poly_seq_scheme.mon_id 
_pdbx_poly_seq_scheme.ndb_seq_num 
_pdbx_poly_seq_scheme.pdb_seq_num 
_pdbx_poly_seq_scheme.auth_seq_num 
_pdbx_poly_seq_scheme.pdb_mon_id 
_pdbx_poly_seq_scheme.auth_mon_id 
_pdbx_poly_seq_scheme.pdb_strand_id 
_pdbx_poly_seq_scheme.pdb_ins_code 
_pdbx_poly_seq_scheme.hetero 
A 1 1   GLY 1   312 ?   ?   ?   A . n 
A 1 2   SER 2   313 ?   ?   ?   A . n 
A 1 3   ARG 3   314 ?   ?   ?   A . n 
A 1 4   ARG 4   315 ?   ?   ?   A . n 
A 1 5   ALA 5   316 ?   ?   ?   A . n 
A 1 6   SER 6   317 ?   ?   ?   A . n 
A 1 7   VAL 7   318 ?   ?   ?   A . n 
A 1 8   GLY 8   319 ?   ?   ?   A . n 
A 1 9   SER 9   320 ?   ?   ?   A . n 
A 1 10  HIS 10  321 321 HIS HIS A . n 
A 1 11  GLU 11  322 322 GLU GLU A . n 
A 1 12  VAL 12  323 323 VAL VAL A . n 
A 1 13  GLU 13  324 324 GLU GLU A . n 
A 1 14  LYS 14  325 325 LYS LYS A . n 
A 1 15  SER 15  326 326 SER SER A . n 
A 1 16  GLY 16  327 327 GLY GLY A . n 
A 1 17  LEU 17  328 328 LEU LEU A . n 
A 1 18  LEU 18  329 329 LEU LEU A . n 
A 1 19  ASN 19  330 330 ASN ASN A . n 
A 1 20  MET 20  331 331 MET MET A . n 
A 1 21  THR 21  332 332 THR THR A . n 
A 1 22  LYS 22  333 333 LYS LYS A . n 
A 1 23  ILE 23  334 334 ILE ILE A . n 
A 1 24  ALA 24  335 335 ALA ALA A . n 
A 1 25  GLN 25  336 336 GLN GLN A . n 
A 1 26  GLY 26  337 337 GLY GLY A . n 
A 1 27  GLY 27  338 338 GLY GLY A . n 
A 1 28  ARG 28  339 339 ARG ARG A . n 
A 1 29  LYS 29  340 340 LYS LYS A . n 
A 1 30  LEU 30  341 341 LEU LEU A . n 
A 1 31  ARG 31  342 342 ARG ARG A . n 
A 1 32  LYS 32  343 343 LYS LYS A . n 
A 1 33  ASN 33  344 344 ASN ASN A . n 
A 1 34  TRP 34  345 345 TRP TRP A . n 
A 1 35  GLY 35  346 346 GLY GLY A . n 
A 1 36  PRO 36  347 347 PRO PRO A . n 
A 1 37  SER 37  348 348 SER SER A . n 
A 1 38  TRP 38  349 349 TRP TRP A . n 
A 1 39  VAL 39  350 350 VAL VAL A . n 
A 1 40  VAL 40  351 351 VAL VAL A . n 
A 1 41  LEU 41  352 352 LEU LEU A . n 
A 1 42  THR 42  353 353 THR THR A . n 
A 1 43  GLY 43  354 354 GLY GLY A . n 
A 1 44  ASN 44  355 355 ASN ASN A . n 
A 1 45  SER 45  356 356 SER SER A . n 
A 1 46  LEU 46  357 357 LEU LEU A . n 
A 1 47  VAL 47  358 358 VAL VAL A . n 
A 1 48  PHE 48  359 359 PHE PHE A . n 
A 1 49  TYR 49  360 360 TYR TYR A . n 
A 1 50  ARG 50  361 361 ARG ARG A . n 
A 1 51  GLU 51  362 362 GLU GLU A . n 
A 1 52  PRO 52  363 363 PRO PRO A . n 
A 1 53  PRO 53  364 364 PRO PRO A . n 
A 1 54  PRO 54  365 365 PRO PRO A . n 
A 1 55  THR 55  366 366 THR THR A . n 
A 1 56  ALA 56  367 367 ALA ALA A . n 
A 1 57  PRO 57  368 368 PRO PRO A . n 
A 1 58  SER 58  369 369 SER SER A . n 
A 1 59  SER 59  370 370 SER SER A . n 
A 1 60  GLY 60  371 371 GLY GLY A . n 
A 1 61  TRP 61  372 372 TRP TRP A . n 
A 1 62  GLY 62  373 373 GLY GLY A . n 
A 1 63  PRO 63  374 374 PRO PRO A . n 
A 1 64  ALA 64  375 375 ALA ALA A . n 
A 1 65  GLY 65  376 376 GLY GLY A . n 
A 1 66  SER 66  377 377 SER SER A . n 
A 1 67  ARG 67  378 378 ARG ARG A . n 
A 1 68  PRO 68  379 379 PRO PRO A . n 
A 1 69  GLU 69  380 380 GLU GLU A . n 
A 1 70  SER 70  381 381 SER SER A . n 
A 1 71  SER 71  382 382 SER SER A . n 
A 1 72  VAL 72  383 383 VAL VAL A . n 
A 1 73  ASP 73  384 384 ASP ASP A . n 
A 1 74  LEU 74  385 385 LEU LEU A . n 
A 1 75  ARG 75  386 386 ARG ARG A . n 
A 1 76  GLY 76  387 387 GLY GLY A . n 
A 1 77  ALA 77  388 388 ALA ALA A . n 
A 1 78  ALA 78  389 389 ALA ALA A . n 
A 1 79  LEU 79  390 390 LEU LEU A . n 
A 1 80  ALA 80  391 391 ALA ALA A . n 
A 1 81  HIS 81  392 392 HIS HIS A . n 
A 1 82  GLY 82  393 393 GLY GLY A . n 
A 1 83  ARG 83  394 394 ARG ARG A . n 
A 1 84  HIS 84  395 395 HIS HIS A . n 
A 1 85  LEU 85  396 396 LEU LEU A . n 
A 1 86  SER 86  397 397 SER SER A . n 
A 1 87  SER 87  398 398 SER SER A . n 
A 1 88  ARG 88  399 399 ARG ARG A . n 
A 1 89  ARG 89  400 400 ARG ARG A . n 
A 1 90  ASN 90  401 401 ASN ASN A . n 
A 1 91  VAL 91  402 402 VAL VAL A . n 
A 1 92  LEU 92  403 403 LEU LEU A . n 
A 1 93  HIS 93  404 404 HIS HIS A . n 
A 1 94  ILE 94  405 405 ILE ILE A . n 
A 1 95  ARG 95  406 406 ARG ARG A . n 
A 1 96  THR 96  407 407 THR THR A . n 
A 1 97  ILE 97  408 408 ILE ILE A . n 
A 1 98  PRO 98  409 409 PRO PRO A . n 
A 1 99  GLY 99  410 410 GLY GLY A . n 
A 1 100 HIS 100 411 411 HIS HIS A . n 
A 1 101 GLU 101 412 412 GLU GLU A . n 
A 1 102 PHE 102 413 413 PHE PHE A . n 
A 1 103 LEU 103 414 414 LEU LEU A . n 
A 1 104 LEU 104 415 415 LEU LEU A . n 
A 1 105 GLN 105 416 416 GLN GLN A . n 
A 1 106 SER 106 417 417 SER SER A . n 
A 1 107 ASP 107 418 418 ASP ASP A . n 
A 1 108 HIS 108 419 419 HIS HIS A . n 
A 1 109 GLU 109 420 420 GLU GLU A . n 
A 1 110 THR 110 421 421 THR THR A . n 
A 1 111 GLU 111 422 422 GLU GLU A . n 
A 1 112 LEU 112 423 423 LEU LEU A . n 
A 1 113 ARG 113 424 424 ARG ARG A . n 
A 1 114 ALA 114 425 425 ALA ALA A . n 
A 1 115 TRP 115 426 426 TRP TRP A . n 
A 1 116 HIS 116 427 427 HIS HIS A . n 
A 1 117 ARG 117 428 428 ARG ARG A . n 
A 1 118 ALA 118 429 429 ALA ALA A . n 
A 1 119 LEU 119 430 430 LEU LEU A . n 
A 1 120 ARG 120 431 431 ARG ARG A . n 
A 1 121 THR 121 432 432 THR THR A . n 
A 1 122 VAL 122 433 433 VAL VAL A . n 
A 1 123 ILE 123 434 434 ILE ILE A . n 
A 1 124 GLU 124 435 435 GLU GLU A . n 
A 1 125 ARG 125 436 436 ARG ARG A . n 
A 1 126 LEU 126 437 437 LEU LEU A . n 
A 1 127 VAL 127 438 438 VAL VAL A . n 
A 1 128 ARG 128 439 ?   ?   ?   A . n 
A 1 129 TRP 129 440 ?   ?   ?   A . n 
# 
loop_
_pdbx_nonpoly_scheme.asym_id 
_pdbx_nonpoly_scheme.entity_id 
_pdbx_nonpoly_scheme.mon_id 
_pdbx_nonpoly_scheme.ndb_seq_num 
_pdbx_nonpoly_scheme.pdb_seq_num 
_pdbx_nonpoly_scheme.auth_seq_num 
_pdbx_nonpoly_scheme.pdb_mon_id 
_pdbx_nonpoly_scheme.auth_mon_id 
_pdbx_nonpoly_scheme.pdb_strand_id 
_pdbx_nonpoly_scheme.pdb_ins_code 
B 2 I3S 1  101 101 I3S I3S A . 
C 3 HOH 1  1   1   HOH HOH A . 
C 3 HOH 2  2   2   HOH HOH A . 
C 3 HOH 3  3   3   HOH HOH A . 
C 3 HOH 4  4   4   HOH HOH A . 
C 3 HOH 5  5   5   HOH HOH A . 
C 3 HOH 6  6   6   HOH HOH A . 
C 3 HOH 7  7   7   HOH HOH A . 
C 3 HOH 8  8   8   HOH HOH A . 
C 3 HOH 9  9   9   HOH HOH A . 
C 3 HOH 10 10  10  HOH HOH A . 
C 3 HOH 11 11  11  HOH HOH A . 
C 3 HOH 12 12  12  HOH HOH A . 
C 3 HOH 13 13  13  HOH HOH A . 
C 3 HOH 14 14  14  HOH HOH A . 
C 3 HOH 15 15  15  HOH HOH A . 
C 3 HOH 16 16  16  HOH HOH A . 
C 3 HOH 17 17  17  HOH HOH A . 
C 3 HOH 18 18  18  HOH HOH A . 
C 3 HOH 19 19  19  HOH HOH A . 
C 3 HOH 20 20  20  HOH HOH A . 
C 3 HOH 21 21  21  HOH HOH A . 
C 3 HOH 22 22  22  HOH HOH A . 
C 3 HOH 23 23  23  HOH HOH A . 
C 3 HOH 24 24  24  HOH HOH A . 
C 3 HOH 25 25  25  HOH HOH A . 
C 3 HOH 26 26  26  HOH HOH A . 
C 3 HOH 27 27  27  HOH HOH A . 
C 3 HOH 28 28  28  HOH HOH A . 
C 3 HOH 29 29  29  HOH HOH A . 
C 3 HOH 30 30  30  HOH HOH A . 
C 3 HOH 31 31  31  HOH HOH A . 
C 3 HOH 32 32  32  HOH HOH A . 
C 3 HOH 33 33  33  HOH HOH A . 
C 3 HOH 34 34  34  HOH HOH A . 
C 3 HOH 35 35  35  HOH HOH A . 
C 3 HOH 36 36  36  HOH HOH A . 
C 3 HOH 37 37  37  HOH HOH A . 
C 3 HOH 38 38  38  HOH HOH A . 
C 3 HOH 39 39  39  HOH HOH A . 
C 3 HOH 40 40  40  HOH HOH A . 
C 3 HOH 41 41  41  HOH HOH A . 
C 3 HOH 42 42  42  HOH HOH A . 
C 3 HOH 43 43  43  HOH HOH A . 
C 3 HOH 44 44  44  HOH HOH A . 
C 3 HOH 45 45  45  HOH HOH A . 
C 3 HOH 46 46  46  HOH HOH A . 
C 3 HOH 47 47  47  HOH HOH A . 
C 3 HOH 48 48  48  HOH HOH A . 
C 3 HOH 49 49  49  HOH HOH A . 
C 3 HOH 50 50  50  HOH HOH A . 
C 3 HOH 51 51  51  HOH HOH A . 
C 3 HOH 52 52  52  HOH HOH A . 
C 3 HOH 53 53  53  HOH HOH A . 
C 3 HOH 54 54  54  HOH HOH A . 
C 3 HOH 55 55  55  HOH HOH A . 
C 3 HOH 56 56  56  HOH HOH A . 
C 3 HOH 57 57  57  HOH HOH A . 
C 3 HOH 58 58  58  HOH HOH A . 
C 3 HOH 59 59  59  HOH HOH A . 
C 3 HOH 60 60  60  HOH HOH A . 
C 3 HOH 61 61  61  HOH HOH A . 
C 3 HOH 62 62  62  HOH HOH A . 
C 3 HOH 63 63  63  HOH HOH A . 
C 3 HOH 64 64  64  HOH HOH A . 
C 3 HOH 65 65  65  HOH HOH A . 
C 3 HOH 66 66  66  HOH HOH A . 
C 3 HOH 67 67  67  HOH HOH A . 
C 3 HOH 68 68  68  HOH HOH A . 
C 3 HOH 69 69  69  HOH HOH A . 
C 3 HOH 70 70  70  HOH HOH A . 
C 3 HOH 71 71  71  HOH HOH A . 
C 3 HOH 72 72  72  HOH HOH A . 
# 
_pdbx_struct_assembly.id                   1 
_pdbx_struct_assembly.details              author_defined_assembly 
_pdbx_struct_assembly.method_details       ? 
_pdbx_struct_assembly.oligomeric_details   monomeric 
_pdbx_struct_assembly.oligomeric_count     1 
# 
_pdbx_struct_assembly_gen.assembly_id       1 
_pdbx_struct_assembly_gen.oper_expression   1 
_pdbx_struct_assembly_gen.asym_id_list      A,B,C 
# 
_pdbx_struct_oper_list.id                   1 
_pdbx_struct_oper_list.type                 'identity operation' 
_pdbx_struct_oper_list.name                 1_555 
_pdbx_struct_oper_list.symmetry_operation   x,y,z 
_pdbx_struct_oper_list.matrix[1][1]         1.0000000000 
_pdbx_struct_oper_list.matrix[1][2]         0.0000000000 
_pdbx_struct_oper_list.matrix[1][3]         0.0000000000 
_pdbx_struct_oper_list.vector[1]            0.0000000000 
_pdbx_struct_oper_list.matrix[2][1]         0.0000000000 
_pdbx_struct_oper_list.matrix[2][2]         1.0000000000 
_pdbx_struct_oper_list.matrix[2][3]         0.0000000000 
_pdbx_struct_oper_list.vector[2]            0.0000000000 
_pdbx_struct_oper_list.matrix[3][1]         0.0000000000 
_pdbx_struct_oper_list.matrix[3][2]         0.0000000000 
_pdbx_struct_oper_list.matrix[3][3]         1.0000000000 
_pdbx_struct_oper_list.vector[3]            0.0000000000 
# 
loop_
_pdbx_audit_revision_history.ordinal 
_pdbx_audit_revision_history.data_content_type 
_pdbx_audit_revision_history.major_revision 
_pdbx_audit_revision_history.minor_revision 
_pdbx_audit_revision_history.revision_date 
1 'Structure model' 1 0 2007-03-27 
2 'Structure model' 1 1 2008-05-01 
3 'Structure model' 1 2 2011-07-13 
4 'Structure model' 1 3 2023-08-30 
# 
_pdbx_audit_revision_details.ordinal             1 
_pdbx_audit_revision_details.revision_ordinal    1 
_pdbx_audit_revision_details.data_content_type   'Structure model' 
_pdbx_audit_revision_details.provider            repository 
_pdbx_audit_revision_details.type                'Initial release' 
_pdbx_audit_revision_details.description         ? 
_pdbx_audit_revision_details.details             ? 
# 
loop_
_pdbx_audit_revision_group.ordinal 
_pdbx_audit_revision_group.revision_ordinal 
_pdbx_audit_revision_group.data_content_type 
_pdbx_audit_revision_group.group 
1 2 'Structure model' 'Version format compliance' 
2 3 'Structure model' 'Version format compliance' 
3 4 'Structure model' 'Data collection'           
4 4 'Structure model' 'Database references'       
5 4 'Structure model' 'Derived calculations'      
6 4 'Structure model' 'Refinement description'    
# 
loop_
_pdbx_audit_revision_category.ordinal 
_pdbx_audit_revision_category.revision_ordinal 
_pdbx_audit_revision_category.data_content_type 
_pdbx_audit_revision_category.category 
1 4 'Structure model' chem_comp_atom                
2 4 'Structure model' chem_comp_bond                
3 4 'Structure model' database_2                    
4 4 'Structure model' pdbx_initial_refinement_model 
5 4 'Structure model' struct_ref_seq_dif            
6 4 'Structure model' struct_site                   
# 
loop_
_pdbx_audit_revision_item.ordinal 
_pdbx_audit_revision_item.revision_ordinal 
_pdbx_audit_revision_item.data_content_type 
_pdbx_audit_revision_item.item 
1 4 'Structure model' '_database_2.pdbx_DOI'                
2 4 'Structure model' '_database_2.pdbx_database_accession' 
3 4 'Structure model' '_struct_ref_seq_dif.details'         
4 4 'Structure model' '_struct_site.pdbx_auth_asym_id'      
5 4 'Structure model' '_struct_site.pdbx_auth_comp_id'      
6 4 'Structure model' '_struct_site.pdbx_auth_seq_id'       
# 
loop_
_software.name 
_software.version 
_software.date 
_software.type 
_software.contact_author 
_software.contact_author_email 
_software.classification 
_software.location 
_software.language 
_software.citation_id 
_software.pdbx_ordinal 
REFMAC      5.2.0019 ?                program 'Murshudov, G.N.' ccp4@dl.ac.uk            refinement        
http://www.ccp4.ac.uk/main.html  Fortran_77 ? 1 
PDB_EXTRACT 2.000    'April. 3, 2006' package PDB               sw-help@rcsb.rutgers.edu 'data extraction' 
http://pdb.rutgers.edu/software/ C++        ? 2 
ADSC        QUANTUM  ?                ?       ?                 ?                        'data collection' ? ?          ? 3 
HKL-2000    .        ?                ?       ?                 ?                        'data reduction'  ? ?          ? 4 
HKL-2000    .        ?                ?       ?                 ?                        'data scaling'    ? ?          ? 5 
MOLREP      .        ?                ?       ?                 ?                        phasing           ? ?          ? 6 
# 
loop_
_pdbx_validate_rmsd_angle.id 
_pdbx_validate_rmsd_angle.PDB_model_num 
_pdbx_validate_rmsd_angle.auth_atom_id_1 
_pdbx_validate_rmsd_angle.auth_asym_id_1 
_pdbx_validate_rmsd_angle.auth_comp_id_1 
_pdbx_validate_rmsd_angle.auth_seq_id_1 
_pdbx_validate_rmsd_angle.PDB_ins_code_1 
_pdbx_validate_rmsd_angle.label_alt_id_1 
_pdbx_validate_rmsd_angle.auth_atom_id_2 
_pdbx_validate_rmsd_angle.auth_asym_id_2 
_pdbx_validate_rmsd_angle.auth_comp_id_2 
_pdbx_validate_rmsd_angle.auth_seq_id_2 
_pdbx_validate_rmsd_angle.PDB_ins_code_2 
_pdbx_validate_rmsd_angle.label_alt_id_2 
_pdbx_validate_rmsd_angle.auth_atom_id_3 
_pdbx_validate_rmsd_angle.auth_asym_id_3 
_pdbx_validate_rmsd_angle.auth_comp_id_3 
_pdbx_validate_rmsd_angle.auth_seq_id_3 
_pdbx_validate_rmsd_angle.PDB_ins_code_3 
_pdbx_validate_rmsd_angle.label_alt_id_3 
_pdbx_validate_rmsd_angle.angle_value 
_pdbx_validate_rmsd_angle.angle_target_value 
_pdbx_validate_rmsd_angle.angle_deviation 
_pdbx_validate_rmsd_angle.angle_standard_deviation 
_pdbx_validate_rmsd_angle.linker_flag 
1 1 CA A LEU 403 ? ? CB A LEU 403 ? ? CG  A LEU 403 ? ? 130.28 115.30 14.98 2.30 N 
2 1 NE A ARG 431 ? ? CZ A ARG 431 ? ? NH2 A ARG 431 ? ? 116.59 120.30 -3.71 0.50 N 
# 
loop_
_pdbx_validate_torsion.id 
_pdbx_validate_torsion.PDB_model_num 
_pdbx_validate_torsion.auth_comp_id 
_pdbx_validate_torsion.auth_asym_id 
_pdbx_validate_torsion.auth_seq_id 
_pdbx_validate_torsion.PDB_ins_code 
_pdbx_validate_torsion.label_alt_id 
_pdbx_validate_torsion.phi 
_pdbx_validate_torsion.psi 
1 1 GLU A 322 ? ? -123.33 -166.78 
2 1 ASN A 344 ? ? -152.63 80.85   
3 1 ASN A 355 ? ? -140.30 -0.50   
4 1 PRO A 364 ? ? -47.16  151.72  
# 
_pdbx_validate_peptide_omega.id               1 
_pdbx_validate_peptide_omega.PDB_model_num    1 
_pdbx_validate_peptide_omega.auth_comp_id_1   GLU 
_pdbx_validate_peptide_omega.auth_asym_id_1   A 
_pdbx_validate_peptide_omega.auth_seq_id_1    322 
_pdbx_validate_peptide_omega.PDB_ins_code_1   ? 
_pdbx_validate_peptide_omega.label_alt_id_1   ? 
_pdbx_validate_peptide_omega.auth_comp_id_2   VAL 
_pdbx_validate_peptide_omega.auth_asym_id_2   A 
_pdbx_validate_peptide_omega.auth_seq_id_2    323 
_pdbx_validate_peptide_omega.PDB_ins_code_2   ? 
_pdbx_validate_peptide_omega.label_alt_id_2   ? 
_pdbx_validate_peptide_omega.omega            -147.50 
# 
loop_
_pdbx_unobs_or_zero_occ_atoms.id 
_pdbx_unobs_or_zero_occ_atoms.PDB_model_num 
_pdbx_unobs_or_zero_occ_atoms.polymer_flag 
_pdbx_unobs_or_zero_occ_atoms.occupancy_flag 
_pdbx_unobs_or_zero_occ_atoms.auth_asym_id 
_pdbx_unobs_or_zero_occ_atoms.auth_comp_id 
_pdbx_unobs_or_zero_occ_atoms.auth_seq_id 
_pdbx_unobs_or_zero_occ_atoms.PDB_ins_code 
_pdbx_unobs_or_zero_occ_atoms.auth_atom_id 
_pdbx_unobs_or_zero_occ_atoms.label_alt_id 
_pdbx_unobs_or_zero_occ_atoms.label_asym_id 
_pdbx_unobs_or_zero_occ_atoms.label_comp_id 
_pdbx_unobs_or_zero_occ_atoms.label_seq_id 
_pdbx_unobs_or_zero_occ_atoms.label_atom_id 
1  1 Y 1 A LYS 340 ? CG  ? A LYS 29 CG  
2  1 Y 1 A LYS 340 ? CD  ? A LYS 29 CD  
3  1 Y 1 A LYS 340 ? CE  ? A LYS 29 CE  
4  1 Y 1 A LYS 340 ? NZ  ? A LYS 29 NZ  
5  1 Y 1 A ARG 361 ? CG  ? A ARG 50 CG  
6  1 Y 1 A ARG 361 ? CD  ? A ARG 50 CD  
7  1 Y 1 A ARG 361 ? NE  ? A ARG 50 NE  
8  1 Y 1 A ARG 361 ? CZ  ? A ARG 50 CZ  
9  1 Y 1 A ARG 361 ? NH1 ? A ARG 50 NH1 
10 1 Y 1 A ARG 361 ? NH2 ? A ARG 50 NH2 
11 1 Y 1 A ARG 378 ? CG  ? A ARG 67 CG  
12 1 Y 1 A ARG 378 ? CD  ? A ARG 67 CD  
13 1 Y 1 A ARG 378 ? NE  ? A ARG 67 NE  
14 1 Y 1 A ARG 378 ? CZ  ? A ARG 67 CZ  
15 1 Y 1 A ARG 378 ? NH1 ? A ARG 67 NH1 
16 1 Y 1 A ARG 378 ? NH2 ? A ARG 67 NH2 
# 
loop_
_pdbx_unobs_or_zero_occ_residues.id 
_pdbx_unobs_or_zero_occ_residues.PDB_model_num 
_pdbx_unobs_or_zero_occ_residues.polymer_flag 
_pdbx_unobs_or_zero_occ_residues.occupancy_flag 
_pdbx_unobs_or_zero_occ_residues.auth_asym_id 
_pdbx_unobs_or_zero_occ_residues.auth_comp_id 
_pdbx_unobs_or_zero_occ_residues.auth_seq_id 
_pdbx_unobs_or_zero_occ_residues.PDB_ins_code 
_pdbx_unobs_or_zero_occ_residues.label_asym_id 
_pdbx_unobs_or_zero_occ_residues.label_comp_id 
_pdbx_unobs_or_zero_occ_residues.label_seq_id 
1  1 Y 1 A GLY 312 ? A GLY 1   
2  1 Y 1 A SER 313 ? A SER 2   
3  1 Y 1 A ARG 314 ? A ARG 3   
4  1 Y 1 A ARG 315 ? A ARG 4   
5  1 Y 1 A ALA 316 ? A ALA 5   
6  1 Y 1 A SER 317 ? A SER 6   
7  1 Y 1 A VAL 318 ? A VAL 7   
8  1 Y 1 A GLY 319 ? A GLY 8   
9  1 Y 1 A SER 320 ? A SER 9   
10 1 Y 1 A ARG 439 ? A ARG 128 
11 1 Y 1 A TRP 440 ? A TRP 129 
# 
loop_
_chem_comp_atom.comp_id 
_chem_comp_atom.atom_id 
_chem_comp_atom.type_symbol 
_chem_comp_atom.pdbx_aromatic_flag 
_chem_comp_atom.pdbx_stereo_config 
_chem_comp_atom.pdbx_ordinal 
ALA N    N N N 1   
ALA CA   C N S 2   
ALA C    C N N 3   
ALA O    O N N 4   
ALA CB   C N N 5   
ALA OXT  O N N 6   
ALA H    H N N 7   
ALA H2   H N N 8   
ALA HA   H N N 9   
ALA HB1  H N N 10  
ALA HB2  H N N 11  
ALA HB3  H N N 12  
ALA HXT  H N N 13  
ARG N    N N N 14  
ARG CA   C N S 15  
ARG C    C N N 16  
ARG O    O N N 17  
ARG CB   C N N 18  
ARG CG   C N N 19  
ARG CD   C N N 20  
ARG NE   N N N 21  
ARG CZ   C N N 22  
ARG NH1  N N N 23  
ARG NH2  N N N 24  
ARG OXT  O N N 25  
ARG H    H N N 26  
ARG H2   H N N 27  
ARG HA   H N N 28  
ARG HB2  H N N 29  
ARG HB3  H N N 30  
ARG HG2  H N N 31  
ARG HG3  H N N 32  
ARG HD2  H N N 33  
ARG HD3  H N N 34  
ARG HE   H N N 35  
ARG HH11 H N N 36  
ARG HH12 H N N 37  
ARG HH21 H N N 38  
ARG HH22 H N N 39  
ARG HXT  H N N 40  
ASN N    N N N 41  
ASN CA   C N S 42  
ASN C    C N N 43  
ASN O    O N N 44  
ASN CB   C N N 45  
ASN CG   C N N 46  
ASN OD1  O N N 47  
ASN ND2  N N N 48  
ASN OXT  O N N 49  
ASN H    H N N 50  
ASN H2   H N N 51  
ASN HA   H N N 52  
ASN HB2  H N N 53  
ASN HB3  H N N 54  
ASN HD21 H N N 55  
ASN HD22 H N N 56  
ASN HXT  H N N 57  
ASP N    N N N 58  
ASP CA   C N S 59  
ASP C    C N N 60  
ASP O    O N N 61  
ASP CB   C N N 62  
ASP CG   C N N 63  
ASP OD1  O N N 64  
ASP OD2  O N N 65  
ASP OXT  O N N 66  
ASP H    H N N 67  
ASP H2   H N N 68  
ASP HA   H N N 69  
ASP HB2  H N N 70  
ASP HB3  H N N 71  
ASP HD2  H N N 72  
ASP HXT  H N N 73  
GLN N    N N N 74  
GLN CA   C N S 75  
GLN C    C N N 76  
GLN O    O N N 77  
GLN CB   C N N 78  
GLN CG   C N N 79  
GLN CD   C N N 80  
GLN OE1  O N N 81  
GLN NE2  N N N 82  
GLN OXT  O N N 83  
GLN H    H N N 84  
GLN H2   H N N 85  
GLN HA   H N N 86  
GLN HB2  H N N 87  
GLN HB3  H N N 88  
GLN HG2  H N N 89  
GLN HG3  H N N 90  
GLN HE21 H N N 91  
GLN HE22 H N N 92  
GLN HXT  H N N 93  
GLU N    N N N 94  
GLU CA   C N S 95  
GLU C    C N N 96  
GLU O    O N N 97  
GLU CB   C N N 98  
GLU CG   C N N 99  
GLU CD   C N N 100 
GLU OE1  O N N 101 
GLU OE2  O N N 102 
GLU OXT  O N N 103 
GLU H    H N N 104 
GLU H2   H N N 105 
GLU HA   H N N 106 
GLU HB2  H N N 107 
GLU HB3  H N N 108 
GLU HG2  H N N 109 
GLU HG3  H N N 110 
GLU HE2  H N N 111 
GLU HXT  H N N 112 
GLY N    N N N 113 
GLY CA   C N N 114 
GLY C    C N N 115 
GLY O    O N N 116 
GLY OXT  O N N 117 
GLY H    H N N 118 
GLY H2   H N N 119 
GLY HA2  H N N 120 
GLY HA3  H N N 121 
GLY HXT  H N N 122 
HIS N    N N N 123 
HIS CA   C N S 124 
HIS C    C N N 125 
HIS O    O N N 126 
HIS CB   C N N 127 
HIS CG   C Y N 128 
HIS ND1  N Y N 129 
HIS CD2  C Y N 130 
HIS CE1  C Y N 131 
HIS NE2  N Y N 132 
HIS OXT  O N N 133 
HIS H    H N N 134 
HIS H2   H N N 135 
HIS HA   H N N 136 
HIS HB2  H N N 137 
HIS HB3  H N N 138 
HIS HD1  H N N 139 
HIS HD2  H N N 140 
HIS HE1  H N N 141 
HIS HE2  H N N 142 
HIS HXT  H N N 143 
HOH O    O N N 144 
HOH H1   H N N 145 
HOH H2   H N N 146 
I3S O11  O N N 147 
I3S P3   P N N 148 
I3S O12  O N N 149 
I3S O10  O N N 150 
I3S O3   O N N 151 
I3S C3   C N S 152 
I3S C2   C N S 153 
I3S O2   O N N 154 
I3S C1   C N S 155 
I3S O1   O N N 156 
I3S P1   P N N 157 
I3S OP2  O N N 158 
I3S OP3  O N N 159 
I3S OP1  O N N 160 
I3S C6   C N R 161 
I3S O6   O N N 162 
I3S C5   C N R 163 
I3S O5   O N N 164 
I3S C4   C N S 165 
I3S O4   O N N 166 
I3S P4   P N N 167 
I3S OP5  O N N 168 
I3S OP6  O N N 169 
I3S OP4  O N N 170 
I3S H11  H N N 171 
I3S H12  H N N 172 
I3S H3   H N N 173 
I3S H2   H N N 174 
I3S HO2  H N N 175 
I3S H1   H N N 176 
I3S HP3  H N N 177 
I3S HP1  H N N 178 
I3S H6   H N N 179 
I3S HO6  H N N 180 
I3S H5   H N N 181 
I3S HO5  H N N 182 
I3S H4   H N N 183 
I3S HP5  H N N 184 
I3S HP6  H N N 185 
ILE N    N N N 186 
ILE CA   C N S 187 
ILE C    C N N 188 
ILE O    O N N 189 
ILE CB   C N S 190 
ILE CG1  C N N 191 
ILE CG2  C N N 192 
ILE CD1  C N N 193 
ILE OXT  O N N 194 
ILE H    H N N 195 
ILE H2   H N N 196 
ILE HA   H N N 197 
ILE HB   H N N 198 
ILE HG12 H N N 199 
ILE HG13 H N N 200 
ILE HG21 H N N 201 
ILE HG22 H N N 202 
ILE HG23 H N N 203 
ILE HD11 H N N 204 
ILE HD12 H N N 205 
ILE HD13 H N N 206 
ILE HXT  H N N 207 
LEU N    N N N 208 
LEU CA   C N S 209 
LEU C    C N N 210 
LEU O    O N N 211 
LEU CB   C N N 212 
LEU CG   C N N 213 
LEU CD1  C N N 214 
LEU CD2  C N N 215 
LEU OXT  O N N 216 
LEU H    H N N 217 
LEU H2   H N N 218 
LEU HA   H N N 219 
LEU HB2  H N N 220 
LEU HB3  H N N 221 
LEU HG   H N N 222 
LEU HD11 H N N 223 
LEU HD12 H N N 224 
LEU HD13 H N N 225 
LEU HD21 H N N 226 
LEU HD22 H N N 227 
LEU HD23 H N N 228 
LEU HXT  H N N 229 
LYS N    N N N 230 
LYS CA   C N S 231 
LYS C    C N N 232 
LYS O    O N N 233 
LYS CB   C N N 234 
LYS CG   C N N 235 
LYS CD   C N N 236 
LYS CE   C N N 237 
LYS NZ   N N N 238 
LYS OXT  O N N 239 
LYS H    H N N 240 
LYS H2   H N N 241 
LYS HA   H N N 242 
LYS HB2  H N N 243 
LYS HB3  H N N 244 
LYS HG2  H N N 245 
LYS HG3  H N N 246 
LYS HD2  H N N 247 
LYS HD3  H N N 248 
LYS HE2  H N N 249 
LYS HE3  H N N 250 
LYS HZ1  H N N 251 
LYS HZ2  H N N 252 
LYS HZ3  H N N 253 
LYS HXT  H N N 254 
MET N    N N N 255 
MET CA   C N S 256 
MET C    C N N 257 
MET O    O N N 258 
MET CB   C N N 259 
MET CG   C N N 260 
MET SD   S N N 261 
MET CE   C N N 262 
MET OXT  O N N 263 
MET H    H N N 264 
MET H2   H N N 265 
MET HA   H N N 266 
MET HB2  H N N 267 
MET HB3  H N N 268 
MET HG2  H N N 269 
MET HG3  H N N 270 
MET HE1  H N N 271 
MET HE2  H N N 272 
MET HE3  H N N 273 
MET HXT  H N N 274 
PHE N    N N N 275 
PHE CA   C N S 276 
PHE C    C N N 277 
PHE O    O N N 278 
PHE CB   C N N 279 
PHE CG   C Y N 280 
PHE CD1  C Y N 281 
PHE CD2  C Y N 282 
PHE CE1  C Y N 283 
PHE CE2  C Y N 284 
PHE CZ   C Y N 285 
PHE OXT  O N N 286 
PHE H    H N N 287 
PHE H2   H N N 288 
PHE HA   H N N 289 
PHE HB2  H N N 290 
PHE HB3  H N N 291 
PHE HD1  H N N 292 
PHE HD2  H N N 293 
PHE HE1  H N N 294 
PHE HE2  H N N 295 
PHE HZ   H N N 296 
PHE HXT  H N N 297 
PRO N    N N N 298 
PRO CA   C N S 299 
PRO C    C N N 300 
PRO O    O N N 301 
PRO CB   C N N 302 
PRO CG   C N N 303 
PRO CD   C N N 304 
PRO OXT  O N N 305 
PRO H    H N N 306 
PRO HA   H N N 307 
PRO HB2  H N N 308 
PRO HB3  H N N 309 
PRO HG2  H N N 310 
PRO HG3  H N N 311 
PRO HD2  H N N 312 
PRO HD3  H N N 313 
PRO HXT  H N N 314 
SER N    N N N 315 
SER CA   C N S 316 
SER C    C N N 317 
SER O    O N N 318 
SER CB   C N N 319 
SER OG   O N N 320 
SER OXT  O N N 321 
SER H    H N N 322 
SER H2   H N N 323 
SER HA   H N N 324 
SER HB2  H N N 325 
SER HB3  H N N 326 
SER HG   H N N 327 
SER HXT  H N N 328 
THR N    N N N 329 
THR CA   C N S 330 
THR C    C N N 331 
THR O    O N N 332 
THR CB   C N R 333 
THR OG1  O N N 334 
THR CG2  C N N 335 
THR OXT  O N N 336 
THR H    H N N 337 
THR H2   H N N 338 
THR HA   H N N 339 
THR HB   H N N 340 
THR HG1  H N N 341 
THR HG21 H N N 342 
THR HG22 H N N 343 
THR HG23 H N N 344 
THR HXT  H N N 345 
TRP N    N N N 346 
TRP CA   C N S 347 
TRP C    C N N 348 
TRP O    O N N 349 
TRP CB   C N N 350 
TRP CG   C Y N 351 
TRP CD1  C Y N 352 
TRP CD2  C Y N 353 
TRP NE1  N Y N 354 
TRP CE2  C Y N 355 
TRP CE3  C Y N 356 
TRP CZ2  C Y N 357 
TRP CZ3  C Y N 358 
TRP CH2  C Y N 359 
TRP OXT  O N N 360 
TRP H    H N N 361 
TRP H2   H N N 362 
TRP HA   H N N 363 
TRP HB2  H N N 364 
TRP HB3  H N N 365 
TRP HD1  H N N 366 
TRP HE1  H N N 367 
TRP HE3  H N N 368 
TRP HZ2  H N N 369 
TRP HZ3  H N N 370 
TRP HH2  H N N 371 
TRP HXT  H N N 372 
TYR N    N N N 373 
TYR CA   C N S 374 
TYR C    C N N 375 
TYR O    O N N 376 
TYR CB   C N N 377 
TYR CG   C Y N 378 
TYR CD1  C Y N 379 
TYR CD2  C Y N 380 
TYR CE1  C Y N 381 
TYR CE2  C Y N 382 
TYR CZ   C Y N 383 
TYR OH   O N N 384 
TYR OXT  O N N 385 
TYR H    H N N 386 
TYR H2   H N N 387 
TYR HA   H N N 388 
TYR HB2  H N N 389 
TYR HB3  H N N 390 
TYR HD1  H N N 391 
TYR HD2  H N N 392 
TYR HE1  H N N 393 
TYR HE2  H N N 394 
TYR HH   H N N 395 
TYR HXT  H N N 396 
VAL N    N N N 397 
VAL CA   C N S 398 
VAL C    C N N 399 
VAL O    O N N 400 
VAL CB   C N N 401 
VAL CG1  C N N 402 
VAL CG2  C N N 403 
VAL OXT  O N N 404 
VAL H    H N N 405 
VAL H2   H N N 406 
VAL HA   H N N 407 
VAL HB   H N N 408 
VAL HG11 H N N 409 
VAL HG12 H N N 410 
VAL HG13 H N N 411 
VAL HG21 H N N 412 
VAL HG22 H N N 413 
VAL HG23 H N N 414 
VAL HXT  H N N 415 
# 
loop_
_chem_comp_bond.comp_id 
_chem_comp_bond.atom_id_1 
_chem_comp_bond.atom_id_2 
_chem_comp_bond.value_order 
_chem_comp_bond.pdbx_aromatic_flag 
_chem_comp_bond.pdbx_stereo_config 
_chem_comp_bond.pdbx_ordinal 
ALA N   CA   sing N N 1   
ALA N   H    sing N N 2   
ALA N   H2   sing N N 3   
ALA CA  C    sing N N 4   
ALA CA  CB   sing N N 5   
ALA CA  HA   sing N N 6   
ALA C   O    doub N N 7   
ALA C   OXT  sing N N 8   
ALA CB  HB1  sing N N 9   
ALA CB  HB2  sing N N 10  
ALA CB  HB3  sing N N 11  
ALA OXT HXT  sing N N 12  
ARG N   CA   sing N N 13  
ARG N   H    sing N N 14  
ARG N   H2   sing N N 15  
ARG CA  C    sing N N 16  
ARG CA  CB   sing N N 17  
ARG CA  HA   sing N N 18  
ARG C   O    doub N N 19  
ARG C   OXT  sing N N 20  
ARG CB  CG   sing N N 21  
ARG CB  HB2  sing N N 22  
ARG CB  HB3  sing N N 23  
ARG CG  CD   sing N N 24  
ARG CG  HG2  sing N N 25  
ARG CG  HG3  sing N N 26  
ARG CD  NE   sing N N 27  
ARG CD  HD2  sing N N 28  
ARG CD  HD3  sing N N 29  
ARG NE  CZ   sing N N 30  
ARG NE  HE   sing N N 31  
ARG CZ  NH1  sing N N 32  
ARG CZ  NH2  doub N N 33  
ARG NH1 HH11 sing N N 34  
ARG NH1 HH12 sing N N 35  
ARG NH2 HH21 sing N N 36  
ARG NH2 HH22 sing N N 37  
ARG OXT HXT  sing N N 38  
ASN N   CA   sing N N 39  
ASN N   H    sing N N 40  
ASN N   H2   sing N N 41  
ASN CA  C    sing N N 42  
ASN CA  CB   sing N N 43  
ASN CA  HA   sing N N 44  
ASN C   O    doub N N 45  
ASN C   OXT  sing N N 46  
ASN CB  CG   sing N N 47  
ASN CB  HB2  sing N N 48  
ASN CB  HB3  sing N N 49  
ASN CG  OD1  doub N N 50  
ASN CG  ND2  sing N N 51  
ASN ND2 HD21 sing N N 52  
ASN ND2 HD22 sing N N 53  
ASN OXT HXT  sing N N 54  
ASP N   CA   sing N N 55  
ASP N   H    sing N N 56  
ASP N   H2   sing N N 57  
ASP CA  C    sing N N 58  
ASP CA  CB   sing N N 59  
ASP CA  HA   sing N N 60  
ASP C   O    doub N N 61  
ASP C   OXT  sing N N 62  
ASP CB  CG   sing N N 63  
ASP CB  HB2  sing N N 64  
ASP CB  HB3  sing N N 65  
ASP CG  OD1  doub N N 66  
ASP CG  OD2  sing N N 67  
ASP OD2 HD2  sing N N 68  
ASP OXT HXT  sing N N 69  
GLN N   CA   sing N N 70  
GLN N   H    sing N N 71  
GLN N   H2   sing N N 72  
GLN CA  C    sing N N 73  
GLN CA  CB   sing N N 74  
GLN CA  HA   sing N N 75  
GLN C   O    doub N N 76  
GLN C   OXT  sing N N 77  
GLN CB  CG   sing N N 78  
GLN CB  HB2  sing N N 79  
GLN CB  HB3  sing N N 80  
GLN CG  CD   sing N N 81  
GLN CG  HG2  sing N N 82  
GLN CG  HG3  sing N N 83  
GLN CD  OE1  doub N N 84  
GLN CD  NE2  sing N N 85  
GLN NE2 HE21 sing N N 86  
GLN NE2 HE22 sing N N 87  
GLN OXT HXT  sing N N 88  
GLU N   CA   sing N N 89  
GLU N   H    sing N N 90  
GLU N   H2   sing N N 91  
GLU CA  C    sing N N 92  
GLU CA  CB   sing N N 93  
GLU CA  HA   sing N N 94  
GLU C   O    doub N N 95  
GLU C   OXT  sing N N 96  
GLU CB  CG   sing N N 97  
GLU CB  HB2  sing N N 98  
GLU CB  HB3  sing N N 99  
GLU CG  CD   sing N N 100 
GLU CG  HG2  sing N N 101 
GLU CG  HG3  sing N N 102 
GLU CD  OE1  doub N N 103 
GLU CD  OE2  sing N N 104 
GLU OE2 HE2  sing N N 105 
GLU OXT HXT  sing N N 106 
GLY N   CA   sing N N 107 
GLY N   H    sing N N 108 
GLY N   H2   sing N N 109 
GLY CA  C    sing N N 110 
GLY CA  HA2  sing N N 111 
GLY CA  HA3  sing N N 112 
GLY C   O    doub N N 113 
GLY C   OXT  sing N N 114 
GLY OXT HXT  sing N N 115 
HIS N   CA   sing N N 116 
HIS N   H    sing N N 117 
HIS N   H2   sing N N 118 
HIS CA  C    sing N N 119 
HIS CA  CB   sing N N 120 
HIS CA  HA   sing N N 121 
HIS C   O    doub N N 122 
HIS C   OXT  sing N N 123 
HIS CB  CG   sing N N 124 
HIS CB  HB2  sing N N 125 
HIS CB  HB3  sing N N 126 
HIS CG  ND1  sing Y N 127 
HIS CG  CD2  doub Y N 128 
HIS ND1 CE1  doub Y N 129 
HIS ND1 HD1  sing N N 130 
HIS CD2 NE2  sing Y N 131 
HIS CD2 HD2  sing N N 132 
HIS CE1 NE2  sing Y N 133 
HIS CE1 HE1  sing N N 134 
HIS NE2 HE2  sing N N 135 
HIS OXT HXT  sing N N 136 
HOH O   H1   sing N N 137 
HOH O   H2   sing N N 138 
I3S O11 P3   sing N N 139 
I3S O11 H11  sing N N 140 
I3S P3  O12  sing N N 141 
I3S P3  O10  doub N N 142 
I3S P3  O3   sing N N 143 
I3S O12 H12  sing N N 144 
I3S O3  C3   sing N N 145 
I3S C3  C2   sing N N 146 
I3S C3  C4   sing N N 147 
I3S C3  H3   sing N N 148 
I3S C2  O2   sing N N 149 
I3S C2  C1   sing N N 150 
I3S C2  H2   sing N N 151 
I3S O2  HO2  sing N N 152 
I3S C1  O1   sing N N 153 
I3S C1  C6   sing N N 154 
I3S C1  H1   sing N N 155 
I3S O1  P1   sing N N 156 
I3S P1  OP2  doub N N 157 
I3S P1  OP3  sing N N 158 
I3S P1  OP1  sing N N 159 
I3S OP3 HP3  sing N N 160 
I3S OP1 HP1  sing N N 161 
I3S C6  O6   sing N N 162 
I3S C6  C5   sing N N 163 
I3S C6  H6   sing N N 164 
I3S O6  HO6  sing N N 165 
I3S C5  O5   sing N N 166 
I3S C5  C4   sing N N 167 
I3S C5  H5   sing N N 168 
I3S O5  HO5  sing N N 169 
I3S C4  O4   sing N N 170 
I3S C4  H4   sing N N 171 
I3S O4  P4   sing N N 172 
I3S P4  OP5  sing N N 173 
I3S P4  OP6  sing N N 174 
I3S P4  OP4  doub N N 175 
I3S OP5 HP5  sing N N 176 
I3S OP6 HP6  sing N N 177 
ILE N   CA   sing N N 178 
ILE N   H    sing N N 179 
ILE N   H2   sing N N 180 
ILE CA  C    sing N N 181 
ILE CA  CB   sing N N 182 
ILE CA  HA   sing N N 183 
ILE C   O    doub N N 184 
ILE C   OXT  sing N N 185 
ILE CB  CG1  sing N N 186 
ILE CB  CG2  sing N N 187 
ILE CB  HB   sing N N 188 
ILE CG1 CD1  sing N N 189 
ILE CG1 HG12 sing N N 190 
ILE CG1 HG13 sing N N 191 
ILE CG2 HG21 sing N N 192 
ILE CG2 HG22 sing N N 193 
ILE CG2 HG23 sing N N 194 
ILE CD1 HD11 sing N N 195 
ILE CD1 HD12 sing N N 196 
ILE CD1 HD13 sing N N 197 
ILE OXT HXT  sing N N 198 
LEU N   CA   sing N N 199 
LEU N   H    sing N N 200 
LEU N   H2   sing N N 201 
LEU CA  C    sing N N 202 
LEU CA  CB   sing N N 203 
LEU CA  HA   sing N N 204 
LEU C   O    doub N N 205 
LEU C   OXT  sing N N 206 
LEU CB  CG   sing N N 207 
LEU CB  HB2  sing N N 208 
LEU CB  HB3  sing N N 209 
LEU CG  CD1  sing N N 210 
LEU CG  CD2  sing N N 211 
LEU CG  HG   sing N N 212 
LEU CD1 HD11 sing N N 213 
LEU CD1 HD12 sing N N 214 
LEU CD1 HD13 sing N N 215 
LEU CD2 HD21 sing N N 216 
LEU CD2 HD22 sing N N 217 
LEU CD2 HD23 sing N N 218 
LEU OXT HXT  sing N N 219 
LYS N   CA   sing N N 220 
LYS N   H    sing N N 221 
LYS N   H2   sing N N 222 
LYS CA  C    sing N N 223 
LYS CA  CB   sing N N 224 
LYS CA  HA   sing N N 225 
LYS C   O    doub N N 226 
LYS C   OXT  sing N N 227 
LYS CB  CG   sing N N 228 
LYS CB  HB2  sing N N 229 
LYS CB  HB3  sing N N 230 
LYS CG  CD   sing N N 231 
LYS CG  HG2  sing N N 232 
LYS CG  HG3  sing N N 233 
LYS CD  CE   sing N N 234 
LYS CD  HD2  sing N N 235 
LYS CD  HD3  sing N N 236 
LYS CE  NZ   sing N N 237 
LYS CE  HE2  sing N N 238 
LYS CE  HE3  sing N N 239 
LYS NZ  HZ1  sing N N 240 
LYS NZ  HZ2  sing N N 241 
LYS NZ  HZ3  sing N N 242 
LYS OXT HXT  sing N N 243 
MET N   CA   sing N N 244 
MET N   H    sing N N 245 
MET N   H2   sing N N 246 
MET CA  C    sing N N 247 
MET CA  CB   sing N N 248 
MET CA  HA   sing N N 249 
MET C   O    doub N N 250 
MET C   OXT  sing N N 251 
MET CB  CG   sing N N 252 
MET CB  HB2  sing N N 253 
MET CB  HB3  sing N N 254 
MET CG  SD   sing N N 255 
MET CG  HG2  sing N N 256 
MET CG  HG3  sing N N 257 
MET SD  CE   sing N N 258 
MET CE  HE1  sing N N 259 
MET CE  HE2  sing N N 260 
MET CE  HE3  sing N N 261 
MET OXT HXT  sing N N 262 
PHE N   CA   sing N N 263 
PHE N   H    sing N N 264 
PHE N   H2   sing N N 265 
PHE CA  C    sing N N 266 
PHE CA  CB   sing N N 267 
PHE CA  HA   sing N N 268 
PHE C   O    doub N N 269 
PHE C   OXT  sing N N 270 
PHE CB  CG   sing N N 271 
PHE CB  HB2  sing N N 272 
PHE CB  HB3  sing N N 273 
PHE CG  CD1  doub Y N 274 
PHE CG  CD2  sing Y N 275 
PHE CD1 CE1  sing Y N 276 
PHE CD1 HD1  sing N N 277 
PHE CD2 CE2  doub Y N 278 
PHE CD2 HD2  sing N N 279 
PHE CE1 CZ   doub Y N 280 
PHE CE1 HE1  sing N N 281 
PHE CE2 CZ   sing Y N 282 
PHE CE2 HE2  sing N N 283 
PHE CZ  HZ   sing N N 284 
PHE OXT HXT  sing N N 285 
PRO N   CA   sing N N 286 
PRO N   CD   sing N N 287 
PRO N   H    sing N N 288 
PRO CA  C    sing N N 289 
PRO CA  CB   sing N N 290 
PRO CA  HA   sing N N 291 
PRO C   O    doub N N 292 
PRO C   OXT  sing N N 293 
PRO CB  CG   sing N N 294 
PRO CB  HB2  sing N N 295 
PRO CB  HB3  sing N N 296 
PRO CG  CD   sing N N 297 
PRO CG  HG2  sing N N 298 
PRO CG  HG3  sing N N 299 
PRO CD  HD2  sing N N 300 
PRO CD  HD3  sing N N 301 
PRO OXT HXT  sing N N 302 
SER N   CA   sing N N 303 
SER N   H    sing N N 304 
SER N   H2   sing N N 305 
SER CA  C    sing N N 306 
SER CA  CB   sing N N 307 
SER CA  HA   sing N N 308 
SER C   O    doub N N 309 
SER C   OXT  sing N N 310 
SER CB  OG   sing N N 311 
SER CB  HB2  sing N N 312 
SER CB  HB3  sing N N 313 
SER OG  HG   sing N N 314 
SER OXT HXT  sing N N 315 
THR N   CA   sing N N 316 
THR N   H    sing N N 317 
THR N   H2   sing N N 318 
THR CA  C    sing N N 319 
THR CA  CB   sing N N 320 
THR CA  HA   sing N N 321 
THR C   O    doub N N 322 
THR C   OXT  sing N N 323 
THR CB  OG1  sing N N 324 
THR CB  CG2  sing N N 325 
THR CB  HB   sing N N 326 
THR OG1 HG1  sing N N 327 
THR CG2 HG21 sing N N 328 
THR CG2 HG22 sing N N 329 
THR CG2 HG23 sing N N 330 
THR OXT HXT  sing N N 331 
TRP N   CA   sing N N 332 
TRP N   H    sing N N 333 
TRP N   H2   sing N N 334 
TRP CA  C    sing N N 335 
TRP CA  CB   sing N N 336 
TRP CA  HA   sing N N 337 
TRP C   O    doub N N 338 
TRP C   OXT  sing N N 339 
TRP CB  CG   sing N N 340 
TRP CB  HB2  sing N N 341 
TRP CB  HB3  sing N N 342 
TRP CG  CD1  doub Y N 343 
TRP CG  CD2  sing Y N 344 
TRP CD1 NE1  sing Y N 345 
TRP CD1 HD1  sing N N 346 
TRP CD2 CE2  doub Y N 347 
TRP CD2 CE3  sing Y N 348 
TRP NE1 CE2  sing Y N 349 
TRP NE1 HE1  sing N N 350 
TRP CE2 CZ2  sing Y N 351 
TRP CE3 CZ3  doub Y N 352 
TRP CE3 HE3  sing N N 353 
TRP CZ2 CH2  doub Y N 354 
TRP CZ2 HZ2  sing N N 355 
TRP CZ3 CH2  sing Y N 356 
TRP CZ3 HZ3  sing N N 357 
TRP CH2 HH2  sing N N 358 
TRP OXT HXT  sing N N 359 
TYR N   CA   sing N N 360 
TYR N   H    sing N N 361 
TYR N   H2   sing N N 362 
TYR CA  C    sing N N 363 
TYR CA  CB   sing N N 364 
TYR CA  HA   sing N N 365 
TYR C   O    doub N N 366 
TYR C   OXT  sing N N 367 
TYR CB  CG   sing N N 368 
TYR CB  HB2  sing N N 369 
TYR CB  HB3  sing N N 370 
TYR CG  CD1  doub Y N 371 
TYR CG  CD2  sing Y N 372 
TYR CD1 CE1  sing Y N 373 
TYR CD1 HD1  sing N N 374 
TYR CD2 CE2  doub Y N 375 
TYR CD2 HD2  sing N N 376 
TYR CE1 CZ   doub Y N 377 
TYR CE1 HE1  sing N N 378 
TYR CE2 CZ   sing Y N 379 
TYR CE2 HE2  sing N N 380 
TYR CZ  OH   sing N N 381 
TYR OH  HH   sing N N 382 
TYR OXT HXT  sing N N 383 
VAL N   CA   sing N N 384 
VAL N   H    sing N N 385 
VAL N   H2   sing N N 386 
VAL CA  C    sing N N 387 
VAL CA  CB   sing N N 388 
VAL CA  HA   sing N N 389 
VAL C   O    doub N N 390 
VAL C   OXT  sing N N 391 
VAL CB  CG1  sing N N 392 
VAL CB  CG2  sing N N 393 
VAL CB  HB   sing N N 394 
VAL CG1 HG11 sing N N 395 
VAL CG1 HG12 sing N N 396 
VAL CG1 HG13 sing N N 397 
VAL CG2 HG21 sing N N 398 
VAL CG2 HG22 sing N N 399 
VAL CG2 HG23 sing N N 400 
VAL OXT HXT  sing N N 401 
# 
loop_
_pdbx_entity_nonpoly.entity_id 
_pdbx_entity_nonpoly.name 
_pdbx_entity_nonpoly.comp_id 
2 '(1S,3S,4S)-1,3,4-TRIPHOSPHO-MYO-INOSITOL' I3S 
3 water                                      HOH 
# 
_pdbx_initial_refinement_model.id               1 
_pdbx_initial_refinement_model.entity_id_list   ? 
_pdbx_initial_refinement_model.type             'experimental model' 
_pdbx_initial_refinement_model.source_name      PDB 
_pdbx_initial_refinement_model.accession_code   2P0F 
_pdbx_initial_refinement_model.details          'pdb entry 2P0F' 
# 
